data_7M0Q
# 
_entry.id   7M0Q 
# 
_audit_conform.dict_name       mmcif_pdbx.dic 
_audit_conform.dict_version    5.389 
_audit_conform.dict_location   http://mmcif.pdb.org/dictionaries/ascii/mmcif_pdbx.dic 
# 
loop_
_database_2.database_id 
_database_2.database_code 
_database_2.pdbx_database_accession 
_database_2.pdbx_DOI 
PDB   7M0Q         pdb_00007m0q 10.2210/pdb7m0q/pdb 
WWPDB D_1000255433 ?            ?                   
# 
loop_
_pdbx_audit_revision_history.ordinal 
_pdbx_audit_revision_history.data_content_type 
_pdbx_audit_revision_history.major_revision 
_pdbx_audit_revision_history.minor_revision 
_pdbx_audit_revision_history.revision_date 
1 'Structure model' 1 0 2021-12-29 
2 'Structure model' 1 1 2024-04-03 
# 
_pdbx_audit_revision_details.ordinal             1 
_pdbx_audit_revision_details.revision_ordinal    1 
_pdbx_audit_revision_details.data_content_type   'Structure model' 
_pdbx_audit_revision_details.provider            repository 
_pdbx_audit_revision_details.type                'Initial release' 
_pdbx_audit_revision_details.description         ? 
_pdbx_audit_revision_details.details             ? 
# 
loop_
_pdbx_audit_revision_group.ordinal 
_pdbx_audit_revision_group.revision_ordinal 
_pdbx_audit_revision_group.data_content_type 
_pdbx_audit_revision_group.group 
1 2 'Structure model' 'Data collection'        
2 2 'Structure model' 'Refinement description' 
# 
loop_
_pdbx_audit_revision_category.ordinal 
_pdbx_audit_revision_category.revision_ordinal 
_pdbx_audit_revision_category.data_content_type 
_pdbx_audit_revision_category.category 
1 2 'Structure model' chem_comp_atom                
2 2 'Structure model' chem_comp_bond                
3 2 'Structure model' pdbx_initial_refinement_model 
# 
_pdbx_database_status.status_code                     REL 
_pdbx_database_status.status_code_sf                  REL 
_pdbx_database_status.status_code_mr                  ? 
_pdbx_database_status.entry_id                        7M0Q 
_pdbx_database_status.recvd_initial_deposition_date   2021-03-11 
_pdbx_database_status.SG_entry                        N 
_pdbx_database_status.deposit_site                    RCSB 
_pdbx_database_status.process_site                    RCSB 
_pdbx_database_status.status_code_cs                  ? 
_pdbx_database_status.status_code_nmr_data            ? 
_pdbx_database_status.methods_development_category    ? 
_pdbx_database_status.pdb_format_compatible           Y 
# 
loop_
_audit_author.name 
_audit_author.pdbx_ordinal 
_audit_author.identifier_ORCID 
'Pellock, S.J.'   1 ? 
'Bera, A.K.'      2 ? 
'Anishchenko, I.' 3 ? 
'Baker, D.'       4 ? 
# 
_citation.abstract                  ? 
_citation.abstract_id_CAS           ? 
_citation.book_id_ISBN              ? 
_citation.book_publisher            ? 
_citation.book_publisher_city       ? 
_citation.book_title                ? 
_citation.coordinate_linkage        ? 
_citation.country                   UK 
_citation.database_id_Medline       ? 
_citation.details                   ? 
_citation.id                        primary 
_citation.journal_abbrev            Nature 
_citation.journal_id_ASTM           NATUAS 
_citation.journal_id_CSD            0006 
_citation.journal_id_ISSN           1476-4687 
_citation.journal_full              ? 
_citation.journal_issue             ? 
_citation.journal_volume            600 
_citation.language                  ? 
_citation.page_first                547 
_citation.page_last                 552 
_citation.title                     'De novo protein design by deep network hallucination.' 
_citation.year                      2021 
_citation.database_id_CSD           ? 
_citation.pdbx_database_id_DOI      10.1038/s41586-021-04184-w 
_citation.pdbx_database_id_PubMed   34853475 
_citation.pdbx_database_id_patent   ? 
_citation.unpublished_flag          ? 
# 
loop_
_citation_author.citation_id 
_citation_author.name 
_citation_author.ordinal 
_citation_author.identifier_ORCID 
primary 'Anishchenko, I.'   1  0000-0003-3645-2044 
primary 'Pellock, S.J.'     2  0000-0002-7557-7985 
primary 'Chidyausiku, T.M.' 3  0000-0002-2561-782X 
primary 'Ramelot, T.A.'     4  0000-0002-0335-1573 
primary 'Ovchinnikov, S.'   5  0000-0003-2774-2744 
primary 'Hao, J.'           6  ?                   
primary 'Bafna, K.'         7  0000-0002-1893-1175 
primary 'Norn, C.'          8  0000-0002-1450-4651 
primary 'Kang, A.'          9  ?                   
primary 'Bera, A.K.'        10 0000-0001-9473-2912 
primary 'DiMaio, F.'        11 ?                   
primary 'Carter, L.'        12 ?                   
primary 'Chow, C.M.'        13 0000-0001-5351-6412 
primary 'Montelione, G.T.'  14 0000-0002-9440-3059 
primary 'Baker, D.'         15 0000-0001-7896-6217 
# 
loop_
_entity.id 
_entity.type 
_entity.src_method 
_entity.pdbx_description 
_entity.formula_weight 
_entity.pdbx_number_of_molecules 
_entity.pdbx_ec 
_entity.pdbx_mutation 
_entity.pdbx_fragment 
_entity.details 
1 polymer man 'Network hallucinated protein 0738_mod' 13441.135 2  ? ? ? ? 
2 water   nat water                                   18.015    19 ? ? ? ? 
# 
_entity_poly.entity_id                      1 
_entity_poly.type                           'polypeptide(L)' 
_entity_poly.nstd_linkage                   no 
_entity_poly.nstd_monomer                   no 
_entity_poly.pdbx_seq_one_letter_code       
;MGSSHHHHHHSSGLVPRGSHMNIQVSLQWEDPKKGKVFSHTVNIPPGGTAEQIADNILDMARSLQDEGWDKLTVQVTVNP
GFPKETAMRVAAALKEAFEDRGLRLTSIETSGNSIHLKFRY
;
_entity_poly.pdbx_seq_one_letter_code_can   
;MGSSHHHHHHSSGLVPRGSHMNIQVSLQWEDPKKGKVFSHTVNIPPGGTAEQIADNILDMARSLQDEGWDKLTVQVTVNP
GFPKETAMRVAAALKEAFEDRGLRLTSIETSGNSIHLKFRY
;
_entity_poly.pdbx_strand_id                 A,B 
_entity_poly.pdbx_target_identifier         ? 
# 
_pdbx_entity_nonpoly.entity_id   2 
_pdbx_entity_nonpoly.name        water 
_pdbx_entity_nonpoly.comp_id     HOH 
# 
loop_
_entity_poly_seq.entity_id 
_entity_poly_seq.num 
_entity_poly_seq.mon_id 
_entity_poly_seq.hetero 
1 1   MET n 
1 2   GLY n 
1 3   SER n 
1 4   SER n 
1 5   HIS n 
1 6   HIS n 
1 7   HIS n 
1 8   HIS n 
1 9   HIS n 
1 10  HIS n 
1 11  SER n 
1 12  SER n 
1 13  GLY n 
1 14  LEU n 
1 15  VAL n 
1 16  PRO n 
1 17  ARG n 
1 18  GLY n 
1 19  SER n 
1 20  HIS n 
1 21  MET n 
1 22  ASN n 
1 23  ILE n 
1 24  GLN n 
1 25  VAL n 
1 26  SER n 
1 27  LEU n 
1 28  GLN n 
1 29  TRP n 
1 30  GLU n 
1 31  ASP n 
1 32  PRO n 
1 33  LYS n 
1 34  LYS n 
1 35  GLY n 
1 36  LYS n 
1 37  VAL n 
1 38  PHE n 
1 39  SER n 
1 40  HIS n 
1 41  THR n 
1 42  VAL n 
1 43  ASN n 
1 44  ILE n 
1 45  PRO n 
1 46  PRO n 
1 47  GLY n 
1 48  GLY n 
1 49  THR n 
1 50  ALA n 
1 51  GLU n 
1 52  GLN n 
1 53  ILE n 
1 54  ALA n 
1 55  ASP n 
1 56  ASN n 
1 57  ILE n 
1 58  LEU n 
1 59  ASP n 
1 60  MET n 
1 61  ALA n 
1 62  ARG n 
1 63  SER n 
1 64  LEU n 
1 65  GLN n 
1 66  ASP n 
1 67  GLU n 
1 68  GLY n 
1 69  TRP n 
1 70  ASP n 
1 71  LYS n 
1 72  LEU n 
1 73  THR n 
1 74  VAL n 
1 75  GLN n 
1 76  VAL n 
1 77  THR n 
1 78  VAL n 
1 79  ASN n 
1 80  PRO n 
1 81  GLY n 
1 82  PHE n 
1 83  PRO n 
1 84  LYS n 
1 85  GLU n 
1 86  THR n 
1 87  ALA n 
1 88  MET n 
1 89  ARG n 
1 90  VAL n 
1 91  ALA n 
1 92  ALA n 
1 93  ALA n 
1 94  LEU n 
1 95  LYS n 
1 96  GLU n 
1 97  ALA n 
1 98  PHE n 
1 99  GLU n 
1 100 ASP n 
1 101 ARG n 
1 102 GLY n 
1 103 LEU n 
1 104 ARG n 
1 105 LEU n 
1 106 THR n 
1 107 SER n 
1 108 ILE n 
1 109 GLU n 
1 110 THR n 
1 111 SER n 
1 112 GLY n 
1 113 ASN n 
1 114 SER n 
1 115 ILE n 
1 116 HIS n 
1 117 LEU n 
1 118 LYS n 
1 119 PHE n 
1 120 ARG n 
1 121 TYR n 
# 
_entity_src_gen.entity_id                          1 
_entity_src_gen.pdbx_src_id                        1 
_entity_src_gen.pdbx_alt_source_flag               sample 
_entity_src_gen.pdbx_seq_type                      'Biological sequence' 
_entity_src_gen.pdbx_beg_seq_num                   1 
_entity_src_gen.pdbx_end_seq_num                   121 
_entity_src_gen.gene_src_common_name               ? 
_entity_src_gen.gene_src_genus                     ? 
_entity_src_gen.pdbx_gene_src_gene                 ? 
_entity_src_gen.gene_src_species                   ? 
_entity_src_gen.gene_src_strain                    ? 
_entity_src_gen.gene_src_tissue                    ? 
_entity_src_gen.gene_src_tissue_fraction           ? 
_entity_src_gen.gene_src_details                   ? 
_entity_src_gen.pdbx_gene_src_fragment             ? 
_entity_src_gen.pdbx_gene_src_scientific_name      'synthetic construct' 
_entity_src_gen.pdbx_gene_src_ncbi_taxonomy_id     32630 
_entity_src_gen.pdbx_gene_src_variant              ? 
_entity_src_gen.pdbx_gene_src_cell_line            ? 
_entity_src_gen.pdbx_gene_src_atcc                 ? 
_entity_src_gen.pdbx_gene_src_organ                ? 
_entity_src_gen.pdbx_gene_src_organelle            ? 
_entity_src_gen.pdbx_gene_src_cell                 ? 
_entity_src_gen.pdbx_gene_src_cellular_location    ? 
_entity_src_gen.host_org_common_name               ? 
_entity_src_gen.pdbx_host_org_scientific_name      'Escherichia coli' 
_entity_src_gen.pdbx_host_org_ncbi_taxonomy_id     562 
_entity_src_gen.host_org_genus                     ? 
_entity_src_gen.pdbx_host_org_gene                 ? 
_entity_src_gen.pdbx_host_org_organ                ? 
_entity_src_gen.host_org_species                   ? 
_entity_src_gen.pdbx_host_org_tissue               ? 
_entity_src_gen.pdbx_host_org_tissue_fraction      ? 
_entity_src_gen.pdbx_host_org_strain               ? 
_entity_src_gen.pdbx_host_org_variant              ? 
_entity_src_gen.pdbx_host_org_cell_line            ? 
_entity_src_gen.pdbx_host_org_atcc                 ? 
_entity_src_gen.pdbx_host_org_culture_collection   ? 
_entity_src_gen.pdbx_host_org_cell                 ? 
_entity_src_gen.pdbx_host_org_organelle            ? 
_entity_src_gen.pdbx_host_org_cellular_location    ? 
_entity_src_gen.pdbx_host_org_vector_type          ? 
_entity_src_gen.pdbx_host_org_vector               ? 
_entity_src_gen.host_org_details                   ? 
_entity_src_gen.expression_system_id               ? 
_entity_src_gen.plasmid_name                       ? 
_entity_src_gen.plasmid_details                    ? 
_entity_src_gen.pdbx_description                   ? 
# 
loop_
_chem_comp.id 
_chem_comp.type 
_chem_comp.mon_nstd_flag 
_chem_comp.name 
_chem_comp.pdbx_synonyms 
_chem_comp.formula 
_chem_comp.formula_weight 
ALA 'L-peptide linking' y ALANINE         ? 'C3 H7 N O2'     89.093  
ARG 'L-peptide linking' y ARGININE        ? 'C6 H15 N4 O2 1' 175.209 
ASN 'L-peptide linking' y ASPARAGINE      ? 'C4 H8 N2 O3'    132.118 
ASP 'L-peptide linking' y 'ASPARTIC ACID' ? 'C4 H7 N O4'     133.103 
GLN 'L-peptide linking' y GLUTAMINE       ? 'C5 H10 N2 O3'   146.144 
GLU 'L-peptide linking' y 'GLUTAMIC ACID' ? 'C5 H9 N O4'     147.129 
GLY 'peptide linking'   y GLYCINE         ? 'C2 H5 N O2'     75.067  
HIS 'L-peptide linking' y HISTIDINE       ? 'C6 H10 N3 O2 1' 156.162 
HOH non-polymer         . WATER           ? 'H2 O'           18.015  
ILE 'L-peptide linking' y ISOLEUCINE      ? 'C6 H13 N O2'    131.173 
LEU 'L-peptide linking' y LEUCINE         ? 'C6 H13 N O2'    131.173 
LYS 'L-peptide linking' y LYSINE          ? 'C6 H15 N2 O2 1' 147.195 
MET 'L-peptide linking' y METHIONINE      ? 'C5 H11 N O2 S'  149.211 
PHE 'L-peptide linking' y PHENYLALANINE   ? 'C9 H11 N O2'    165.189 
PRO 'L-peptide linking' y PROLINE         ? 'C5 H9 N O2'     115.130 
SER 'L-peptide linking' y SERINE          ? 'C3 H7 N O3'     105.093 
THR 'L-peptide linking' y THREONINE       ? 'C4 H9 N O3'     119.119 
TRP 'L-peptide linking' y TRYPTOPHAN      ? 'C11 H12 N2 O2'  204.225 
TYR 'L-peptide linking' y TYROSINE        ? 'C9 H11 N O3'    181.189 
VAL 'L-peptide linking' y VALINE          ? 'C5 H11 N O2'    117.146 
# 
loop_
_pdbx_poly_seq_scheme.asym_id 
_pdbx_poly_seq_scheme.entity_id 
_pdbx_poly_seq_scheme.seq_id 
_pdbx_poly_seq_scheme.mon_id 
_pdbx_poly_seq_scheme.ndb_seq_num 
_pdbx_poly_seq_scheme.pdb_seq_num 
_pdbx_poly_seq_scheme.auth_seq_num 
_pdbx_poly_seq_scheme.pdb_mon_id 
_pdbx_poly_seq_scheme.auth_mon_id 
_pdbx_poly_seq_scheme.pdb_strand_id 
_pdbx_poly_seq_scheme.pdb_ins_code 
_pdbx_poly_seq_scheme.hetero 
A 1 1   MET 1   -16 ?   ?   ?   A . n 
A 1 2   GLY 2   -15 ?   ?   ?   A . n 
A 1 3   SER 3   -14 ?   ?   ?   A . n 
A 1 4   SER 4   -13 ?   ?   ?   A . n 
A 1 5   HIS 5   -12 ?   ?   ?   A . n 
A 1 6   HIS 6   -11 ?   ?   ?   A . n 
A 1 7   HIS 7   -10 ?   ?   ?   A . n 
A 1 8   HIS 8   -9  ?   ?   ?   A . n 
A 1 9   HIS 9   -8  ?   ?   ?   A . n 
A 1 10  HIS 10  -7  ?   ?   ?   A . n 
A 1 11  SER 11  -6  ?   ?   ?   A . n 
A 1 12  SER 12  -5  ?   ?   ?   A . n 
A 1 13  GLY 13  -4  ?   ?   ?   A . n 
A 1 14  LEU 14  -3  ?   ?   ?   A . n 
A 1 15  VAL 15  -2  ?   ?   ?   A . n 
A 1 16  PRO 16  -1  ?   ?   ?   A . n 
A 1 17  ARG 17  0   ?   ?   ?   A . n 
A 1 18  GLY 18  1   ?   ?   ?   A . n 
A 1 19  SER 19  2   2   SER SER A . n 
A 1 20  HIS 20  3   3   HIS HIS A . n 
A 1 21  MET 21  4   4   MET MET A . n 
A 1 22  ASN 22  5   5   ASN ASN A . n 
A 1 23  ILE 23  6   6   ILE ILE A . n 
A 1 24  GLN 24  7   7   GLN GLN A . n 
A 1 25  VAL 25  8   8   VAL VAL A . n 
A 1 26  SER 26  9   9   SER SER A . n 
A 1 27  LEU 27  10  10  LEU LEU A . n 
A 1 28  GLN 28  11  11  GLN GLN A . n 
A 1 29  TRP 29  12  12  TRP TRP A . n 
A 1 30  GLU 30  13  ?   ?   ?   A . n 
A 1 31  ASP 31  14  ?   ?   ?   A . n 
A 1 32  PRO 32  15  ?   ?   ?   A . n 
A 1 33  LYS 33  16  ?   ?   ?   A . n 
A 1 34  LYS 34  17  ?   ?   ?   A . n 
A 1 35  GLY 35  18  ?   ?   ?   A . n 
A 1 36  LYS 36  19  ?   ?   ?   A . n 
A 1 37  VAL 37  20  20  VAL VAL A . n 
A 1 38  PHE 38  21  21  PHE PHE A . n 
A 1 39  SER 39  22  22  SER SER A . n 
A 1 40  HIS 40  23  23  HIS HIS A . n 
A 1 41  THR 41  24  24  THR THR A . n 
A 1 42  VAL 42  25  25  VAL VAL A . n 
A 1 43  ASN 43  26  26  ASN ASN A . n 
A 1 44  ILE 44  27  27  ILE ILE A . n 
A 1 45  PRO 45  28  28  PRO PRO A . n 
A 1 46  PRO 46  29  29  PRO PRO A . n 
A 1 47  GLY 47  30  30  GLY GLY A . n 
A 1 48  GLY 48  31  31  GLY GLY A . n 
A 1 49  THR 49  32  32  THR THR A . n 
A 1 50  ALA 50  33  33  ALA ALA A . n 
A 1 51  GLU 51  34  34  GLU GLU A . n 
A 1 52  GLN 52  35  35  GLN GLN A . n 
A 1 53  ILE 53  36  36  ILE ILE A . n 
A 1 54  ALA 54  37  37  ALA ALA A . n 
A 1 55  ASP 55  38  38  ASP ASP A . n 
A 1 56  ASN 56  39  39  ASN ASN A . n 
A 1 57  ILE 57  40  40  ILE ILE A . n 
A 1 58  LEU 58  41  41  LEU LEU A . n 
A 1 59  ASP 59  42  42  ASP ASP A . n 
A 1 60  MET 60  43  43  MET MET A . n 
A 1 61  ALA 61  44  44  ALA ALA A . n 
A 1 62  ARG 62  45  45  ARG ARG A . n 
A 1 63  SER 63  46  46  SER SER A . n 
A 1 64  LEU 64  47  47  LEU LEU A . n 
A 1 65  GLN 65  48  48  GLN GLN A . n 
A 1 66  ASP 66  49  49  ASP ASP A . n 
A 1 67  GLU 67  50  50  GLU GLU A . n 
A 1 68  GLY 68  51  51  GLY GLY A . n 
A 1 69  TRP 69  52  52  TRP TRP A . n 
A 1 70  ASP 70  53  53  ASP ASP A . n 
A 1 71  LYS 71  54  54  LYS LYS A . n 
A 1 72  LEU 72  55  55  LEU LEU A . n 
A 1 73  THR 73  56  56  THR THR A . n 
A 1 74  VAL 74  57  57  VAL VAL A . n 
A 1 75  GLN 75  58  58  GLN GLN A . n 
A 1 76  VAL 76  59  59  VAL VAL A . n 
A 1 77  THR 77  60  60  THR THR A . n 
A 1 78  VAL 78  61  61  VAL VAL A . n 
A 1 79  ASN 79  62  62  ASN ASN A . n 
A 1 80  PRO 80  63  63  PRO PRO A . n 
A 1 81  GLY 81  64  64  GLY GLY A . n 
A 1 82  PHE 82  65  65  PHE PHE A . n 
A 1 83  PRO 83  66  66  PRO PRO A . n 
A 1 84  LYS 84  67  67  LYS LYS A . n 
A 1 85  GLU 85  68  68  GLU GLU A . n 
A 1 86  THR 86  69  69  THR THR A . n 
A 1 87  ALA 87  70  70  ALA ALA A . n 
A 1 88  MET 88  71  71  MET MET A . n 
A 1 89  ARG 89  72  72  ARG ARG A . n 
A 1 90  VAL 90  73  73  VAL VAL A . n 
A 1 91  ALA 91  74  74  ALA ALA A . n 
A 1 92  ALA 92  75  75  ALA ALA A . n 
A 1 93  ALA 93  76  76  ALA ALA A . n 
A 1 94  LEU 94  77  77  LEU LEU A . n 
A 1 95  LYS 95  78  78  LYS LYS A . n 
A 1 96  GLU 96  79  79  GLU GLU A . n 
A 1 97  ALA 97  80  80  ALA ALA A . n 
A 1 98  PHE 98  81  81  PHE PHE A . n 
A 1 99  GLU 99  82  82  GLU GLU A . n 
A 1 100 ASP 100 83  83  ASP ASP A . n 
A 1 101 ARG 101 84  84  ARG ARG A . n 
A 1 102 GLY 102 85  85  GLY GLY A . n 
A 1 103 LEU 103 86  86  LEU LEU A . n 
A 1 104 ARG 104 87  87  ARG ARG A . n 
A 1 105 LEU 105 88  88  LEU LEU A . n 
A 1 106 THR 106 89  89  THR THR A . n 
A 1 107 SER 107 90  90  SER SER A . n 
A 1 108 ILE 108 91  91  ILE ILE A . n 
A 1 109 GLU 109 92  92  GLU GLU A . n 
A 1 110 THR 110 93  93  THR THR A . n 
A 1 111 SER 111 94  94  SER SER A . n 
A 1 112 GLY 112 95  95  GLY GLY A . n 
A 1 113 ASN 113 96  96  ASN ASN A . n 
A 1 114 SER 114 97  97  SER SER A . n 
A 1 115 ILE 115 98  98  ILE ILE A . n 
A 1 116 HIS 116 99  99  HIS HIS A . n 
A 1 117 LEU 117 100 100 LEU LEU A . n 
A 1 118 LYS 118 101 101 LYS LYS A . n 
A 1 119 PHE 119 102 102 PHE PHE A . n 
A 1 120 ARG 120 103 103 ARG ARG A . n 
A 1 121 TYR 121 104 104 TYR TYR A . n 
B 1 1   MET 1   -16 ?   ?   ?   B . n 
B 1 2   GLY 2   -15 ?   ?   ?   B . n 
B 1 3   SER 3   -14 ?   ?   ?   B . n 
B 1 4   SER 4   -13 ?   ?   ?   B . n 
B 1 5   HIS 5   -12 ?   ?   ?   B . n 
B 1 6   HIS 6   -11 ?   ?   ?   B . n 
B 1 7   HIS 7   -10 ?   ?   ?   B . n 
B 1 8   HIS 8   -9  ?   ?   ?   B . n 
B 1 9   HIS 9   -8  ?   ?   ?   B . n 
B 1 10  HIS 10  -7  ?   ?   ?   B . n 
B 1 11  SER 11  -6  ?   ?   ?   B . n 
B 1 12  SER 12  -5  ?   ?   ?   B . n 
B 1 13  GLY 13  -4  ?   ?   ?   B . n 
B 1 14  LEU 14  -3  ?   ?   ?   B . n 
B 1 15  VAL 15  -2  ?   ?   ?   B . n 
B 1 16  PRO 16  -1  ?   ?   ?   B . n 
B 1 17  ARG 17  0   ?   ?   ?   B . n 
B 1 18  GLY 18  1   ?   ?   ?   B . n 
B 1 19  SER 19  2   ?   ?   ?   B . n 
B 1 20  HIS 20  3   ?   ?   ?   B . n 
B 1 21  MET 21  4   4   MET MET B . n 
B 1 22  ASN 22  5   5   ASN ASN B . n 
B 1 23  ILE 23  6   6   ILE ILE B . n 
B 1 24  GLN 24  7   7   GLN GLN B . n 
B 1 25  VAL 25  8   8   VAL VAL B . n 
B 1 26  SER 26  9   9   SER SER B . n 
B 1 27  LEU 27  10  10  LEU LEU B . n 
B 1 28  GLN 28  11  11  GLN GLN B . n 
B 1 29  TRP 29  12  12  TRP TRP B . n 
B 1 30  GLU 30  13  13  GLU GLU B . n 
B 1 31  ASP 31  14  14  ASP ASP B . n 
B 1 32  PRO 32  15  ?   ?   ?   B . n 
B 1 33  LYS 33  16  ?   ?   ?   B . n 
B 1 34  LYS 34  17  ?   ?   ?   B . n 
B 1 35  GLY 35  18  ?   ?   ?   B . n 
B 1 36  LYS 36  19  19  LYS LYS B . n 
B 1 37  VAL 37  20  20  VAL VAL B . n 
B 1 38  PHE 38  21  21  PHE PHE B . n 
B 1 39  SER 39  22  22  SER SER B . n 
B 1 40  HIS 40  23  23  HIS HIS B . n 
B 1 41  THR 41  24  24  THR THR B . n 
B 1 42  VAL 42  25  25  VAL VAL B . n 
B 1 43  ASN 43  26  26  ASN ASN B . n 
B 1 44  ILE 44  27  27  ILE ILE B . n 
B 1 45  PRO 45  28  28  PRO PRO B . n 
B 1 46  PRO 46  29  29  PRO PRO B . n 
B 1 47  GLY 47  30  30  GLY GLY B . n 
B 1 48  GLY 48  31  31  GLY GLY B . n 
B 1 49  THR 49  32  32  THR THR B . n 
B 1 50  ALA 50  33  33  ALA ALA B . n 
B 1 51  GLU 51  34  34  GLU GLU B . n 
B 1 52  GLN 52  35  35  GLN GLN B . n 
B 1 53  ILE 53  36  36  ILE ILE B . n 
B 1 54  ALA 54  37  37  ALA ALA B . n 
B 1 55  ASP 55  38  38  ASP ASP B . n 
B 1 56  ASN 56  39  39  ASN ASN B . n 
B 1 57  ILE 57  40  40  ILE ILE B . n 
B 1 58  LEU 58  41  41  LEU LEU B . n 
B 1 59  ASP 59  42  42  ASP ASP B . n 
B 1 60  MET 60  43  43  MET MET B . n 
B 1 61  ALA 61  44  44  ALA ALA B . n 
B 1 62  ARG 62  45  45  ARG ARG B . n 
B 1 63  SER 63  46  46  SER SER B . n 
B 1 64  LEU 64  47  47  LEU LEU B . n 
B 1 65  GLN 65  48  48  GLN GLN B . n 
B 1 66  ASP 66  49  49  ASP ASP B . n 
B 1 67  GLU 67  50  50  GLU GLU B . n 
B 1 68  GLY 68  51  51  GLY GLY B . n 
B 1 69  TRP 69  52  52  TRP TRP B . n 
B 1 70  ASP 70  53  53  ASP ASP B . n 
B 1 71  LYS 71  54  54  LYS LYS B . n 
B 1 72  LEU 72  55  55  LEU LEU B . n 
B 1 73  THR 73  56  56  THR THR B . n 
B 1 74  VAL 74  57  57  VAL VAL B . n 
B 1 75  GLN 75  58  58  GLN GLN B . n 
B 1 76  VAL 76  59  59  VAL VAL B . n 
B 1 77  THR 77  60  60  THR THR B . n 
B 1 78  VAL 78  61  61  VAL VAL B . n 
B 1 79  ASN 79  62  62  ASN ASN B . n 
B 1 80  PRO 80  63  63  PRO PRO B . n 
B 1 81  GLY 81  64  64  GLY GLY B . n 
B 1 82  PHE 82  65  65  PHE PHE B . n 
B 1 83  PRO 83  66  66  PRO PRO B . n 
B 1 84  LYS 84  67  67  LYS LYS B . n 
B 1 85  GLU 85  68  68  GLU GLU B . n 
B 1 86  THR 86  69  69  THR THR B . n 
B 1 87  ALA 87  70  70  ALA ALA B . n 
B 1 88  MET 88  71  71  MET MET B . n 
B 1 89  ARG 89  72  72  ARG ARG B . n 
B 1 90  VAL 90  73  73  VAL VAL B . n 
B 1 91  ALA 91  74  74  ALA ALA B . n 
B 1 92  ALA 92  75  75  ALA ALA B . n 
B 1 93  ALA 93  76  76  ALA ALA B . n 
B 1 94  LEU 94  77  77  LEU LEU B . n 
B 1 95  LYS 95  78  78  LYS LYS B . n 
B 1 96  GLU 96  79  79  GLU GLU B . n 
B 1 97  ALA 97  80  80  ALA ALA B . n 
B 1 98  PHE 98  81  81  PHE PHE B . n 
B 1 99  GLU 99  82  82  GLU GLU B . n 
B 1 100 ASP 100 83  83  ASP ASP B . n 
B 1 101 ARG 101 84  84  ARG ARG B . n 
B 1 102 GLY 102 85  85  GLY GLY B . n 
B 1 103 LEU 103 86  86  LEU LEU B . n 
B 1 104 ARG 104 87  87  ARG ARG B . n 
B 1 105 LEU 105 88  88  LEU LEU B . n 
B 1 106 THR 106 89  89  THR THR B . n 
B 1 107 SER 107 90  90  SER SER B . n 
B 1 108 ILE 108 91  91  ILE ILE B . n 
B 1 109 GLU 109 92  92  GLU GLU B . n 
B 1 110 THR 110 93  93  THR THR B . n 
B 1 111 SER 111 94  94  SER SER B . n 
B 1 112 GLY 112 95  95  GLY GLY B . n 
B 1 113 ASN 113 96  96  ASN ASN B . n 
B 1 114 SER 114 97  97  SER SER B . n 
B 1 115 ILE 115 98  98  ILE ILE B . n 
B 1 116 HIS 116 99  99  HIS HIS B . n 
B 1 117 LEU 117 100 100 LEU LEU B . n 
B 1 118 LYS 118 101 101 LYS LYS B . n 
B 1 119 PHE 119 102 102 PHE PHE B . n 
B 1 120 ARG 120 103 103 ARG ARG B . n 
B 1 121 TYR 121 104 104 TYR TYR B . n 
# 
loop_
_pdbx_nonpoly_scheme.asym_id 
_pdbx_nonpoly_scheme.entity_id 
_pdbx_nonpoly_scheme.mon_id 
_pdbx_nonpoly_scheme.ndb_seq_num 
_pdbx_nonpoly_scheme.pdb_seq_num 
_pdbx_nonpoly_scheme.auth_seq_num 
_pdbx_nonpoly_scheme.pdb_mon_id 
_pdbx_nonpoly_scheme.auth_mon_id 
_pdbx_nonpoly_scheme.pdb_strand_id 
_pdbx_nonpoly_scheme.pdb_ins_code 
C 2 HOH 1  201 2  HOH HOH A . 
C 2 HOH 2  202 1  HOH HOH A . 
C 2 HOH 3  203 5  HOH HOH A . 
C 2 HOH 4  204 7  HOH HOH A . 
C 2 HOH 5  205 6  HOH HOH A . 
C 2 HOH 6  206 16 HOH HOH A . 
C 2 HOH 7  207 9  HOH HOH A . 
C 2 HOH 8  208 13 HOH HOH A . 
C 2 HOH 9  209 17 HOH HOH A . 
C 2 HOH 10 210 12 HOH HOH A . 
C 2 HOH 11 211 18 HOH HOH A . 
C 2 HOH 12 212 15 HOH HOH A . 
C 2 HOH 13 213 14 HOH HOH A . 
D 2 HOH 1  201 11 HOH HOH B . 
D 2 HOH 2  202 3  HOH HOH B . 
D 2 HOH 3  203 8  HOH HOH B . 
D 2 HOH 4  204 4  HOH HOH B . 
D 2 HOH 5  205 10 HOH HOH B . 
D 2 HOH 6  206 20 HOH HOH B . 
# 
loop_
_pdbx_unobs_or_zero_occ_atoms.id 
_pdbx_unobs_or_zero_occ_atoms.PDB_model_num 
_pdbx_unobs_or_zero_occ_atoms.polymer_flag 
_pdbx_unobs_or_zero_occ_atoms.occupancy_flag 
_pdbx_unobs_or_zero_occ_atoms.auth_asym_id 
_pdbx_unobs_or_zero_occ_atoms.auth_comp_id 
_pdbx_unobs_or_zero_occ_atoms.auth_seq_id 
_pdbx_unobs_or_zero_occ_atoms.PDB_ins_code 
_pdbx_unobs_or_zero_occ_atoms.auth_atom_id 
_pdbx_unobs_or_zero_occ_atoms.label_alt_id 
_pdbx_unobs_or_zero_occ_atoms.label_asym_id 
_pdbx_unobs_or_zero_occ_atoms.label_comp_id 
_pdbx_unobs_or_zero_occ_atoms.label_seq_id 
_pdbx_unobs_or_zero_occ_atoms.label_atom_id 
1  1 Y 1 A LEU 47 ? CG  ? A LEU 64 CG  
2  1 Y 1 A LEU 47 ? CD1 ? A LEU 64 CD1 
3  1 Y 1 A LEU 47 ? CD2 ? A LEU 64 CD2 
4  1 Y 1 A GLN 48 ? CG  ? A GLN 65 CG  
5  1 Y 1 A GLN 48 ? CD  ? A GLN 65 CD  
6  1 Y 1 A GLN 48 ? OE1 ? A GLN 65 OE1 
7  1 Y 1 A GLN 48 ? NE2 ? A GLN 65 NE2 
8  1 Y 1 A ASP 49 ? CG  ? A ASP 66 CG  
9  1 Y 1 A ASP 49 ? OD1 ? A ASP 66 OD1 
10 1 Y 1 A ASP 49 ? OD2 ? A ASP 66 OD2 
11 1 Y 1 A GLU 50 ? CG  ? A GLU 67 CG  
12 1 Y 1 A GLU 50 ? CD  ? A GLU 67 CD  
13 1 Y 1 A GLU 50 ? OE1 ? A GLU 67 OE1 
14 1 Y 1 A GLU 50 ? OE2 ? A GLU 67 OE2 
15 1 Y 1 A TRP 52 ? CG  ? A TRP 69 CG  
16 1 Y 1 A TRP 52 ? CD1 ? A TRP 69 CD1 
17 1 Y 1 A TRP 52 ? CD2 ? A TRP 69 CD2 
18 1 Y 1 A TRP 52 ? NE1 ? A TRP 69 NE1 
19 1 Y 1 A TRP 52 ? CE2 ? A TRP 69 CE2 
20 1 Y 1 A TRP 52 ? CE3 ? A TRP 69 CE3 
21 1 Y 1 A TRP 52 ? CZ2 ? A TRP 69 CZ2 
22 1 Y 1 A TRP 52 ? CZ3 ? A TRP 69 CZ3 
23 1 Y 1 A TRP 52 ? CH2 ? A TRP 69 CH2 
24 1 Y 1 A ASP 53 ? CG  ? A ASP 70 CG  
25 1 Y 1 A ASP 53 ? OD1 ? A ASP 70 OD1 
26 1 Y 1 A ASP 53 ? OD2 ? A ASP 70 OD2 
27 1 Y 1 B GLU 50 ? CG  ? B GLU 67 CG  
28 1 Y 1 B GLU 50 ? CD  ? B GLU 67 CD  
29 1 Y 1 B GLU 50 ? OE1 ? B GLU 67 OE1 
30 1 Y 1 B GLU 50 ? OE2 ? B GLU 67 OE2 
31 1 Y 1 B ASP 53 ? CG  ? B ASP 70 CG  
32 1 Y 1 B ASP 53 ? OD1 ? B ASP 70 OD1 
33 1 Y 1 B ASP 53 ? OD2 ? B ASP 70 OD2 
34 1 Y 1 B PHE 65 ? CG  ? B PHE 82 CG  
35 1 Y 1 B PHE 65 ? CD1 ? B PHE 82 CD1 
36 1 Y 1 B PHE 65 ? CD2 ? B PHE 82 CD2 
37 1 Y 1 B PHE 65 ? CE1 ? B PHE 82 CE1 
38 1 Y 1 B PHE 65 ? CE2 ? B PHE 82 CE2 
39 1 Y 1 B PHE 65 ? CZ  ? B PHE 82 CZ  
# 
loop_
_software.citation_id 
_software.classification 
_software.compiler_name 
_software.compiler_version 
_software.contact_author 
_software.contact_author_email 
_software.date 
_software.description 
_software.dependencies 
_software.hardware 
_software.language 
_software.location 
_software.mods 
_software.name 
_software.os 
_software.os_version 
_software.type 
_software.version 
_software.pdbx_ordinal 
? refinement        ? ? ? ? ? ? ? ? ? ? ? PHENIX    ? ? ? 1.19.1_4122 1 
? 'data collection' ? ? ? ? ? ? ? ? ? ? ? ADSC      ? ? ? .           2 
? 'data processing' ? ? ? ? ? ? ? ? ? ? ? autoPROC  ? ? ? .           3 
? 'data scaling'    ? ? ? ? ? ? ? ? ? ? ? SCALEPACK ? ? ? .           4 
? phasing           ? ? ? ? ? ? ? ? ? ? ? PHASER    ? ? ? .           5 
? 'data reduction'  ? ? ? ? ? ? ? ? ? ? ? HKL-2000  ? ? ? .           6 
# 
_cell.angle_alpha                  90.000 
_cell.angle_alpha_esd              ? 
_cell.angle_beta                   90.000 
_cell.angle_beta_esd               ? 
_cell.angle_gamma                  120.000 
_cell.angle_gamma_esd              ? 
_cell.entry_id                     7M0Q 
_cell.details                      ? 
_cell.formula_units_Z              ? 
_cell.length_a                     46.291 
_cell.length_a_esd                 ? 
_cell.length_b                     46.291 
_cell.length_b_esd                 ? 
_cell.length_c                     82.492 
_cell.length_c_esd                 ? 
_cell.volume                       153086.040 
_cell.volume_esd                   ? 
_cell.Z_PDB                        6 
_cell.reciprocal_angle_alpha       ? 
_cell.reciprocal_angle_beta        ? 
_cell.reciprocal_angle_gamma       ? 
_cell.reciprocal_angle_alpha_esd   ? 
_cell.reciprocal_angle_beta_esd    ? 
_cell.reciprocal_angle_gamma_esd   ? 
_cell.reciprocal_length_a          ? 
_cell.reciprocal_length_b          ? 
_cell.reciprocal_length_c          ? 
_cell.reciprocal_length_a_esd      ? 
_cell.reciprocal_length_b_esd      ? 
_cell.reciprocal_length_c_esd      ? 
_cell.pdbx_unique_axis             ? 
# 
_symmetry.entry_id                         7M0Q 
_symmetry.cell_setting                     ? 
_symmetry.Int_Tables_number                144 
_symmetry.space_group_name_Hall            'P 31' 
_symmetry.space_group_name_H-M             'P 31' 
_symmetry.pdbx_full_space_group_name_H-M   ? 
# 
_exptl.absorpt_coefficient_mu     ? 
_exptl.absorpt_correction_T_max   ? 
_exptl.absorpt_correction_T_min   ? 
_exptl.absorpt_correction_type    ? 
_exptl.absorpt_process_details    ? 
_exptl.entry_id                   7M0Q 
_exptl.crystals_number            1 
_exptl.details                    ? 
_exptl.method                     'X-RAY DIFFRACTION' 
_exptl.method_details             ? 
# 
_exptl_crystal.colour                      ? 
_exptl_crystal.density_diffrn              ? 
_exptl_crystal.density_Matthews            1.91 
_exptl_crystal.density_method              ? 
_exptl_crystal.density_percent_sol         35.45 
_exptl_crystal.description                 ? 
_exptl_crystal.F_000                       ? 
_exptl_crystal.id                          1 
_exptl_crystal.preparation                 ? 
_exptl_crystal.size_max                    ? 
_exptl_crystal.size_mid                    ? 
_exptl_crystal.size_min                    ? 
_exptl_crystal.size_rad                    ? 
_exptl_crystal.colour_lustre               ? 
_exptl_crystal.colour_modifier             ? 
_exptl_crystal.colour_primary              ? 
_exptl_crystal.density_meas                ? 
_exptl_crystal.density_meas_esd            ? 
_exptl_crystal.density_meas_gt             ? 
_exptl_crystal.density_meas_lt             ? 
_exptl_crystal.density_meas_temp           ? 
_exptl_crystal.density_meas_temp_esd       ? 
_exptl_crystal.density_meas_temp_gt        ? 
_exptl_crystal.density_meas_temp_lt        ? 
_exptl_crystal.pdbx_crystal_image_url      ? 
_exptl_crystal.pdbx_crystal_image_format   ? 
_exptl_crystal.pdbx_mosaicity              ? 
_exptl_crystal.pdbx_mosaicity_esd          ? 
# 
_exptl_crystal_grow.apparatus       ? 
_exptl_crystal_grow.atmosphere      ? 
_exptl_crystal_grow.crystal_id      1 
_exptl_crystal_grow.details         ? 
_exptl_crystal_grow.method          'VAPOR DIFFUSION, SITTING DROP' 
_exptl_crystal_grow.method_ref      ? 
_exptl_crystal_grow.pH              7.4 
_exptl_crystal_grow.pressure        ? 
_exptl_crystal_grow.pressure_esd    ? 
_exptl_crystal_grow.seeding         ? 
_exptl_crystal_grow.seeding_ref     ? 
_exptl_crystal_grow.temp            293.15 
_exptl_crystal_grow.temp_details    ? 
_exptl_crystal_grow.temp_esd        ? 
_exptl_crystal_grow.time            ? 
_exptl_crystal_grow.pdbx_details    
;Protein concentration: 3.7 mg/mL
Sample buffer:20 mM HEPES, 50 mM NaCl, pH 7.4
Crystallants: 40% v/v pentaerythritol propoxylate (5/4 PO/OH), 15% v/v ethanol
;
_exptl_crystal_grow.pdbx_pH_range   ? 
# 
_diffrn.ambient_environment              ? 
_diffrn.ambient_temp                     100 
_diffrn.ambient_temp_details             ? 
_diffrn.ambient_temp_esd                 ? 
_diffrn.crystal_id                       1 
_diffrn.crystal_support                  ? 
_diffrn.crystal_treatment                ? 
_diffrn.details                          ? 
_diffrn.id                               1 
_diffrn.ambient_pressure                 ? 
_diffrn.ambient_pressure_esd             ? 
_diffrn.ambient_pressure_gt              ? 
_diffrn.ambient_pressure_lt              ? 
_diffrn.ambient_temp_gt                  ? 
_diffrn.ambient_temp_lt                  ? 
_diffrn.pdbx_serial_crystal_experiment   N 
# 
_diffrn_detector.details                      ? 
_diffrn_detector.detector                     PIXEL 
_diffrn_detector.diffrn_id                    1 
_diffrn_detector.type                         'DECTRIS EIGER2 XE 16M' 
_diffrn_detector.area_resol_mean              ? 
_diffrn_detector.dtime                        ? 
_diffrn_detector.pdbx_frames_total            ? 
_diffrn_detector.pdbx_collection_time_total   ? 
_diffrn_detector.pdbx_collection_date         2021-02-10 
_diffrn_detector.pdbx_frequency               ? 
# 
_diffrn_radiation.collimation                      ? 
_diffrn_radiation.diffrn_id                        1 
_diffrn_radiation.filter_edge                      ? 
_diffrn_radiation.inhomogeneity                    ? 
_diffrn_radiation.monochromator                    ? 
_diffrn_radiation.polarisn_norm                    ? 
_diffrn_radiation.polarisn_ratio                   ? 
_diffrn_radiation.probe                            ? 
_diffrn_radiation.type                             ? 
_diffrn_radiation.xray_symbol                      ? 
_diffrn_radiation.wavelength_id                    1 
_diffrn_radiation.pdbx_monochromatic_or_laue_m_l   M 
_diffrn_radiation.pdbx_wavelength_list             ? 
_diffrn_radiation.pdbx_wavelength                  ? 
_diffrn_radiation.pdbx_diffrn_protocol             'SINGLE WAVELENGTH' 
_diffrn_radiation.pdbx_analyzer                    ? 
_diffrn_radiation.pdbx_scattering_type             x-ray 
# 
_diffrn_radiation_wavelength.id           1 
_diffrn_radiation_wavelength.wavelength   0.97918 
_diffrn_radiation_wavelength.wt           1.0 
# 
_diffrn_source.current                     ? 
_diffrn_source.details                     ? 
_diffrn_source.diffrn_id                   1 
_diffrn_source.power                       ? 
_diffrn_source.size                        ? 
_diffrn_source.source                      SYNCHROTRON 
_diffrn_source.target                      ? 
_diffrn_source.type                        'APS BEAMLINE 24-ID-C' 
_diffrn_source.voltage                     ? 
_diffrn_source.take-off_angle              ? 
_diffrn_source.pdbx_wavelength_list        0.97918 
_diffrn_source.pdbx_wavelength             ? 
_diffrn_source.pdbx_synchrotron_beamline   24-ID-C 
_diffrn_source.pdbx_synchrotron_site       APS 
# 
_reflns.B_iso_Wilson_estimate                          29.0 
_reflns.entry_id                                       7M0Q 
_reflns.data_reduction_details                         ? 
_reflns.data_reduction_method                          ? 
_reflns.d_resolution_high                              2.4 
_reflns.d_resolution_low                               50 
_reflns.details                                        ? 
_reflns.limit_h_max                                    ? 
_reflns.limit_h_min                                    ? 
_reflns.limit_k_max                                    ? 
_reflns.limit_k_min                                    ? 
_reflns.limit_l_max                                    ? 
_reflns.limit_l_min                                    ? 
_reflns.number_all                                     ? 
_reflns.number_obs                                     7742 
_reflns.observed_criterion                             ? 
_reflns.observed_criterion_F_max                       ? 
_reflns.observed_criterion_F_min                       ? 
_reflns.observed_criterion_I_max                       ? 
_reflns.observed_criterion_I_min                       ? 
_reflns.observed_criterion_sigma_F                     ? 
_reflns.observed_criterion_sigma_I                     ? 
_reflns.percent_possible_obs                           99.8 
_reflns.R_free_details                                 ? 
_reflns.Rmerge_F_all                                   ? 
_reflns.Rmerge_F_obs                                   ? 
_reflns.Friedel_coverage                               ? 
_reflns.number_gt                                      ? 
_reflns.threshold_expression                           ? 
_reflns.pdbx_redundancy                                10.7 
_reflns.pdbx_Rmerge_I_obs                              0.08 
_reflns.pdbx_Rmerge_I_all                              ? 
_reflns.pdbx_Rsym_value                                ? 
_reflns.pdbx_netI_over_av_sigmaI                       ? 
_reflns.pdbx_netI_over_sigmaI                          18.0 
_reflns.pdbx_res_netI_over_av_sigmaI_2                 ? 
_reflns.pdbx_res_netI_over_sigmaI_2                    ? 
_reflns.pdbx_chi_squared                               ? 
_reflns.pdbx_scaling_rejects                           ? 
_reflns.pdbx_d_res_high_opt                            ? 
_reflns.pdbx_d_res_low_opt                             ? 
_reflns.pdbx_d_res_opt_method                          ? 
_reflns.phase_calculation_details                      ? 
_reflns.pdbx_Rrim_I_all                                ? 
_reflns.pdbx_Rpim_I_all                                0.03 
_reflns.pdbx_d_opt                                     ? 
_reflns.pdbx_number_measured_all                       ? 
_reflns.pdbx_diffrn_id                                 1 
_reflns.pdbx_ordinal                                   1 
_reflns.pdbx_CC_half                                   0.999 
_reflns.pdbx_CC_star                                   ? 
_reflns.pdbx_R_split                                   ? 
_reflns.pdbx_aniso_diffraction_limit_axis_1_ortho[1]   ? 
_reflns.pdbx_aniso_diffraction_limit_axis_1_ortho[2]   ? 
_reflns.pdbx_aniso_diffraction_limit_axis_1_ortho[3]   ? 
_reflns.pdbx_aniso_diffraction_limit_axis_2_ortho[1]   ? 
_reflns.pdbx_aniso_diffraction_limit_axis_2_ortho[2]   ? 
_reflns.pdbx_aniso_diffraction_limit_axis_2_ortho[3]   ? 
_reflns.pdbx_aniso_diffraction_limit_axis_3_ortho[1]   ? 
_reflns.pdbx_aniso_diffraction_limit_axis_3_ortho[2]   ? 
_reflns.pdbx_aniso_diffraction_limit_axis_3_ortho[3]   ? 
_reflns.pdbx_aniso_diffraction_limit_1                 ? 
_reflns.pdbx_aniso_diffraction_limit_2                 ? 
_reflns.pdbx_aniso_diffraction_limit_3                 ? 
_reflns.pdbx_aniso_B_tensor_eigenvector_1_ortho[1]     ? 
_reflns.pdbx_aniso_B_tensor_eigenvector_1_ortho[2]     ? 
_reflns.pdbx_aniso_B_tensor_eigenvector_1_ortho[3]     ? 
_reflns.pdbx_aniso_B_tensor_eigenvector_2_ortho[1]     ? 
_reflns.pdbx_aniso_B_tensor_eigenvector_2_ortho[2]     ? 
_reflns.pdbx_aniso_B_tensor_eigenvector_2_ortho[3]     ? 
_reflns.pdbx_aniso_B_tensor_eigenvector_3_ortho[1]     ? 
_reflns.pdbx_aniso_B_tensor_eigenvector_3_ortho[2]     ? 
_reflns.pdbx_aniso_B_tensor_eigenvector_3_ortho[3]     ? 
_reflns.pdbx_aniso_B_tensor_eigenvalue_1               ? 
_reflns.pdbx_aniso_B_tensor_eigenvalue_2               ? 
_reflns.pdbx_aniso_B_tensor_eigenvalue_3               ? 
_reflns.pdbx_orthogonalization_convention              ? 
_reflns.pdbx_percent_possible_ellipsoidal              ? 
_reflns.pdbx_percent_possible_spherical                ? 
_reflns.pdbx_percent_possible_ellipsoidal_anomalous    ? 
_reflns.pdbx_percent_possible_spherical_anomalous      ? 
_reflns.pdbx_redundancy_anomalous                      ? 
_reflns.pdbx_CC_half_anomalous                         ? 
_reflns.pdbx_absDiff_over_sigma_anomalous              ? 
_reflns.pdbx_percent_possible_anomalous                ? 
_reflns.pdbx_observed_signal_threshold                 ? 
_reflns.pdbx_signal_type                               ? 
_reflns.pdbx_signal_details                            ? 
_reflns.pdbx_signal_software_id                        ? 
# 
_reflns_shell.d_res_high                                    2.40 
_reflns_shell.d_res_low                                     2.49 
_reflns_shell.meanI_over_sigI_all                           ? 
_reflns_shell.meanI_over_sigI_obs                           2.6 
_reflns_shell.number_measured_all                           ? 
_reflns_shell.number_measured_obs                           ? 
_reflns_shell.number_possible                               ? 
_reflns_shell.number_unique_all                             ? 
_reflns_shell.number_unique_obs                             405 
_reflns_shell.percent_possible_all                          100 
_reflns_shell.percent_possible_obs                          ? 
_reflns_shell.Rmerge_F_all                                  ? 
_reflns_shell.Rmerge_F_obs                                  ? 
_reflns_shell.Rmerge_I_all                                  ? 
_reflns_shell.Rmerge_I_obs                                  ? 
_reflns_shell.meanI_over_sigI_gt                            ? 
_reflns_shell.meanI_over_uI_all                             ? 
_reflns_shell.meanI_over_uI_gt                              ? 
_reflns_shell.number_measured_gt                            ? 
_reflns_shell.number_unique_gt                              ? 
_reflns_shell.percent_possible_gt                           ? 
_reflns_shell.Rmerge_F_gt                                   ? 
_reflns_shell.Rmerge_I_gt                                   ? 
_reflns_shell.pdbx_redundancy                               8.2 
_reflns_shell.pdbx_Rsym_value                               ? 
_reflns_shell.pdbx_chi_squared                              ? 
_reflns_shell.pdbx_netI_over_sigmaI_all                     ? 
_reflns_shell.pdbx_netI_over_sigmaI_obs                     ? 
_reflns_shell.pdbx_Rrim_I_all                               ? 
_reflns_shell.pdbx_Rpim_I_all                               ? 
_reflns_shell.pdbx_rejects                                  ? 
_reflns_shell.pdbx_ordinal                                  1 
_reflns_shell.pdbx_diffrn_id                                1 
_reflns_shell.pdbx_CC_half                                  0.856 
_reflns_shell.pdbx_CC_star                                  ? 
_reflns_shell.pdbx_R_split                                  ? 
_reflns_shell.pdbx_percent_possible_ellipsoidal             ? 
_reflns_shell.pdbx_percent_possible_spherical               ? 
_reflns_shell.pdbx_percent_possible_ellipsoidal_anomalous   ? 
_reflns_shell.pdbx_percent_possible_spherical_anomalous     ? 
_reflns_shell.pdbx_redundancy_anomalous                     ? 
_reflns_shell.pdbx_CC_half_anomalous                        ? 
_reflns_shell.pdbx_absDiff_over_sigma_anomalous             ? 
_reflns_shell.pdbx_percent_possible_anomalous               ? 
# 
_refine.aniso_B[1][1]                            ? 
_refine.aniso_B[1][2]                            ? 
_refine.aniso_B[1][3]                            ? 
_refine.aniso_B[2][2]                            ? 
_refine.aniso_B[2][3]                            ? 
_refine.aniso_B[3][3]                            ? 
_refine.B_iso_max                                ? 
_refine.B_iso_mean                               41.24 
_refine.B_iso_min                                ? 
_refine.correlation_coeff_Fo_to_Fc               ? 
_refine.correlation_coeff_Fo_to_Fc_free          ? 
_refine.details                                  ? 
_refine.diff_density_max                         ? 
_refine.diff_density_max_esd                     ? 
_refine.diff_density_min                         ? 
_refine.diff_density_min_esd                     ? 
_refine.diff_density_rms                         ? 
_refine.diff_density_rms_esd                     ? 
_refine.entry_id                                 7M0Q 
_refine.pdbx_refine_id                           'X-RAY DIFFRACTION' 
_refine.ls_abs_structure_details                 ? 
_refine.ls_abs_structure_Flack                   ? 
_refine.ls_abs_structure_Flack_esd               ? 
_refine.ls_abs_structure_Rogers                  ? 
_refine.ls_abs_structure_Rogers_esd              ? 
_refine.ls_d_res_high                            2.40 
_refine.ls_d_res_low                             40.09 
_refine.ls_extinction_coef                       ? 
_refine.ls_extinction_coef_esd                   ? 
_refine.ls_extinction_expression                 ? 
_refine.ls_extinction_method                     ? 
_refine.ls_goodness_of_fit_all                   ? 
_refine.ls_goodness_of_fit_all_esd               ? 
_refine.ls_goodness_of_fit_obs                   ? 
_refine.ls_goodness_of_fit_obs_esd               ? 
_refine.ls_hydrogen_treatment                    ? 
_refine.ls_matrix_type                           ? 
_refine.ls_number_constraints                    ? 
_refine.ls_number_parameters                     ? 
_refine.ls_number_reflns_all                     ? 
_refine.ls_number_reflns_obs                     7132 
_refine.ls_number_reflns_R_free                  363 
_refine.ls_number_reflns_R_work                  6769 
_refine.ls_number_restraints                     ? 
_refine.ls_percent_reflns_obs                    92.16 
_refine.ls_percent_reflns_R_free                 5.09 
_refine.ls_R_factor_all                          ? 
_refine.ls_R_factor_obs                          0.2211 
_refine.ls_R_factor_R_free                       0.2601 
_refine.ls_R_factor_R_free_error                 ? 
_refine.ls_R_factor_R_free_error_details         ? 
_refine.ls_R_factor_R_work                       0.2189 
_refine.ls_R_Fsqd_factor_obs                     ? 
_refine.ls_R_I_factor_obs                        ? 
_refine.ls_redundancy_reflns_all                 ? 
_refine.ls_redundancy_reflns_obs                 ? 
_refine.ls_restrained_S_all                      ? 
_refine.ls_restrained_S_obs                      ? 
_refine.ls_shift_over_esd_max                    ? 
_refine.ls_shift_over_esd_mean                   ? 
_refine.ls_structure_factor_coef                 ? 
_refine.ls_weighting_details                     ? 
_refine.ls_weighting_scheme                      ? 
_refine.ls_wR_factor_all                         ? 
_refine.ls_wR_factor_obs                         ? 
_refine.ls_wR_factor_R_free                      ? 
_refine.ls_wR_factor_R_work                      ? 
_refine.occupancy_max                            ? 
_refine.occupancy_min                            ? 
_refine.solvent_model_details                    'FLAT BULK SOLVENT MODEL' 
_refine.solvent_model_param_bsol                 ? 
_refine.solvent_model_param_ksol                 ? 
_refine.pdbx_R_complete                          ? 
_refine.ls_R_factor_gt                           ? 
_refine.ls_goodness_of_fit_gt                    ? 
_refine.ls_goodness_of_fit_ref                   ? 
_refine.ls_shift_over_su_max                     ? 
_refine.ls_shift_over_su_max_lt                  ? 
_refine.ls_shift_over_su_mean                    ? 
_refine.ls_shift_over_su_mean_lt                 ? 
_refine.pdbx_ls_sigma_I                          ? 
_refine.pdbx_ls_sigma_F                          2.00 
_refine.pdbx_ls_sigma_Fsqd                       ? 
_refine.pdbx_data_cutoff_high_absF               ? 
_refine.pdbx_data_cutoff_high_rms_absF           ? 
_refine.pdbx_data_cutoff_low_absF                ? 
_refine.pdbx_isotropic_thermal_model             ? 
_refine.pdbx_ls_cross_valid_method               'FREE R-VALUE' 
_refine.pdbx_method_to_determine_struct          'MOLECULAR REPLACEMENT' 
_refine.pdbx_starting_model                      'computational model' 
_refine.pdbx_stereochemistry_target_values       'GeoStd + Monomer Library + CDL v1.2' 
_refine.pdbx_R_Free_selection_details            ? 
_refine.pdbx_stereochem_target_val_spec_case     ? 
_refine.pdbx_overall_ESU_R                       ? 
_refine.pdbx_overall_ESU_R_Free                  ? 
_refine.pdbx_solvent_vdw_probe_radii             1.1100 
_refine.pdbx_solvent_ion_probe_radii             ? 
_refine.pdbx_solvent_shrinkage_radii             0.9000 
_refine.pdbx_real_space_R                        ? 
_refine.pdbx_density_correlation                 ? 
_refine.pdbx_pd_number_of_powder_patterns        ? 
_refine.pdbx_pd_number_of_points                 ? 
_refine.pdbx_pd_meas_number_of_points            ? 
_refine.pdbx_pd_proc_ls_prof_R_factor            ? 
_refine.pdbx_pd_proc_ls_prof_wR_factor           ? 
_refine.pdbx_pd_Marquardt_correlation_coeff      ? 
_refine.pdbx_pd_Fsqrd_R_factor                   ? 
_refine.pdbx_pd_ls_matrix_band_width             ? 
_refine.pdbx_overall_phase_error                 31.1503 
_refine.pdbx_overall_SU_R_free_Cruickshank_DPI   ? 
_refine.pdbx_overall_SU_R_free_Blow_DPI          ? 
_refine.pdbx_overall_SU_R_Blow_DPI               ? 
_refine.pdbx_TLS_residual_ADP_flag               ? 
_refine.pdbx_diffrn_id                           1 
_refine.overall_SU_B                             ? 
_refine.overall_SU_ML                            0.1990 
_refine.overall_SU_R_Cruickshank_DPI             ? 
_refine.overall_SU_R_free                        ? 
_refine.overall_FOM_free_R_set                   ? 
_refine.overall_FOM_work_R_set                   ? 
_refine.pdbx_average_fsc_overall                 ? 
_refine.pdbx_average_fsc_work                    ? 
_refine.pdbx_average_fsc_free                    ? 
# 
_refine_hist.pdbx_refine_id                   'X-RAY DIFFRACTION' 
_refine_hist.cycle_id                         LAST 
_refine_hist.details                          ? 
_refine_hist.d_res_high                       2.40 
_refine_hist.d_res_low                        40.09 
_refine_hist.number_atoms_solvent             20 
_refine_hist.number_atoms_total               1495 
_refine_hist.number_reflns_all                ? 
_refine_hist.number_reflns_obs                ? 
_refine_hist.number_reflns_R_free             ? 
_refine_hist.number_reflns_R_work             ? 
_refine_hist.R_factor_all                     ? 
_refine_hist.R_factor_obs                     ? 
_refine_hist.R_factor_R_free                  ? 
_refine_hist.R_factor_R_work                  ? 
_refine_hist.pdbx_number_residues_total       ? 
_refine_hist.pdbx_B_iso_mean_ligand           ? 
_refine_hist.pdbx_B_iso_mean_solvent          ? 
_refine_hist.pdbx_number_atoms_protein        1475 
_refine_hist.pdbx_number_atoms_nucleic_acid   0 
_refine_hist.pdbx_number_atoms_ligand         0 
_refine_hist.pdbx_number_atoms_lipid          ? 
_refine_hist.pdbx_number_atoms_carb           ? 
_refine_hist.pdbx_pseudo_atom_details         ? 
# 
loop_
_refine_ls_restr.pdbx_refine_id 
_refine_ls_restr.criterion 
_refine_ls_restr.dev_ideal 
_refine_ls_restr.dev_ideal_target 
_refine_ls_restr.number 
_refine_ls_restr.rejects 
_refine_ls_restr.type 
_refine_ls_restr.weight 
_refine_ls_restr.pdbx_restraint_function 
'X-RAY DIFFRACTION' ? 0.0020  ? 1499 ? f_bond_d           ? ? 
'X-RAY DIFFRACTION' ? 0.4299  ? 2029 ? f_angle_d          ? ? 
'X-RAY DIFFRACTION' ? 0.0401  ? 236  ? f_chiral_restr     ? ? 
'X-RAY DIFFRACTION' ? 0.0036  ? 262  ? f_plane_restr      ? ? 
'X-RAY DIFFRACTION' ? 12.2182 ? 544  ? f_dihedral_angle_d ? ? 
# 
loop_
_refine_ls_shell.pdbx_refine_id 
_refine_ls_shell.d_res_high 
_refine_ls_shell.d_res_low 
_refine_ls_shell.number_reflns_all 
_refine_ls_shell.number_reflns_obs 
_refine_ls_shell.number_reflns_R_free 
_refine_ls_shell.number_reflns_R_work 
_refine_ls_shell.percent_reflns_obs 
_refine_ls_shell.percent_reflns_R_free 
_refine_ls_shell.R_factor_all 
_refine_ls_shell.R_factor_obs 
_refine_ls_shell.R_factor_R_free 
_refine_ls_shell.R_factor_R_free_error 
_refine_ls_shell.R_factor_R_work 
_refine_ls_shell.redundancy_reflns_all 
_refine_ls_shell.redundancy_reflns_obs 
_refine_ls_shell.wR_factor_all 
_refine_ls_shell.wR_factor_obs 
_refine_ls_shell.wR_factor_R_free 
_refine_ls_shell.wR_factor_R_work 
_refine_ls_shell.pdbx_R_complete 
_refine_ls_shell.pdbx_total_number_of_bins_used 
_refine_ls_shell.pdbx_phase_error 
_refine_ls_shell.pdbx_fsc_work 
_refine_ls_shell.pdbx_fsc_free 
'X-RAY DIFFRACTION' 2.40 2.49 . . 92  1892 76.84 . . . 0.3129 . 0.2902 . . . . . . . . . . . 
'X-RAY DIFFRACTION' 2.49 3.46 . . 132 2434 99.84 . . . 0.2479 . 0.2388 . . . . . . . . . . . 
# 
_struct.entry_id                     7M0Q 
_struct.title                        'Crystal structure of deep network hallucinated protein 0738_mod' 
_struct.pdbx_model_details           ? 
_struct.pdbx_formula_weight          ? 
_struct.pdbx_formula_weight_method   ? 
_struct.pdbx_model_type_details      ? 
_struct.pdbx_CASP_flag               N 
# 
_struct_keywords.entry_id        7M0Q 
_struct_keywords.text            'alpha-beta fold, machine learning, DE NOVO PROTEIN' 
_struct_keywords.pdbx_keywords   'DE NOVO PROTEIN' 
# 
loop_
_struct_asym.id 
_struct_asym.pdbx_blank_PDB_chainid_flag 
_struct_asym.pdbx_modified 
_struct_asym.entity_id 
_struct_asym.details 
A N N 1 ? 
B N N 1 ? 
C N N 2 ? 
D N N 2 ? 
# 
_struct_ref.id                         1 
_struct_ref.db_name                    PDB 
_struct_ref.db_code                    7M0Q 
_struct_ref.pdbx_db_accession          7M0Q 
_struct_ref.pdbx_db_isoform            ? 
_struct_ref.entity_id                  1 
_struct_ref.pdbx_seq_one_letter_code   ? 
_struct_ref.pdbx_align_begin           1 
# 
loop_
_struct_ref_seq.align_id 
_struct_ref_seq.ref_id 
_struct_ref_seq.pdbx_PDB_id_code 
_struct_ref_seq.pdbx_strand_id 
_struct_ref_seq.seq_align_beg 
_struct_ref_seq.pdbx_seq_align_beg_ins_code 
_struct_ref_seq.seq_align_end 
_struct_ref_seq.pdbx_seq_align_end_ins_code 
_struct_ref_seq.pdbx_db_accession 
_struct_ref_seq.db_align_beg 
_struct_ref_seq.pdbx_db_align_beg_ins_code 
_struct_ref_seq.db_align_end 
_struct_ref_seq.pdbx_db_align_end_ins_code 
_struct_ref_seq.pdbx_auth_seq_align_beg 
_struct_ref_seq.pdbx_auth_seq_align_end 
1 1 7M0Q A 1 ? 121 ? 7M0Q -16 ? 104 ? -16 104 
2 1 7M0Q B 1 ? 121 ? 7M0Q -16 ? 104 ? -16 104 
# 
_pdbx_struct_assembly.id                   1 
_pdbx_struct_assembly.details              author_defined_assembly 
_pdbx_struct_assembly.method_details       ? 
_pdbx_struct_assembly.oligomeric_details   dimeric 
_pdbx_struct_assembly.oligomeric_count     2 
# 
loop_
_pdbx_struct_assembly_prop.biol_id 
_pdbx_struct_assembly_prop.type 
_pdbx_struct_assembly_prop.value 
_pdbx_struct_assembly_prop.details 
1 'ABSA (A^2)' 560   ? 
1 MORE         0     ? 
1 'SSA (A^2)'  11040 ? 
# 
_pdbx_struct_assembly_gen.assembly_id       1 
_pdbx_struct_assembly_gen.oper_expression   1 
_pdbx_struct_assembly_gen.asym_id_list      A,B,C,D 
# 
_pdbx_struct_assembly_auth_evidence.id                     1 
_pdbx_struct_assembly_auth_evidence.assembly_id            1 
_pdbx_struct_assembly_auth_evidence.experimental_support   'gel filtration' 
_pdbx_struct_assembly_auth_evidence.details                ? 
# 
_pdbx_struct_oper_list.id                   1 
_pdbx_struct_oper_list.type                 'identity operation' 
_pdbx_struct_oper_list.name                 1_555 
_pdbx_struct_oper_list.symmetry_operation   x,y,z 
_pdbx_struct_oper_list.matrix[1][1]         1.0000000000 
_pdbx_struct_oper_list.matrix[1][2]         0.0000000000 
_pdbx_struct_oper_list.matrix[1][3]         0.0000000000 
_pdbx_struct_oper_list.vector[1]            0.0000000000 
_pdbx_struct_oper_list.matrix[2][1]         0.0000000000 
_pdbx_struct_oper_list.matrix[2][2]         1.0000000000 
_pdbx_struct_oper_list.matrix[2][3]         0.0000000000 
_pdbx_struct_oper_list.vector[2]            0.0000000000 
_pdbx_struct_oper_list.matrix[3][1]         0.0000000000 
_pdbx_struct_oper_list.matrix[3][2]         0.0000000000 
_pdbx_struct_oper_list.matrix[3][3]         1.0000000000 
_pdbx_struct_oper_list.vector[3]            0.0000000000 
# 
loop_
_struct_conf.conf_type_id 
_struct_conf.id 
_struct_conf.pdbx_PDB_helix_id 
_struct_conf.beg_label_comp_id 
_struct_conf.beg_label_asym_id 
_struct_conf.beg_label_seq_id 
_struct_conf.pdbx_beg_PDB_ins_code 
_struct_conf.end_label_comp_id 
_struct_conf.end_label_asym_id 
_struct_conf.end_label_seq_id 
_struct_conf.pdbx_end_PDB_ins_code 
_struct_conf.beg_auth_comp_id 
_struct_conf.beg_auth_asym_id 
_struct_conf.beg_auth_seq_id 
_struct_conf.end_auth_comp_id 
_struct_conf.end_auth_asym_id 
_struct_conf.end_auth_seq_id 
_struct_conf.pdbx_PDB_helix_class 
_struct_conf.details 
_struct_conf.pdbx_PDB_helix_length 
HELX_P HELX_P1 AA1 THR A 49 ? ARG A 62  ? THR A 32 ARG A 45 1 ? 14 
HELX_P HELX_P2 AA2 SER A 63 ? GLN A 65  ? SER A 46 GLN A 48 5 ? 3  
HELX_P HELX_P3 AA3 PRO A 83 ? ASP A 100 ? PRO A 66 ASP A 83 1 ? 18 
HELX_P HELX_P4 AA4 THR B 49 ? GLU B 67  ? THR B 32 GLU B 50 1 ? 19 
HELX_P HELX_P5 AA5 PRO B 83 ? ASP B 100 ? PRO B 66 ASP B 83 1 ? 18 
# 
_struct_conf_type.id          HELX_P 
_struct_conf_type.criteria    ? 
_struct_conf_type.reference   ? 
# 
loop_
_struct_mon_prot_cis.pdbx_id 
_struct_mon_prot_cis.label_comp_id 
_struct_mon_prot_cis.label_seq_id 
_struct_mon_prot_cis.label_asym_id 
_struct_mon_prot_cis.label_alt_id 
_struct_mon_prot_cis.pdbx_PDB_ins_code 
_struct_mon_prot_cis.auth_comp_id 
_struct_mon_prot_cis.auth_seq_id 
_struct_mon_prot_cis.auth_asym_id 
_struct_mon_prot_cis.pdbx_label_comp_id_2 
_struct_mon_prot_cis.pdbx_label_seq_id_2 
_struct_mon_prot_cis.pdbx_label_asym_id_2 
_struct_mon_prot_cis.pdbx_PDB_ins_code_2 
_struct_mon_prot_cis.pdbx_auth_comp_id_2 
_struct_mon_prot_cis.pdbx_auth_seq_id_2 
_struct_mon_prot_cis.pdbx_auth_asym_id_2 
_struct_mon_prot_cis.pdbx_PDB_model_num 
_struct_mon_prot_cis.pdbx_omega_angle 
1 ASN 79 A . ? ASN 62 A PRO 80 A ? PRO 63 A 1 -1.83 
2 PHE 82 A . ? PHE 65 A PRO 83 A ? PRO 66 A 1 -2.12 
# 
_struct_sheet.id               AA1 
_struct_sheet.type             ? 
_struct_sheet.number_strands   10 
_struct_sheet.details          ? 
# 
loop_
_struct_sheet_order.sheet_id 
_struct_sheet_order.range_id_1 
_struct_sheet_order.range_id_2 
_struct_sheet_order.offset 
_struct_sheet_order.sense 
AA1 1 2  ? anti-parallel 
AA1 2 3  ? anti-parallel 
AA1 3 4  ? anti-parallel 
AA1 4 5  ? anti-parallel 
AA1 5 6  ? anti-parallel 
AA1 6 7  ? anti-parallel 
AA1 7 8  ? anti-parallel 
AA1 8 9  ? anti-parallel 
AA1 9 10 ? anti-parallel 
# 
loop_
_struct_sheet_range.sheet_id 
_struct_sheet_range.id 
_struct_sheet_range.beg_label_comp_id 
_struct_sheet_range.beg_label_asym_id 
_struct_sheet_range.beg_label_seq_id 
_struct_sheet_range.pdbx_beg_PDB_ins_code 
_struct_sheet_range.end_label_comp_id 
_struct_sheet_range.end_label_asym_id 
_struct_sheet_range.end_label_seq_id 
_struct_sheet_range.pdbx_end_PDB_ins_code 
_struct_sheet_range.beg_auth_comp_id 
_struct_sheet_range.beg_auth_asym_id 
_struct_sheet_range.beg_auth_seq_id 
_struct_sheet_range.end_auth_comp_id 
_struct_sheet_range.end_auth_asym_id 
_struct_sheet_range.end_auth_seq_id 
AA1 1  SER A 39  ? ILE A 44  ? SER A 22 ILE A 27  
AA1 2  ASN A 22  ? GLN A 28  ? ASN A 5  GLN A 11  
AA1 3  THR A 73  ? ASN A 79  ? THR A 56 ASN A 62  
AA1 4  ILE A 115 ? ARG A 120 ? ILE A 98 ARG A 103 
AA1 5  ARG A 104 ? GLU A 109 ? ARG A 87 GLU A 92  
AA1 6  ARG B 104 ? SER B 111 ? ARG B 87 SER B 94  
AA1 7  SER B 114 ? ARG B 120 ? SER B 97 ARG B 103 
AA1 8  LEU B 72  ? VAL B 78  ? LEU B 55 VAL B 61  
AA1 9  ILE B 23  ? TRP B 29  ? ILE B 6  TRP B 12  
AA1 10 PHE B 38  ? ILE B 44  ? PHE B 21 ILE B 27  
# 
loop_
_pdbx_struct_sheet_hbond.sheet_id 
_pdbx_struct_sheet_hbond.range_id_1 
_pdbx_struct_sheet_hbond.range_id_2 
_pdbx_struct_sheet_hbond.range_1_label_atom_id 
_pdbx_struct_sheet_hbond.range_1_label_comp_id 
_pdbx_struct_sheet_hbond.range_1_label_asym_id 
_pdbx_struct_sheet_hbond.range_1_label_seq_id 
_pdbx_struct_sheet_hbond.range_1_PDB_ins_code 
_pdbx_struct_sheet_hbond.range_1_auth_atom_id 
_pdbx_struct_sheet_hbond.range_1_auth_comp_id 
_pdbx_struct_sheet_hbond.range_1_auth_asym_id 
_pdbx_struct_sheet_hbond.range_1_auth_seq_id 
_pdbx_struct_sheet_hbond.range_2_label_atom_id 
_pdbx_struct_sheet_hbond.range_2_label_comp_id 
_pdbx_struct_sheet_hbond.range_2_label_asym_id 
_pdbx_struct_sheet_hbond.range_2_label_seq_id 
_pdbx_struct_sheet_hbond.range_2_PDB_ins_code 
_pdbx_struct_sheet_hbond.range_2_auth_atom_id 
_pdbx_struct_sheet_hbond.range_2_auth_comp_id 
_pdbx_struct_sheet_hbond.range_2_auth_asym_id 
_pdbx_struct_sheet_hbond.range_2_auth_seq_id 
AA1 1 2  O HIS A 40  ? O HIS A 23  N LEU A 27  ? N LEU A 10  
AA1 2 3  N ASN A 22  ? N ASN A 5   O ASN A 79  ? O ASN A 62  
AA1 3 4  N VAL A 74  ? N VAL A 57  O PHE A 119 ? O PHE A 102 
AA1 4 5  O HIS A 116 ? O HIS A 99  N GLU A 109 ? N GLU A 92  
AA1 5 6  N THR A 106 ? N THR A 89  O THR B 110 ? O THR B 93  
AA1 6 7  N GLU B 109 ? N GLU B 92  O HIS B 116 ? O HIS B 99  
AA1 7 8  O PHE B 119 ? O PHE B 102 N VAL B 74  ? N VAL B 57  
AA1 8 9  O GLN B 75  ? O GLN B 58  N SER B 26  ? N SER B 9   
AA1 9 10 N TRP B 29  ? N TRP B 12  O PHE B 38  ? O PHE B 21  
# 
loop_
_pdbx_validate_torsion.id 
_pdbx_validate_torsion.PDB_model_num 
_pdbx_validate_torsion.auth_comp_id 
_pdbx_validate_torsion.auth_asym_id 
_pdbx_validate_torsion.auth_seq_id 
_pdbx_validate_torsion.PDB_ins_code 
_pdbx_validate_torsion.label_alt_id 
_pdbx_validate_torsion.phi 
_pdbx_validate_torsion.psi 
1 1 GLN A 48 ? ? -77.84  -160.40 
2 1 ASP A 49 ? ? 56.02   -110.94 
3 1 TRP A 52 ? ? -152.90 -66.60  
4 1 ASP B 53 ? ? -93.86  -96.26  
# 
loop_
_space_group_symop.id 
_space_group_symop.operation_xyz 
1 x,y,z         
2 -y,x-y,z+1/3  
3 -x+y,-x,z+2/3 
# 
_pdbx_entry_details.entry_id                 7M0Q 
_pdbx_entry_details.nonpolymer_details       ? 
_pdbx_entry_details.sequence_details         ? 
_pdbx_entry_details.compound_details         ? 
_pdbx_entry_details.source_details           ? 
_pdbx_entry_details.has_ligand_of_interest   N 
# 
loop_
_pdbx_unobs_or_zero_occ_residues.id 
_pdbx_unobs_or_zero_occ_residues.PDB_model_num 
_pdbx_unobs_or_zero_occ_residues.polymer_flag 
_pdbx_unobs_or_zero_occ_residues.occupancy_flag 
_pdbx_unobs_or_zero_occ_residues.auth_asym_id 
_pdbx_unobs_or_zero_occ_residues.auth_comp_id 
_pdbx_unobs_or_zero_occ_residues.auth_seq_id 
_pdbx_unobs_or_zero_occ_residues.PDB_ins_code 
_pdbx_unobs_or_zero_occ_residues.label_asym_id 
_pdbx_unobs_or_zero_occ_residues.label_comp_id 
_pdbx_unobs_or_zero_occ_residues.label_seq_id 
1  1 Y 1 A MET -16 ? A MET 1  
2  1 Y 1 A GLY -15 ? A GLY 2  
3  1 Y 1 A SER -14 ? A SER 3  
4  1 Y 1 A SER -13 ? A SER 4  
5  1 Y 1 A HIS -12 ? A HIS 5  
6  1 Y 1 A HIS -11 ? A HIS 6  
7  1 Y 1 A HIS -10 ? A HIS 7  
8  1 Y 1 A HIS -9  ? A HIS 8  
9  1 Y 1 A HIS -8  ? A HIS 9  
10 1 Y 1 A HIS -7  ? A HIS 10 
11 1 Y 1 A SER -6  ? A SER 11 
12 1 Y 1 A SER -5  ? A SER 12 
13 1 Y 1 A GLY -4  ? A GLY 13 
14 1 Y 1 A LEU -3  ? A LEU 14 
15 1 Y 1 A VAL -2  ? A VAL 15 
16 1 Y 1 A PRO -1  ? A PRO 16 
17 1 Y 1 A ARG 0   ? A ARG 17 
18 1 Y 1 A GLY 1   ? A GLY 18 
19 1 Y 1 A GLU 13  ? A GLU 30 
20 1 Y 1 A ASP 14  ? A ASP 31 
21 1 Y 1 A PRO 15  ? A PRO 32 
22 1 Y 1 A LYS 16  ? A LYS 33 
23 1 Y 1 A LYS 17  ? A LYS 34 
24 1 Y 1 A GLY 18  ? A GLY 35 
25 1 Y 1 A LYS 19  ? A LYS 36 
26 1 Y 1 B MET -16 ? B MET 1  
27 1 Y 1 B GLY -15 ? B GLY 2  
28 1 Y 1 B SER -14 ? B SER 3  
29 1 Y 1 B SER -13 ? B SER 4  
30 1 Y 1 B HIS -12 ? B HIS 5  
31 1 Y 1 B HIS -11 ? B HIS 6  
32 1 Y 1 B HIS -10 ? B HIS 7  
33 1 Y 1 B HIS -9  ? B HIS 8  
34 1 Y 1 B HIS -8  ? B HIS 9  
35 1 Y 1 B HIS -7  ? B HIS 10 
36 1 Y 1 B SER -6  ? B SER 11 
37 1 Y 1 B SER -5  ? B SER 12 
38 1 Y 1 B GLY -4  ? B GLY 13 
39 1 Y 1 B LEU -3  ? B LEU 14 
40 1 Y 1 B VAL -2  ? B VAL 15 
41 1 Y 1 B PRO -1  ? B PRO 16 
42 1 Y 1 B ARG 0   ? B ARG 17 
43 1 Y 1 B GLY 1   ? B GLY 18 
44 1 Y 1 B SER 2   ? B SER 19 
45 1 Y 1 B HIS 3   ? B HIS 20 
46 1 Y 1 B PRO 15  ? B PRO 32 
47 1 Y 1 B LYS 16  ? B LYS 33 
48 1 Y 1 B LYS 17  ? B LYS 34 
49 1 Y 1 B GLY 18  ? B GLY 35 
# 
loop_
_chem_comp_atom.comp_id 
_chem_comp_atom.atom_id 
_chem_comp_atom.type_symbol 
_chem_comp_atom.pdbx_aromatic_flag 
_chem_comp_atom.pdbx_stereo_config 
_chem_comp_atom.pdbx_ordinal 
ALA N    N N N 1   
ALA CA   C N S 2   
ALA C    C N N 3   
ALA O    O N N 4   
ALA CB   C N N 5   
ALA OXT  O N N 6   
ALA H    H N N 7   
ALA H2   H N N 8   
ALA HA   H N N 9   
ALA HB1  H N N 10  
ALA HB2  H N N 11  
ALA HB3  H N N 12  
ALA HXT  H N N 13  
ARG N    N N N 14  
ARG CA   C N S 15  
ARG C    C N N 16  
ARG O    O N N 17  
ARG CB   C N N 18  
ARG CG   C N N 19  
ARG CD   C N N 20  
ARG NE   N N N 21  
ARG CZ   C N N 22  
ARG NH1  N N N 23  
ARG NH2  N N N 24  
ARG OXT  O N N 25  
ARG H    H N N 26  
ARG H2   H N N 27  
ARG HA   H N N 28  
ARG HB2  H N N 29  
ARG HB3  H N N 30  
ARG HG2  H N N 31  
ARG HG3  H N N 32  
ARG HD2  H N N 33  
ARG HD3  H N N 34  
ARG HE   H N N 35  
ARG HH11 H N N 36  
ARG HH12 H N N 37  
ARG HH21 H N N 38  
ARG HH22 H N N 39  
ARG HXT  H N N 40  
ASN N    N N N 41  
ASN CA   C N S 42  
ASN C    C N N 43  
ASN O    O N N 44  
ASN CB   C N N 45  
ASN CG   C N N 46  
ASN OD1  O N N 47  
ASN ND2  N N N 48  
ASN OXT  O N N 49  
ASN H    H N N 50  
ASN H2   H N N 51  
ASN HA   H N N 52  
ASN HB2  H N N 53  
ASN HB3  H N N 54  
ASN HD21 H N N 55  
ASN HD22 H N N 56  
ASN HXT  H N N 57  
ASP N    N N N 58  
ASP CA   C N S 59  
ASP C    C N N 60  
ASP O    O N N 61  
ASP CB   C N N 62  
ASP CG   C N N 63  
ASP OD1  O N N 64  
ASP OD2  O N N 65  
ASP OXT  O N N 66  
ASP H    H N N 67  
ASP H2   H N N 68  
ASP HA   H N N 69  
ASP HB2  H N N 70  
ASP HB3  H N N 71  
ASP HD2  H N N 72  
ASP HXT  H N N 73  
GLN N    N N N 74  
GLN CA   C N S 75  
GLN C    C N N 76  
GLN O    O N N 77  
GLN CB   C N N 78  
GLN CG   C N N 79  
GLN CD   C N N 80  
GLN OE1  O N N 81  
GLN NE2  N N N 82  
GLN OXT  O N N 83  
GLN H    H N N 84  
GLN H2   H N N 85  
GLN HA   H N N 86  
GLN HB2  H N N 87  
GLN HB3  H N N 88  
GLN HG2  H N N 89  
GLN HG3  H N N 90  
GLN HE21 H N N 91  
GLN HE22 H N N 92  
GLN HXT  H N N 93  
GLU N    N N N 94  
GLU CA   C N S 95  
GLU C    C N N 96  
GLU O    O N N 97  
GLU CB   C N N 98  
GLU CG   C N N 99  
GLU CD   C N N 100 
GLU OE1  O N N 101 
GLU OE2  O N N 102 
GLU OXT  O N N 103 
GLU H    H N N 104 
GLU H2   H N N 105 
GLU HA   H N N 106 
GLU HB2  H N N 107 
GLU HB3  H N N 108 
GLU HG2  H N N 109 
GLU HG3  H N N 110 
GLU HE2  H N N 111 
GLU HXT  H N N 112 
GLY N    N N N 113 
GLY CA   C N N 114 
GLY C    C N N 115 
GLY O    O N N 116 
GLY OXT  O N N 117 
GLY H    H N N 118 
GLY H2   H N N 119 
GLY HA2  H N N 120 
GLY HA3  H N N 121 
GLY HXT  H N N 122 
HIS N    N N N 123 
HIS CA   C N S 124 
HIS C    C N N 125 
HIS O    O N N 126 
HIS CB   C N N 127 
HIS CG   C Y N 128 
HIS ND1  N Y N 129 
HIS CD2  C Y N 130 
HIS CE1  C Y N 131 
HIS NE2  N Y N 132 
HIS OXT  O N N 133 
HIS H    H N N 134 
HIS H2   H N N 135 
HIS HA   H N N 136 
HIS HB2  H N N 137 
HIS HB3  H N N 138 
HIS HD1  H N N 139 
HIS HD2  H N N 140 
HIS HE1  H N N 141 
HIS HE2  H N N 142 
HIS HXT  H N N 143 
HOH O    O N N 144 
HOH H1   H N N 145 
HOH H2   H N N 146 
ILE N    N N N 147 
ILE CA   C N S 148 
ILE C    C N N 149 
ILE O    O N N 150 
ILE CB   C N S 151 
ILE CG1  C N N 152 
ILE CG2  C N N 153 
ILE CD1  C N N 154 
ILE OXT  O N N 155 
ILE H    H N N 156 
ILE H2   H N N 157 
ILE HA   H N N 158 
ILE HB   H N N 159 
ILE HG12 H N N 160 
ILE HG13 H N N 161 
ILE HG21 H N N 162 
ILE HG22 H N N 163 
ILE HG23 H N N 164 
ILE HD11 H N N 165 
ILE HD12 H N N 166 
ILE HD13 H N N 167 
ILE HXT  H N N 168 
LEU N    N N N 169 
LEU CA   C N S 170 
LEU C    C N N 171 
LEU O    O N N 172 
LEU CB   C N N 173 
LEU CG   C N N 174 
LEU CD1  C N N 175 
LEU CD2  C N N 176 
LEU OXT  O N N 177 
LEU H    H N N 178 
LEU H2   H N N 179 
LEU HA   H N N 180 
LEU HB2  H N N 181 
LEU HB3  H N N 182 
LEU HG   H N N 183 
LEU HD11 H N N 184 
LEU HD12 H N N 185 
LEU HD13 H N N 186 
LEU HD21 H N N 187 
LEU HD22 H N N 188 
LEU HD23 H N N 189 
LEU HXT  H N N 190 
LYS N    N N N 191 
LYS CA   C N S 192 
LYS C    C N N 193 
LYS O    O N N 194 
LYS CB   C N N 195 
LYS CG   C N N 196 
LYS CD   C N N 197 
LYS CE   C N N 198 
LYS NZ   N N N 199 
LYS OXT  O N N 200 
LYS H    H N N 201 
LYS H2   H N N 202 
LYS HA   H N N 203 
LYS HB2  H N N 204 
LYS HB3  H N N 205 
LYS HG2  H N N 206 
LYS HG3  H N N 207 
LYS HD2  H N N 208 
LYS HD3  H N N 209 
LYS HE2  H N N 210 
LYS HE3  H N N 211 
LYS HZ1  H N N 212 
LYS HZ2  H N N 213 
LYS HZ3  H N N 214 
LYS HXT  H N N 215 
MET N    N N N 216 
MET CA   C N S 217 
MET C    C N N 218 
MET O    O N N 219 
MET CB   C N N 220 
MET CG   C N N 221 
MET SD   S N N 222 
MET CE   C N N 223 
MET OXT  O N N 224 
MET H    H N N 225 
MET H2   H N N 226 
MET HA   H N N 227 
MET HB2  H N N 228 
MET HB3  H N N 229 
MET HG2  H N N 230 
MET HG3  H N N 231 
MET HE1  H N N 232 
MET HE2  H N N 233 
MET HE3  H N N 234 
MET HXT  H N N 235 
PHE N    N N N 236 
PHE CA   C N S 237 
PHE C    C N N 238 
PHE O    O N N 239 
PHE CB   C N N 240 
PHE CG   C Y N 241 
PHE CD1  C Y N 242 
PHE CD2  C Y N 243 
PHE CE1  C Y N 244 
PHE CE2  C Y N 245 
PHE CZ   C Y N 246 
PHE OXT  O N N 247 
PHE H    H N N 248 
PHE H2   H N N 249 
PHE HA   H N N 250 
PHE HB2  H N N 251 
PHE HB3  H N N 252 
PHE HD1  H N N 253 
PHE HD2  H N N 254 
PHE HE1  H N N 255 
PHE HE2  H N N 256 
PHE HZ   H N N 257 
PHE HXT  H N N 258 
PRO N    N N N 259 
PRO CA   C N S 260 
PRO C    C N N 261 
PRO O    O N N 262 
PRO CB   C N N 263 
PRO CG   C N N 264 
PRO CD   C N N 265 
PRO OXT  O N N 266 
PRO H    H N N 267 
PRO HA   H N N 268 
PRO HB2  H N N 269 
PRO HB3  H N N 270 
PRO HG2  H N N 271 
PRO HG3  H N N 272 
PRO HD2  H N N 273 
PRO HD3  H N N 274 
PRO HXT  H N N 275 
SER N    N N N 276 
SER CA   C N S 277 
SER C    C N N 278 
SER O    O N N 279 
SER CB   C N N 280 
SER OG   O N N 281 
SER OXT  O N N 282 
SER H    H N N 283 
SER H2   H N N 284 
SER HA   H N N 285 
SER HB2  H N N 286 
SER HB3  H N N 287 
SER HG   H N N 288 
SER HXT  H N N 289 
THR N    N N N 290 
THR CA   C N S 291 
THR C    C N N 292 
THR O    O N N 293 
THR CB   C N R 294 
THR OG1  O N N 295 
THR CG2  C N N 296 
THR OXT  O N N 297 
THR H    H N N 298 
THR H2   H N N 299 
THR HA   H N N 300 
THR HB   H N N 301 
THR HG1  H N N 302 
THR HG21 H N N 303 
THR HG22 H N N 304 
THR HG23 H N N 305 
THR HXT  H N N 306 
TRP N    N N N 307 
TRP CA   C N S 308 
TRP C    C N N 309 
TRP O    O N N 310 
TRP CB   C N N 311 
TRP CG   C Y N 312 
TRP CD1  C Y N 313 
TRP CD2  C Y N 314 
TRP NE1  N Y N 315 
TRP CE2  C Y N 316 
TRP CE3  C Y N 317 
TRP CZ2  C Y N 318 
TRP CZ3  C Y N 319 
TRP CH2  C Y N 320 
TRP OXT  O N N 321 
TRP H    H N N 322 
TRP H2   H N N 323 
TRP HA   H N N 324 
TRP HB2  H N N 325 
TRP HB3  H N N 326 
TRP HD1  H N N 327 
TRP HE1  H N N 328 
TRP HE3  H N N 329 
TRP HZ2  H N N 330 
TRP HZ3  H N N 331 
TRP HH2  H N N 332 
TRP HXT  H N N 333 
TYR N    N N N 334 
TYR CA   C N S 335 
TYR C    C N N 336 
TYR O    O N N 337 
TYR CB   C N N 338 
TYR CG   C Y N 339 
TYR CD1  C Y N 340 
TYR CD2  C Y N 341 
TYR CE1  C Y N 342 
TYR CE2  C Y N 343 
TYR CZ   C Y N 344 
TYR OH   O N N 345 
TYR OXT  O N N 346 
TYR H    H N N 347 
TYR H2   H N N 348 
TYR HA   H N N 349 
TYR HB2  H N N 350 
TYR HB3  H N N 351 
TYR HD1  H N N 352 
TYR HD2  H N N 353 
TYR HE1  H N N 354 
TYR HE2  H N N 355 
TYR HH   H N N 356 
TYR HXT  H N N 357 
VAL N    N N N 358 
VAL CA   C N S 359 
VAL C    C N N 360 
VAL O    O N N 361 
VAL CB   C N N 362 
VAL CG1  C N N 363 
VAL CG2  C N N 364 
VAL OXT  O N N 365 
VAL H    H N N 366 
VAL H2   H N N 367 
VAL HA   H N N 368 
VAL HB   H N N 369 
VAL HG11 H N N 370 
VAL HG12 H N N 371 
VAL HG13 H N N 372 
VAL HG21 H N N 373 
VAL HG22 H N N 374 
VAL HG23 H N N 375 
VAL HXT  H N N 376 
# 
loop_
_chem_comp_bond.comp_id 
_chem_comp_bond.atom_id_1 
_chem_comp_bond.atom_id_2 
_chem_comp_bond.value_order 
_chem_comp_bond.pdbx_aromatic_flag 
_chem_comp_bond.pdbx_stereo_config 
_chem_comp_bond.pdbx_ordinal 
ALA N   CA   sing N N 1   
ALA N   H    sing N N 2   
ALA N   H2   sing N N 3   
ALA CA  C    sing N N 4   
ALA CA  CB   sing N N 5   
ALA CA  HA   sing N N 6   
ALA C   O    doub N N 7   
ALA C   OXT  sing N N 8   
ALA CB  HB1  sing N N 9   
ALA CB  HB2  sing N N 10  
ALA CB  HB3  sing N N 11  
ALA OXT HXT  sing N N 12  
ARG N   CA   sing N N 13  
ARG N   H    sing N N 14  
ARG N   H2   sing N N 15  
ARG CA  C    sing N N 16  
ARG CA  CB   sing N N 17  
ARG CA  HA   sing N N 18  
ARG C   O    doub N N 19  
ARG C   OXT  sing N N 20  
ARG CB  CG   sing N N 21  
ARG CB  HB2  sing N N 22  
ARG CB  HB3  sing N N 23  
ARG CG  CD   sing N N 24  
ARG CG  HG2  sing N N 25  
ARG CG  HG3  sing N N 26  
ARG CD  NE   sing N N 27  
ARG CD  HD2  sing N N 28  
ARG CD  HD3  sing N N 29  
ARG NE  CZ   sing N N 30  
ARG NE  HE   sing N N 31  
ARG CZ  NH1  sing N N 32  
ARG CZ  NH2  doub N N 33  
ARG NH1 HH11 sing N N 34  
ARG NH1 HH12 sing N N 35  
ARG NH2 HH21 sing N N 36  
ARG NH2 HH22 sing N N 37  
ARG OXT HXT  sing N N 38  
ASN N   CA   sing N N 39  
ASN N   H    sing N N 40  
ASN N   H2   sing N N 41  
ASN CA  C    sing N N 42  
ASN CA  CB   sing N N 43  
ASN CA  HA   sing N N 44  
ASN C   O    doub N N 45  
ASN C   OXT  sing N N 46  
ASN CB  CG   sing N N 47  
ASN CB  HB2  sing N N 48  
ASN CB  HB3  sing N N 49  
ASN CG  OD1  doub N N 50  
ASN CG  ND2  sing N N 51  
ASN ND2 HD21 sing N N 52  
ASN ND2 HD22 sing N N 53  
ASN OXT HXT  sing N N 54  
ASP N   CA   sing N N 55  
ASP N   H    sing N N 56  
ASP N   H2   sing N N 57  
ASP CA  C    sing N N 58  
ASP CA  CB   sing N N 59  
ASP CA  HA   sing N N 60  
ASP C   O    doub N N 61  
ASP C   OXT  sing N N 62  
ASP CB  CG   sing N N 63  
ASP CB  HB2  sing N N 64  
ASP CB  HB3  sing N N 65  
ASP CG  OD1  doub N N 66  
ASP CG  OD2  sing N N 67  
ASP OD2 HD2  sing N N 68  
ASP OXT HXT  sing N N 69  
GLN N   CA   sing N N 70  
GLN N   H    sing N N 71  
GLN N   H2   sing N N 72  
GLN CA  C    sing N N 73  
GLN CA  CB   sing N N 74  
GLN CA  HA   sing N N 75  
GLN C   O    doub N N 76  
GLN C   OXT  sing N N 77  
GLN CB  CG   sing N N 78  
GLN CB  HB2  sing N N 79  
GLN CB  HB3  sing N N 80  
GLN CG  CD   sing N N 81  
GLN CG  HG2  sing N N 82  
GLN CG  HG3  sing N N 83  
GLN CD  OE1  doub N N 84  
GLN CD  NE2  sing N N 85  
GLN NE2 HE21 sing N N 86  
GLN NE2 HE22 sing N N 87  
GLN OXT HXT  sing N N 88  
GLU N   CA   sing N N 89  
GLU N   H    sing N N 90  
GLU N   H2   sing N N 91  
GLU CA  C    sing N N 92  
GLU CA  CB   sing N N 93  
GLU CA  HA   sing N N 94  
GLU C   O    doub N N 95  
GLU C   OXT  sing N N 96  
GLU CB  CG   sing N N 97  
GLU CB  HB2  sing N N 98  
GLU CB  HB3  sing N N 99  
GLU CG  CD   sing N N 100 
GLU CG  HG2  sing N N 101 
GLU CG  HG3  sing N N 102 
GLU CD  OE1  doub N N 103 
GLU CD  OE2  sing N N 104 
GLU OE2 HE2  sing N N 105 
GLU OXT HXT  sing N N 106 
GLY N   CA   sing N N 107 
GLY N   H    sing N N 108 
GLY N   H2   sing N N 109 
GLY CA  C    sing N N 110 
GLY CA  HA2  sing N N 111 
GLY CA  HA3  sing N N 112 
GLY C   O    doub N N 113 
GLY C   OXT  sing N N 114 
GLY OXT HXT  sing N N 115 
HIS N   CA   sing N N 116 
HIS N   H    sing N N 117 
HIS N   H2   sing N N 118 
HIS CA  C    sing N N 119 
HIS CA  CB   sing N N 120 
HIS CA  HA   sing N N 121 
HIS C   O    doub N N 122 
HIS C   OXT  sing N N 123 
HIS CB  CG   sing N N 124 
HIS CB  HB2  sing N N 125 
HIS CB  HB3  sing N N 126 
HIS CG  ND1  sing Y N 127 
HIS CG  CD2  doub Y N 128 
HIS ND1 CE1  doub Y N 129 
HIS ND1 HD1  sing N N 130 
HIS CD2 NE2  sing Y N 131 
HIS CD2 HD2  sing N N 132 
HIS CE1 NE2  sing Y N 133 
HIS CE1 HE1  sing N N 134 
HIS NE2 HE2  sing N N 135 
HIS OXT HXT  sing N N 136 
HOH O   H1   sing N N 137 
HOH O   H2   sing N N 138 
ILE N   CA   sing N N 139 
ILE N   H    sing N N 140 
ILE N   H2   sing N N 141 
ILE CA  C    sing N N 142 
ILE CA  CB   sing N N 143 
ILE CA  HA   sing N N 144 
ILE C   O    doub N N 145 
ILE C   OXT  sing N N 146 
ILE CB  CG1  sing N N 147 
ILE CB  CG2  sing N N 148 
ILE CB  HB   sing N N 149 
ILE CG1 CD1  sing N N 150 
ILE CG1 HG12 sing N N 151 
ILE CG1 HG13 sing N N 152 
ILE CG2 HG21 sing N N 153 
ILE CG2 HG22 sing N N 154 
ILE CG2 HG23 sing N N 155 
ILE CD1 HD11 sing N N 156 
ILE CD1 HD12 sing N N 157 
ILE CD1 HD13 sing N N 158 
ILE OXT HXT  sing N N 159 
LEU N   CA   sing N N 160 
LEU N   H    sing N N 161 
LEU N   H2   sing N N 162 
LEU CA  C    sing N N 163 
LEU CA  CB   sing N N 164 
LEU CA  HA   sing N N 165 
LEU C   O    doub N N 166 
LEU C   OXT  sing N N 167 
LEU CB  CG   sing N N 168 
LEU CB  HB2  sing N N 169 
LEU CB  HB3  sing N N 170 
LEU CG  CD1  sing N N 171 
LEU CG  CD2  sing N N 172 
LEU CG  HG   sing N N 173 
LEU CD1 HD11 sing N N 174 
LEU CD1 HD12 sing N N 175 
LEU CD1 HD13 sing N N 176 
LEU CD2 HD21 sing N N 177 
LEU CD2 HD22 sing N N 178 
LEU CD2 HD23 sing N N 179 
LEU OXT HXT  sing N N 180 
LYS N   CA   sing N N 181 
LYS N   H    sing N N 182 
LYS N   H2   sing N N 183 
LYS CA  C    sing N N 184 
LYS CA  CB   sing N N 185 
LYS CA  HA   sing N N 186 
LYS C   O    doub N N 187 
LYS C   OXT  sing N N 188 
LYS CB  CG   sing N N 189 
LYS CB  HB2  sing N N 190 
LYS CB  HB3  sing N N 191 
LYS CG  CD   sing N N 192 
LYS CG  HG2  sing N N 193 
LYS CG  HG3  sing N N 194 
LYS CD  CE   sing N N 195 
LYS CD  HD2  sing N N 196 
LYS CD  HD3  sing N N 197 
LYS CE  NZ   sing N N 198 
LYS CE  HE2  sing N N 199 
LYS CE  HE3  sing N N 200 
LYS NZ  HZ1  sing N N 201 
LYS NZ  HZ2  sing N N 202 
LYS NZ  HZ3  sing N N 203 
LYS OXT HXT  sing N N 204 
MET N   CA   sing N N 205 
MET N   H    sing N N 206 
MET N   H2   sing N N 207 
MET CA  C    sing N N 208 
MET CA  CB   sing N N 209 
MET CA  HA   sing N N 210 
MET C   O    doub N N 211 
MET C   OXT  sing N N 212 
MET CB  CG   sing N N 213 
MET CB  HB2  sing N N 214 
MET CB  HB3  sing N N 215 
MET CG  SD   sing N N 216 
MET CG  HG2  sing N N 217 
MET CG  HG3  sing N N 218 
MET SD  CE   sing N N 219 
MET CE  HE1  sing N N 220 
MET CE  HE2  sing N N 221 
MET CE  HE3  sing N N 222 
MET OXT HXT  sing N N 223 
PHE N   CA   sing N N 224 
PHE N   H    sing N N 225 
PHE N   H2   sing N N 226 
PHE CA  C    sing N N 227 
PHE CA  CB   sing N N 228 
PHE CA  HA   sing N N 229 
PHE C   O    doub N N 230 
PHE C   OXT  sing N N 231 
PHE CB  CG   sing N N 232 
PHE CB  HB2  sing N N 233 
PHE CB  HB3  sing N N 234 
PHE CG  CD1  doub Y N 235 
PHE CG  CD2  sing Y N 236 
PHE CD1 CE1  sing Y N 237 
PHE CD1 HD1  sing N N 238 
PHE CD2 CE2  doub Y N 239 
PHE CD2 HD2  sing N N 240 
PHE CE1 CZ   doub Y N 241 
PHE CE1 HE1  sing N N 242 
PHE CE2 CZ   sing Y N 243 
PHE CE2 HE2  sing N N 244 
PHE CZ  HZ   sing N N 245 
PHE OXT HXT  sing N N 246 
PRO N   CA   sing N N 247 
PRO N   CD   sing N N 248 
PRO N   H    sing N N 249 
PRO CA  C    sing N N 250 
PRO CA  CB   sing N N 251 
PRO CA  HA   sing N N 252 
PRO C   O    doub N N 253 
PRO C   OXT  sing N N 254 
PRO CB  CG   sing N N 255 
PRO CB  HB2  sing N N 256 
PRO CB  HB3  sing N N 257 
PRO CG  CD   sing N N 258 
PRO CG  HG2  sing N N 259 
PRO CG  HG3  sing N N 260 
PRO CD  HD2  sing N N 261 
PRO CD  HD3  sing N N 262 
PRO OXT HXT  sing N N 263 
SER N   CA   sing N N 264 
SER N   H    sing N N 265 
SER N   H2   sing N N 266 
SER CA  C    sing N N 267 
SER CA  CB   sing N N 268 
SER CA  HA   sing N N 269 
SER C   O    doub N N 270 
SER C   OXT  sing N N 271 
SER CB  OG   sing N N 272 
SER CB  HB2  sing N N 273 
SER CB  HB3  sing N N 274 
SER OG  HG   sing N N 275 
SER OXT HXT  sing N N 276 
THR N   CA   sing N N 277 
THR N   H    sing N N 278 
THR N   H2   sing N N 279 
THR CA  C    sing N N 280 
THR CA  CB   sing N N 281 
THR CA  HA   sing N N 282 
THR C   O    doub N N 283 
THR C   OXT  sing N N 284 
THR CB  OG1  sing N N 285 
THR CB  CG2  sing N N 286 
THR CB  HB   sing N N 287 
THR OG1 HG1  sing N N 288 
THR CG2 HG21 sing N N 289 
THR CG2 HG22 sing N N 290 
THR CG2 HG23 sing N N 291 
THR OXT HXT  sing N N 292 
TRP N   CA   sing N N 293 
TRP N   H    sing N N 294 
TRP N   H2   sing N N 295 
TRP CA  C    sing N N 296 
TRP CA  CB   sing N N 297 
TRP CA  HA   sing N N 298 
TRP C   O    doub N N 299 
TRP C   OXT  sing N N 300 
TRP CB  CG   sing N N 301 
TRP CB  HB2  sing N N 302 
TRP CB  HB3  sing N N 303 
TRP CG  CD1  doub Y N 304 
TRP CG  CD2  sing Y N 305 
TRP CD1 NE1  sing Y N 306 
TRP CD1 HD1  sing N N 307 
TRP CD2 CE2  doub Y N 308 
TRP CD2 CE3  sing Y N 309 
TRP NE1 CE2  sing Y N 310 
TRP NE1 HE1  sing N N 311 
TRP CE2 CZ2  sing Y N 312 
TRP CE3 CZ3  doub Y N 313 
TRP CE3 HE3  sing N N 314 
TRP CZ2 CH2  doub Y N 315 
TRP CZ2 HZ2  sing N N 316 
TRP CZ3 CH2  sing Y N 317 
TRP CZ3 HZ3  sing N N 318 
TRP CH2 HH2  sing N N 319 
TRP OXT HXT  sing N N 320 
TYR N   CA   sing N N 321 
TYR N   H    sing N N 322 
TYR N   H2   sing N N 323 
TYR CA  C    sing N N 324 
TYR CA  CB   sing N N 325 
TYR CA  HA   sing N N 326 
TYR C   O    doub N N 327 
TYR C   OXT  sing N N 328 
TYR CB  CG   sing N N 329 
TYR CB  HB2  sing N N 330 
TYR CB  HB3  sing N N 331 
TYR CG  CD1  doub Y N 332 
TYR CG  CD2  sing Y N 333 
TYR CD1 CE1  sing Y N 334 
TYR CD1 HD1  sing N N 335 
TYR CD2 CE2  doub Y N 336 
TYR CD2 HD2  sing N N 337 
TYR CE1 CZ   doub Y N 338 
TYR CE1 HE1  sing N N 339 
TYR CE2 CZ   sing Y N 340 
TYR CE2 HE2  sing N N 341 
TYR CZ  OH   sing N N 342 
TYR OH  HH   sing N N 343 
TYR OXT HXT  sing N N 344 
VAL N   CA   sing N N 345 
VAL N   H    sing N N 346 
VAL N   H2   sing N N 347 
VAL CA  C    sing N N 348 
VAL CA  CB   sing N N 349 
VAL CA  HA   sing N N 350 
VAL C   O    doub N N 351 
VAL C   OXT  sing N N 352 
VAL CB  CG1  sing N N 353 
VAL CB  CG2  sing N N 354 
VAL CB  HB   sing N N 355 
VAL CG1 HG11 sing N N 356 
VAL CG1 HG12 sing N N 357 
VAL CG1 HG13 sing N N 358 
VAL CG2 HG21 sing N N 359 
VAL CG2 HG22 sing N N 360 
VAL CG2 HG23 sing N N 361 
VAL OXT HXT  sing N N 362 
# 
_pdbx_audit_support.funding_organization   'Department of Defense (DOD, United States)' 
_pdbx_audit_support.country                'United States' 
_pdbx_audit_support.grant_number           ? 
_pdbx_audit_support.ordinal                1 
# 
_pdbx_initial_refinement_model.accession_code   ? 
_pdbx_initial_refinement_model.id               1 
_pdbx_initial_refinement_model.entity_id_list   ? 
_pdbx_initial_refinement_model.type             'in silico model' 
_pdbx_initial_refinement_model.source_name      Other 
_pdbx_initial_refinement_model.details          'computational model' 
# 
_space_group.name_H-M_alt     'P 31' 
_space_group.name_Hall        'P 31' 
_space_group.IT_number        144 
_space_group.crystal_system   trigonal 
_space_group.id               1 
# 
_atom_sites.entry_id                    7M0Q 
_atom_sites.Cartn_transf_matrix[1][1]   ? 
_atom_sites.Cartn_transf_matrix[1][2]   ? 
_atom_sites.Cartn_transf_matrix[1][3]   ? 
_atom_sites.Cartn_transf_matrix[2][1]   ? 
_atom_sites.Cartn_transf_matrix[2][2]   ? 
_atom_sites.Cartn_transf_matrix[2][3]   ? 
_atom_sites.Cartn_transf_matrix[3][1]   ? 
_atom_sites.Cartn_transf_matrix[3][2]   ? 
_atom_sites.Cartn_transf_matrix[3][3]   ? 
_atom_sites.Cartn_transf_vector[1]      ? 
_atom_sites.Cartn_transf_vector[2]      ? 
_atom_sites.Cartn_transf_vector[3]      ? 
_atom_sites.fract_transf_matrix[1][1]   -0.00587445 
_atom_sites.fract_transf_matrix[1][2]   -0.00395142 
_atom_sites.fract_transf_matrix[1][3]   -0.02391808 
_atom_sites.fract_transf_matrix[2][1]   0.01298680 
_atom_sites.fract_transf_matrix[2][2]   -0.01649427 
_atom_sites.fract_transf_matrix[2][3]   -0.01347165 
_atom_sites.fract_transf_matrix[3][1]   -0.00767757 
_atom_sites.fract_transf_matrix[3][2]   -0.00876817 
_atom_sites.fract_transf_matrix[3][3]   0.00333422 
_atom_sites.fract_transf_vector[1]      0.342597 
_atom_sites.fract_transf_vector[2]      0.405714 
_atom_sites.fract_transf_vector[3]      -0.053285 
_atom_sites.solution_primary            ? 
_atom_sites.solution_secondary          ? 
_atom_sites.solution_hydrogens          ? 
_atom_sites.special_details             ? 
# 
loop_
_atom_type.symbol 
_atom_type.scat_dispersion_real 
_atom_type.scat_dispersion_imag 
_atom_type.scat_Cromer_Mann_a1 
_atom_type.scat_Cromer_Mann_a2 
_atom_type.scat_Cromer_Mann_a3 
_atom_type.scat_Cromer_Mann_a4 
_atom_type.scat_Cromer_Mann_b1 
_atom_type.scat_Cromer_Mann_b2 
_atom_type.scat_Cromer_Mann_b3 
_atom_type.scat_Cromer_Mann_b4 
_atom_type.scat_Cromer_Mann_c 
_atom_type.scat_source 
_atom_type.scat_dispersion_source 
C ? ? 3.54356 2.42580 ? ? 25.62398 1.50364  ? ? 0.0 
;2-Gaussian fit: Grosse-Kunstleve RW, Sauter NK, Adams PD: Newsletter of the IUCr Commission on Crystallographic Computing 2004, 3, 22-31.
;
? 
N ? ? 4.01032 2.96436 ? ? 19.97189 1.75589  ? ? 0.0 
;2-Gaussian fit: Grosse-Kunstleve RW, Sauter NK, Adams PD: Newsletter of the IUCr Commission on Crystallographic Computing 2004, 3, 22-31.
;
? 
O ? ? 4.49882 3.47563 ? ? 15.80542 1.70748  ? ? 0.0 
;2-Gaussian fit: Grosse-Kunstleve RW, Sauter NK, Adams PD: Newsletter of the IUCr Commission on Crystallographic Computing 2004, 3, 22-31.
;
? 
S ? ? 9.55732 6.39887 ? ? 1.23737  29.19336 ? ? 0.0 
;2-Gaussian fit: Grosse-Kunstleve RW, Sauter NK, Adams PD: Newsletter of the IUCr Commission on Crystallographic Computing 2004, 3, 22-31.
;
? 
# 
loop_
_atom_site.group_PDB 
_atom_site.id 
_atom_site.type_symbol 
_atom_site.label_atom_id 
_atom_site.label_alt_id 
_atom_site.label_comp_id 
_atom_site.label_asym_id 
_atom_site.label_entity_id 
_atom_site.label_seq_id 
_atom_site.pdbx_PDB_ins_code 
_atom_site.Cartn_x 
_atom_site.Cartn_y 
_atom_site.Cartn_z 
_atom_site.occupancy 
_atom_site.B_iso_or_equiv 
_atom_site.pdbx_formal_charge 
_atom_site.auth_seq_id 
_atom_site.auth_comp_id 
_atom_site.auth_asym_id 
_atom_site.auth_atom_id 
_atom_site.pdbx_PDB_model_num 
ATOM   1    N N   . SER A 1 19  ? 14.78000  -17.76026 10.77556  1.000 78.64092  ?  2   SER A N   1 
ATOM   2    C CA  . SER A 1 19  ? 13.52244  -17.12182 11.14393  1.000 76.00413  ?  2   SER A CA  1 
ATOM   3    C C   . SER A 1 19  ? 13.71705  -15.63861 11.45105  1.000 59.66135  ?  2   SER A C   1 
ATOM   4    O O   . SER A 1 19  ? 13.96014  -14.83694 10.54793  1.000 71.62397  ?  2   SER A O   1 
ATOM   5    C CB  . SER A 1 19  ? 12.89626  -17.82695 12.34860  1.000 76.39876  ?  2   SER A CB  1 
ATOM   6    O OG  . SER A 1 19  ? 13.74989  -17.76170 13.47857  1.000 85.18358  ?  2   SER A OG  1 
ATOM   7    N N   . HIS A 1 20  ? 13.59571  -15.29000 12.73491  0.840 55.97006  ?  3   HIS A N   1 
ATOM   8    C CA  . HIS A 1 20  ? 13.74516  -13.91545 13.21983  0.840 48.43189  ?  3   HIS A CA  1 
ATOM   9    C C   . HIS A 1 20  ? 12.76230  -12.96082 12.54620  0.840 54.76696  ?  3   HIS A C   1 
ATOM   10   O O   . HIS A 1 20  ? 13.02351  -11.75966 12.44111  0.840 50.11961  ?  3   HIS A O   1 
ATOM   11   C CB  . HIS A 1 20  ? 15.18094  -13.41145 13.03903  0.840 46.31831  ?  3   HIS A CB  1 
ATOM   12   C CG  . HIS A 1 20  ? 16.22027  -14.32912 13.60219  0.840 74.64666  ?  3   HIS A CG  1 
ATOM   13   N ND1 . HIS A 1 20  ? 15.93121  -15.29420 14.54260  0.840 73.17279  ?  3   HIS A ND1 1 
ATOM   14   C CD2 . HIS A 1 20  ? 17.54693  -14.43283 13.35212  0.840 72.49622  ?  3   HIS A CD2 1 
ATOM   15   C CE1 . HIS A 1 20  ? 17.03526  -15.95120 14.84957  0.840 66.82839  ?  3   HIS A CE1 1 
ATOM   16   N NE2 . HIS A 1 20  ? 18.03009  -15.44797 14.14128  0.840 73.05332  ?  3   HIS A NE2 1 
ATOM   17   N N   . MET A 1 21  ? 11.62418  -13.48363 12.09176  1.000 56.67954  ?  4   MET A N   1 
ATOM   18   C CA  . MET A 1 21  ? 10.63021  -12.71197 11.35172  1.000 44.86425  ?  4   MET A CA  1 
ATOM   19   C C   . MET A 1 21  ? 9.30972   -12.78441 12.10742  1.000 24.30933  ?  4   MET A C   1 
ATOM   20   O O   . MET A 1 21  ? 8.71354   -13.86062 12.22427  1.000 35.48255  ?  4   MET A O   1 
ATOM   21   C CB  . MET A 1 21  ? 10.48517  -13.24172 9.92568   1.000 39.67605  ?  4   MET A CB  1 
ATOM   22   C CG  . MET A 1 21  ? 9.71439   -12.33171 8.98613   1.000 42.81040  ?  4   MET A CG  1 
ATOM   23   S SD  . MET A 1 21  ? 9.85302   -12.86114 7.26719   1.000 35.46898  ?  4   MET A SD  1 
ATOM   24   C CE  . MET A 1 21  ? 11.62075  -12.71962 7.01105   1.000 29.57604  ?  4   MET A CE  1 
ATOM   25   N N   . ASN A 1 22  ? 8.85607   -11.64414 12.61578  1.000 27.65923  ?  5   ASN A N   1 
ATOM   26   C CA  . ASN A 1 22  ? 7.65674   -11.57052 13.43393  1.000 19.68931  ?  5   ASN A CA  1 
ATOM   27   C C   . ASN A 1 22  ? 6.45778   -11.16845 12.58584  1.000 18.47830  ?  5   ASN A C   1 
ATOM   28   O O   . ASN A 1 22  ? 6.59212   -10.47758 11.57270  1.000 22.82616  ?  5   ASN A O   1 
ATOM   29   C CB  . ASN A 1 22  ? 7.83948   -10.56622 14.57326  1.000 19.68878  ?  5   ASN A CB  1 
ATOM   30   C CG  . ASN A 1 22  ? 9.22580   -10.62203 15.18121  1.000 47.33850  ?  5   ASN A CG  1 
ATOM   31   O OD1 . ASN A 1 22  ? 9.97206   -9.64309  15.14379  1.000 46.33541  ?  5   ASN A OD1 1 
ATOM   32   N ND2 . ASN A 1 22  ? 9.57984   -11.77151 15.74363  1.000 69.39416  ?  5   ASN A ND2 1 
ATOM   33   N N   . ILE A 1 23  ? 5.27852   -11.60978 13.01363  1.000 15.92341  ?  6   ILE A N   1 
ATOM   34   C CA  . ILE A 1 23  ? 4.01487   -11.22876 12.39606  1.000 12.45892  ?  6   ILE A CA  1 
ATOM   35   C C   . ILE A 1 23  ? 3.17954   -10.51001 13.44455  1.000 11.43665  ?  6   ILE A C   1 
ATOM   36   O O   . ILE A 1 23  ? 3.06540   -10.97876 14.58316  1.000 10.49784  ?  6   ILE A O   1 
ATOM   37   C CB  . ILE A 1 23  ? 3.26218   -12.44680 11.82950  1.000 14.85897  ?  6   ILE A CB  1 
ATOM   38   C CG1 . ILE A 1 23  ? 4.11443   -13.15147 10.77182  1.000 16.99530  ?  6   ILE A CG1 1 
ATOM   39   C CG2 . ILE A 1 23  ? 1.92389   -12.02365 11.23783  1.000 8.19489   ?  6   ILE A CG2 1 
ATOM   40   C CD1 . ILE A 1 23  ? 3.43254   -14.33705 10.12679  1.000 17.73603  ?  6   ILE A CD1 1 
ATOM   41   N N   . GLN A 1 24  ? 2.60673   -9.37172  13.06380  1.000 10.11549  ?  7   GLN A N   1 
ATOM   42   C CA  . GLN A 1 24  ? 1.80918   -8.55460  13.96607  1.000 10.13891  ?  7   GLN A CA  1 
ATOM   43   C C   . GLN A 1 24  ? 0.47408   -8.25606  13.30366  1.000 10.94473  ?  7   GLN A C   1 
ATOM   44   O O   . GLN A 1 24  ? 0.43608   -7.82921  12.14561  1.000 14.87159  ?  7   GLN A O   1 
ATOM   45   C CB  . GLN A 1 24  ? 2.54052   -7.25538  14.31551  1.000 13.81355  ?  7   GLN A CB  1 
ATOM   46   C CG  . GLN A 1 24  ? 2.14444   -6.65007  15.64582  1.000 25.64359  ?  7   GLN A CG  1 
ATOM   47   C CD  . GLN A 1 24  ? 2.96188   -5.42021  15.98047  1.000 38.42858  ?  7   GLN A CD  1 
ATOM   48   O OE1 . GLN A 1 24  ? 3.26810   -4.60945  15.10590  1.000 45.61812  ?  7   GLN A OE1 1 
ATOM   49   N NE2 . GLN A 1 24  ? 3.32919   -5.27907  17.24891  1.000 30.96976  ?  7   GLN A NE2 1 
ATOM   50   N N   . VAL A 1 25  ? -0.61518  -8.48841  14.03157  1.000 18.77434  ?  8   VAL A N   1 
ATOM   51   C CA  . VAL A 1 25  ? -1.96672  -8.27477  13.52795  1.000 14.40826  ?  8   VAL A CA  1 
ATOM   52   C C   . VAL A 1 25  ? -2.65524  -7.25012  14.41698  1.000 22.46376  ?  8   VAL A C   1 
ATOM   53   O O   . VAL A 1 25  ? -2.57728  -7.33741  15.64795  1.000 27.18125  ?  8   VAL A O   1 
ATOM   54   C CB  . VAL A 1 25  ? -2.77321  -9.58573  13.48271  1.000 13.71498  ?  8   VAL A CB  1 
ATOM   55   C CG1 . VAL A 1 25  ? -4.16238  -9.33431  12.91647  1.000 18.85861  ?  8   VAL A CG1 1 
ATOM   56   C CG2 . VAL A 1 25  ? -2.04028  -10.63248 12.65928  1.000 23.57667  ?  8   VAL A CG2 1 
ATOM   57   N N   . SER A 1 26  ? -3.32577  -6.28326  13.79467  1.000 17.05513  ?  9   SER A N   1 
ATOM   58   C CA  . SER A 1 26  ? -4.08574  -5.26491  14.50556  1.000 20.48566  ?  9   SER A CA  1 
ATOM   59   C C   . SER A 1 26  ? -5.51816  -5.25703  13.99246  1.000 23.19008  ?  9   SER A C   1 
ATOM   60   O O   . SER A 1 26  ? -5.74691  -5.21302  12.77928  1.000 22.20494  ?  9   SER A O   1 
ATOM   61   C CB  . SER A 1 26  ? -3.45500  -3.88030  14.33611  1.000 19.65649  ?  9   SER A CB  1 
ATOM   62   O OG  . SER A 1 26  ? -3.59751  -3.41697  13.00656  1.000 36.84684  ?  9   SER A OG  1 
ATOM   63   N N   . LEU A 1 27  ? -6.47497  -5.30322  14.91496  1.000 25.91990  ?  10  LEU A N   1 
ATOM   64   C CA  . LEU A 1 27  ? -7.89271  -5.24649  14.58515  1.000 22.83376  ?  10  LEU A CA  1 
ATOM   65   C C   . LEU A 1 27  ? -8.43197  -3.86029  14.90937  1.000 23.05582  ?  10  LEU A C   1 
ATOM   66   O O   . LEU A 1 27  ? -8.18122  -3.33108  15.99688  1.000 23.84882  ?  10  LEU A O   1 
ATOM   67   C CB  . LEU A 1 27  ? -8.67735  -6.31383  15.35046  1.000 29.43114  ?  10  LEU A CB  1 
ATOM   68   C CG  . LEU A 1 27  ? -8.37840  -7.77117  14.99348  1.000 27.17685  ?  10  LEU A CG  1 
ATOM   69   C CD1 . LEU A 1 27  ? -9.17090  -8.71721  15.88135  1.000 32.73486  ?  10  LEU A CD1 1 
ATOM   70   C CD2 . LEU A 1 27  ? -8.68295  -8.03203  13.52839  1.000 30.52417  ?  10  LEU A CD2 1 
ATOM   71   N N   . GLN A 1 28  ? -9.16816  -3.27722  13.96508  1.000 29.94286  ?  11  GLN A N   1 
ATOM   72   C CA  . GLN A 1 28  ? -9.73440  -1.94224  14.11898  1.000 37.07411  ?  11  GLN A CA  1 
ATOM   73   C C   . GLN A 1 28  ? -11.20756 -1.98450  13.74580  1.000 43.10329  ?  11  GLN A C   1 
ATOM   74   O O   . GLN A 1 28  ? -11.55674 -2.39241  12.63334  1.000 53.90452  ?  11  GLN A O   1 
ATOM   75   C CB  . GLN A 1 28  ? -8.98677  -0.92191  13.25620  1.000 27.32369  ?  11  GLN A CB  1 
ATOM   76   C CG  . GLN A 1 28  ? -7.56154  -0.65532  13.71192  1.000 49.19786  ?  11  GLN A CG  1 
ATOM   77   C CD  . GLN A 1 28  ? -6.54911  -0.84102  12.59909  1.000 59.60940  ?  11  GLN A CD  1 
ATOM   78   O OE1 . GLN A 1 28  ? -6.82073  -1.51092  11.60285  1.000 50.41667  ?  11  GLN A OE1 1 
ATOM   79   N NE2 . GLN A 1 28  ? -5.37348  -0.24423  12.76238  1.000 54.95688  ?  11  GLN A NE2 1 
ATOM   80   N N   . TRP A 1 29  ? -12.06331 -1.56167  14.67101  1.000 50.02773  ?  12  TRP A N   1 
ATOM   81   C CA  . TRP A 1 29  ? -13.50593 -1.57186  14.45694  1.000 53.20945  ?  12  TRP A CA  1 
ATOM   82   C C   . TRP A 1 29  ? -14.19055 -0.50831  15.30811  1.000 60.77917  ?  12  TRP A C   1 
ATOM   83   O O   . TRP A 1 29  ? -13.71238 0.62153   15.40754  1.000 60.57243  ?  12  TRP A O   1 
ATOM   84   C CB  . TRP A 1 29  ? -14.08431 -2.95474  14.76969  1.000 52.12256  ?  12  TRP A CB  1 
ATOM   85   C CG  . TRP A 1 29  ? -13.38995 -3.65066  15.90192  1.000 68.08392  ?  12  TRP A CG  1 
ATOM   86   C CD1 . TRP A 1 29  ? -12.32796 -4.50254  15.80948  1.000 68.07307  ?  12  TRP A CD1 1 
ATOM   87   C CD2 . TRP A 1 29  ? -13.70454 -3.55292  17.29715  1.000 77.17322  ?  12  TRP A CD2 1 
ATOM   88   N NE1 . TRP A 1 29  ? -11.96231 -4.94201  17.05836  1.000 71.38693  ?  12  TRP A NE1 1 
ATOM   89   C CE2 . TRP A 1 29  ? -12.79165 -4.37409  17.98921  1.000 73.44564  ?  12  TRP A CE2 1 
ATOM   90   C CE3 . TRP A 1 29  ? -14.66951 -2.85327  18.02764  1.000 77.03441  ?  12  TRP A CE3 1 
ATOM   91   C CZ2 . TRP A 1 29  ? -12.81450 -4.51337  19.37569  1.000 63.04567  ?  12  TRP A CZ2 1 
ATOM   92   C CZ3 . TRP A 1 29  ? -14.68977 -2.99240  19.40484  1.000 83.38563  ?  12  TRP A CZ3 1 
ATOM   93   C CH2 . TRP A 1 29  ? -13.76866 -3.81620  20.06361  1.000 75.70274  ?  12  TRP A CH2 1 
ATOM   94   N N   . VAL A 1 37  ? -14.04580 4.47383   18.03583  1.000 48.67840  ?  20  VAL A N   1 
ATOM   95   C CA  . VAL A 1 37  ? -12.86723 3.90855   17.39137  1.000 49.41500  ?  20  VAL A CA  1 
ATOM   96   C C   . VAL A 1 37  ? -12.13236 2.98754   18.35957  1.000 52.79095  ?  20  VAL A C   1 
ATOM   97   O O   . VAL A 1 37  ? -11.83152 3.37126   19.48994  1.000 51.36300  ?  20  VAL A O   1 
ATOM   98   C CB  . VAL A 1 37  ? -11.93336 5.01436   16.87229  1.000 55.85859  ?  20  VAL A CB  1 
ATOM   99   C CG1 . VAL A 1 37  ? -10.78170 4.40945   16.08423  1.000 60.01525  ?  20  VAL A CG1 1 
ATOM   100  C CG2 . VAL A 1 37  ? -12.71069 6.00542   16.01945  1.000 65.98628  ?  20  VAL A CG2 1 
ATOM   101  N N   . PHE A 1 38  ? -11.84528 1.76920   17.90719  1.000 62.08615  ?  21  PHE A N   1 
ATOM   102  C CA  . PHE A 1 38  ? -11.21149 0.74963   18.72959  1.000 47.50395  ?  21  PHE A CA  1 
ATOM   103  C C   . PHE A 1 38  ? -10.09501 0.09015   17.93506  1.000 46.64112  ?  21  PHE A C   1 
ATOM   104  O O   . PHE A 1 38  ? -10.24590 -0.16643  16.73750  1.000 50.89343  ?  21  PHE A O   1 
ATOM   105  C CB  . PHE A 1 38  ? -12.23013 -0.30424  19.18610  1.000 52.65484  ?  21  PHE A CB  1 
ATOM   106  C CG  . PHE A 1 38  ? -13.54524 0.27516   19.62768  1.000 73.17117  ?  21  PHE A CG  1 
ATOM   107  C CD1 . PHE A 1 38  ? -14.57872 0.45325   18.72180  1.000 75.22259  ?  21  PHE A CD1 1 
ATOM   108  C CD2 . PHE A 1 38  ? -13.74694 0.64507   20.94656  1.000 81.39323  ?  21  PHE A CD2 1 
ATOM   109  C CE1 . PHE A 1 38  ? -15.78794 0.98669   19.12261  1.000 92.52463  ?  21  PHE A CE1 1 
ATOM   110  C CE2 . PHE A 1 38  ? -14.95453 1.18000   21.35403  1.000 85.74854  ?  21  PHE A CE2 1 
ATOM   111  C CZ  . PHE A 1 38  ? -15.97612 1.35071   20.44063  1.000 104.59172 ?  21  PHE A CZ  1 
ATOM   112  N N   . SER A 1 39  ? -8.97536  -0.18070  18.60385  1.000 47.28001  ?  22  SER A N   1 
ATOM   113  C CA  . SER A 1 39  ? -7.80449  -0.75946  17.95746  1.000 34.25687  ?  22  SER A CA  1 
ATOM   114  C C   . SER A 1 39  ? -7.17175  -1.78195  18.88701  1.000 31.26639  ?  22  SER A C   1 
ATOM   115  O O   . SER A 1 39  ? -6.85112  -1.46298  20.03535  1.000 32.77204  ?  22  SER A O   1 
ATOM   116  C CB  . SER A 1 39  ? -6.78417  0.32411   17.58772  1.000 28.92825  ?  22  SER A CB  1 
ATOM   117  O OG  . SER A 1 39  ? -5.63479  -0.24046  16.98120  1.000 44.84715  ?  22  SER A OG  1 
ATOM   118  N N   . HIS A 1 40  ? -6.98863  -3.00421  18.38953  0.670 20.99193  ?  23  HIS A N   1 
ATOM   119  C CA  . HIS A 1 40  ? -6.39647  -4.08942  19.16691  0.670 19.53283  ?  23  HIS A CA  1 
ATOM   120  C C   . HIS A 1 40  ? -5.27298  -4.71694  18.35558  0.670 17.21405  ?  23  HIS A C   1 
ATOM   121  O O   . HIS A 1 40  ? -5.52559  -5.33015  17.31416  0.670 12.56510  ?  23  HIS A O   1 
ATOM   122  C CB  . HIS A 1 40  ? -7.44226  -5.13965  19.54068  0.670 16.44838  ?  23  HIS A CB  1 
ATOM   123  C CG  . HIS A 1 40  ? -6.90714  -6.24495  20.39646  0.670 27.66641  ?  23  HIS A CG  1 
ATOM   124  N ND1 . HIS A 1 40  ? -5.74506  -6.12354  21.12789  0.670 26.76606  ?  23  HIS A ND1 1 
ATOM   125  C CD2 . HIS A 1 40  ? -7.37533  -7.49202  20.63839  0.670 30.46491  ?  23  HIS A CD2 1 
ATOM   126  C CE1 . HIS A 1 40  ? -5.52085  -7.24792  21.78383  0.670 19.61316  ?  23  HIS A CE1 1 
ATOM   127  N NE2 . HIS A 1 40  ? -6.49518  -8.09477  21.50395  0.670 30.66990  ?  23  HIS A NE2 1 
ATOM   128  N N   . THR A 1 41  ? -4.04203  -4.57412  18.83827  1.000 16.27358  ?  24  THR A N   1 
ATOM   129  C CA  . THR A 1 41  ? -2.86334  -5.13920  18.19780  1.000 19.95599  ?  24  THR A CA  1 
ATOM   130  C C   . THR A 1 41  ? -2.35707  -6.32052  19.01560  1.000 16.76993  ?  24  THR A C   1 
ATOM   131  O O   . THR A 1 41  ? -2.36647  -6.28062  20.24936  1.000 17.53036  ?  24  THR A O   1 
ATOM   132  C CB  . THR A 1 41  ? -1.75910  -4.08452  18.05428  1.000 19.70634  ?  24  THR A CB  1 
ATOM   133  O OG1 . THR A 1 41  ? -2.25721  -2.96566  17.30936  1.000 24.86072  ?  24  THR A OG1 1 
ATOM   134  C CG2 . THR A 1 41  ? -0.54548  -4.65994  17.33696  1.000 19.09761  ?  24  THR A CG2 1 
ATOM   135  N N   . VAL A 1 42  ? -1.92310  -7.37490  18.32825  1.000 13.45469  ?  25  VAL A N   1 
ATOM   136  C CA  . VAL A 1 42  ? -1.43353  -8.58359  18.98172  1.000 16.84365  ?  25  VAL A CA  1 
ATOM   137  C C   . VAL A 1 42  ? -0.23140  -9.10928  18.20846  1.000 18.33940  ?  25  VAL A C   1 
ATOM   138  O O   . VAL A 1 42  ? -0.27114  -9.20800  16.97742  1.000 13.68013  ?  25  VAL A O   1 
ATOM   139  C CB  . VAL A 1 42  ? -2.53493  -9.65916  19.08737  1.000 14.63010  ?  25  VAL A CB  1 
ATOM   140  C CG1 . VAL A 1 42  ? -3.25695  -9.82657  17.75776  1.000 25.11990  ?  25  VAL A CG1 1 
ATOM   141  C CG2 . VAL A 1 42  ? -1.95084  -10.98412 19.55718  1.000 17.32508  ?  25  VAL A CG2 1 
ATOM   142  N N   . ASN A 1 43  ? 0.84335   -9.42746  18.92795  1.000 13.33541  ?  26  ASN A N   1 
ATOM   143  C CA  . ASN A 1 43  ? 2.00039   -10.07966 18.32805  1.000 14.19930  ?  26  ASN A CA  1 
ATOM   144  C C   . ASN A 1 43  ? 1.70787   -11.56625 18.17782  1.000 15.61021  ?  26  ASN A C   1 
ATOM   145  O O   . ASN A 1 43  ? 1.37439   -12.24036 19.15798  1.000 19.20423  ?  26  ASN A O   1 
ATOM   146  C CB  . ASN A 1 43  ? 3.24981   -9.86542  19.17928  1.000 11.82056  ?  26  ASN A CB  1 
ATOM   147  C CG  . ASN A 1 43  ? 3.58241   -8.40168  19.37170  1.000 14.65503  ?  26  ASN A CG  1 
ATOM   148  O OD1 . ASN A 1 43  ? 3.08185   -7.53776  18.65252  1.000 24.86125  ?  26  ASN A OD1 1 
ATOM   149  N ND2 . ASN A 1 43  ? 4.43959   -8.11521  20.34474  1.000 21.98671  ?  26  ASN A ND2 1 
ATOM   150  N N   . ILE A 1 44  ? 1.83227   -12.07423 16.96082  1.000 19.65974  ?  27  ILE A N   1 
ATOM   151  C CA  . ILE A 1 44  ? 1.52270   -13.47993 16.69285  1.000 20.68050  ?  27  ILE A CA  1 
ATOM   152  C C   . ILE A 1 44  ? 2.67605   -14.34299 17.19345  1.000 18.55612  ?  27  ILE A C   1 
ATOM   153  O O   . ILE A 1 44  ? 3.83929   -14.05725 16.86753  1.000 16.02270  ?  27  ILE A O   1 
ATOM   154  C CB  . ILE A 1 44  ? 1.27849   -13.69912 15.20385  1.000 12.90135  ?  27  ILE A CB  1 
ATOM   155  C CG1 . ILE A 1 44  ? 0.14881   -12.79191 14.71320  1.000 11.02337  ?  27  ILE A CG1 1 
ATOM   156  C CG2 . ILE A 1 44  ? 0.95157   -15.15811 14.92695  1.000 9.83035   ?  27  ILE A CG2 1 
ATOM   157  C CD1 . ILE A 1 44  ? -1.16641  -13.01724 15.42249  1.000 9.35376   ?  27  ILE A CD1 1 
ATOM   158  N N   . PRO A 1 45  ? 2.40950   -15.37860 17.98464  1.000 24.99894  ?  28  PRO A N   1 
ATOM   159  C CA  . PRO A 1 45  ? 3.47175   -16.30839 18.37590  1.000 21.53972  ?  28  PRO A CA  1 
ATOM   160  C C   . PRO A 1 45  ? 3.99376   -17.06023 17.16578  1.000 31.79877  ?  28  PRO A C   1 
ATOM   161  O O   . PRO A 1 45  ? 3.21937   -17.41962 16.26611  1.000 39.06843  ?  28  PRO A O   1 
ATOM   162  C CB  . PRO A 1 45  ? 2.77155   -17.25727 19.36204  1.000 16.02167  ?  28  PRO A CB  1 
ATOM   163  C CG  . PRO A 1 45  ? 1.55075   -16.52063 19.81162  1.000 21.12129  ?  28  PRO A CG  1 
ATOM   164  C CD  . PRO A 1 45  ? 1.12843   -15.69552 18.63705  1.000 27.10261  ?  28  PRO A CD  1 
ATOM   165  N N   . PRO A 1 46  ? 5.29675   -17.32256 17.10469  1.000 33.44570  ?  29  PRO A N   1 
ATOM   166  C CA  . PRO A 1 46  ? 5.85127   -18.00801 15.93363  1.000 31.40338  ?  29  PRO A CA  1 
ATOM   167  C C   . PRO A 1 46  ? 5.62998   -19.51056 16.00682  1.000 31.30638  ?  29  PRO A C   1 
ATOM   168  O O   . PRO A 1 46  ? 5.78434   -20.13533 17.05931  1.000 48.52426  ?  29  PRO A O   1 
ATOM   169  C CB  . PRO A 1 46  ? 7.34392   -17.65717 15.99167  1.000 38.69437  ?  29  PRO A CB  1 
ATOM   170  C CG  . PRO A 1 46  ? 7.60988   -17.23676 17.42524  1.000 41.72458  ?  29  PRO A CG  1 
ATOM   171  C CD  . PRO A 1 46  ? 6.30088   -17.13722 18.16463  1.000 36.69969  ?  29  PRO A CD  1 
ATOM   172  N N   . GLY A 1 47  ? 5.25672   -20.08742 14.86740  1.000 27.66842  ?  30  GLY A N   1 
ATOM   173  C CA  . GLY A 1 47  ? 5.01393   -21.51346 14.78388  1.000 23.62553  ?  30  GLY A CA  1 
ATOM   174  C C   . GLY A 1 47  ? 3.74736   -21.86465 14.03124  1.000 38.82486  ?  30  GLY A C   1 
ATOM   175  O O   . GLY A 1 47  ? 3.62229   -22.97012 13.49587  1.000 52.70593  ?  30  GLY A O   1 
ATOM   176  N N   . GLY A 1 48  ? 2.79871   -20.92837 13.98013  1.000 30.03416  ?  31  GLY A N   1 
ATOM   177  C CA  . GLY A 1 48  ? 1.53951   -21.19130 13.32134  1.000 27.95190  ?  31  GLY A CA  1 
ATOM   178  C C   . GLY A 1 48  ? 1.59564   -20.96247 11.82295  1.000 26.96463  ?  31  GLY A C   1 
ATOM   179  O O   . GLY A 1 48  ? 2.49152   -20.30691 11.29163  1.000 28.53201  ?  31  GLY A O   1 
ATOM   180  N N   . THR A 1 49  ? 0.60895   -21.52370 11.13290  1.000 27.75385  ?  32  THR A N   1 
ATOM   181  C CA  . THR A 1 49  ? 0.49697   -21.37311 9.69189   1.000 29.81431  ?  32  THR A CA  1 
ATOM   182  C C   . THR A 1 49  ? -0.41176  -20.19414 9.35026   1.000 24.38461  ?  32  THR A C   1 
ATOM   183  O O   . THR A 1 49  ? -1.09207  -19.62833 10.20842  1.000 27.63736  ?  32  THR A O   1 
ATOM   184  C CB  . THR A 1 49  ? -0.03232  -22.65894 9.05536   1.000 32.79062  ?  32  THR A CB  1 
ATOM   185  O OG1 . THR A 1 49  ? -1.36820  -22.90635 9.51041   1.000 43.04204  ?  32  THR A OG1 1 
ATOM   186  C CG2 . THR A 1 49  ? 0.84976   -23.83936 9.43242   1.000 36.04995  ?  32  THR A CG2 1 
ATOM   187  N N   . ALA A 1 50  ? -0.41559  -19.82521 8.06698   1.000 21.76307  ?  33  ALA A N   1 
ATOM   188  C CA  . ALA A 1 50  ? -1.22571  -18.69409 7.62610   1.000 19.59444  ?  33  ALA A CA  1 
ATOM   189  C C   . ALA A 1 50  ? -2.71020  -18.95534 7.84717   1.000 26.51993  ?  33  ALA A C   1 
ATOM   190  O O   . ALA A 1 50  ? -3.46589  -18.03707 8.18714   1.000 24.37981  ?  33  ALA A O   1 
ATOM   191  C CB  . ALA A 1 50  ? -0.94577  -18.38977 6.15488   1.000 19.05069  ?  33  ALA A CB  1 
ATOM   192  N N   . GLU A 1 51  ? -3.14808  -20.20261 7.66136   1.000 29.51056  ?  34  GLU A N   1 
ATOM   193  C CA  . GLU A 1 51  ? -4.55144  -20.52723 7.89403   1.000 23.16452  ?  34  GLU A CA  1 
ATOM   194  C C   . GLU A 1 51  ? -4.88238  -20.49465 9.38088   1.000 23.93693  ?  34  GLU A C   1 
ATOM   195  O O   . GLU A 1 51  ? -5.95955  -20.03088 9.77289   1.000 21.62778  ?  34  GLU A O   1 
ATOM   196  C CB  . GLU A 1 51  ? -4.88496  -21.89505 7.29703   1.000 32.04293  ?  34  GLU A CB  1 
ATOM   197  C CG  . GLU A 1 51  ? -4.43278  -22.07442 5.85435   1.000 39.73538  ?  34  GLU A CG  1 
ATOM   198  C CD  . GLU A 1 51  ? -3.03035  -22.64519 5.74853   1.000 57.64247  ?  34  GLU A CD  1 
ATOM   199  O OE1 . GLU A 1 51  ? -2.77886  -23.71682 6.33969   1.000 61.30445  ?  34  GLU A OE1 1 
ATOM   200  O OE2 . GLU A 1 51  ? -2.17825  -22.02020 5.08249   1.000 59.62672  -1 34  GLU A OE2 1 
ATOM   201  N N   . GLN A 1 52  ? -3.96638  -20.97824 10.22398  1.000 21.71140  ?  35  GLN A N   1 
ATOM   202  C CA  . GLN A 1 52  ? -4.19235  -20.93564 11.66504  1.000 16.77954  ?  35  GLN A CA  1 
ATOM   203  C C   . GLN A 1 52  ? -4.20173  -19.50217 12.17990  1.000 20.42769  ?  35  GLN A C   1 
ATOM   204  O O   . GLN A 1 52  ? -5.01556  -19.15252 13.04276  1.000 24.93500  ?  35  GLN A O   1 
ATOM   205  C CB  . GLN A 1 52  ? -3.12735  -21.76028 12.38769  1.000 30.85931  ?  35  GLN A CB  1 
ATOM   206  C CG  . GLN A 1 52  ? -3.22382  -23.25644 12.13676  1.000 41.26761  ?  35  GLN A CG  1 
ATOM   207  C CD  . GLN A 1 52  ? -2.02643  -24.01623 12.67298  1.000 55.01705  ?  35  GLN A CD  1 
ATOM   208  O OE1 . GLN A 1 52  ? -0.98628  -23.42894 12.97084  1.000 61.45443  ?  35  GLN A OE1 1 
ATOM   209  N NE2 . GLN A 1 52  ? -2.16765  -25.33034 12.79866  1.000 45.61332  ?  35  GLN A NE2 1 
ATOM   210  N N   . ILE A 1 53  ? -3.30416  -18.65929 11.66431  1.000 24.06144  ?  36  ILE A N   1 
ATOM   211  C CA  . ILE A 1 53  ? -3.28367  -17.25542 12.06725  1.000 16.07147  ?  36  ILE A CA  1 
ATOM   212  C C   . ILE A 1 53  ? -4.58573  -16.57312 11.66783  1.000 17.57384  ?  36  ILE A C   1 
ATOM   213  O O   . ILE A 1 53  ? -5.21486  -15.87565 12.47210  1.000 24.58668  ?  36  ILE A O   1 
ATOM   214  C CB  . ILE A 1 53  ? -2.06158  -16.54015 11.46285  1.000 25.00240  ?  36  ILE A CB  1 
ATOM   215  C CG1 . ILE A 1 53  ? -0.76764  -17.09070 12.06534  1.000 18.13086  ?  36  ILE A CG1 1 
ATOM   216  C CG2 . ILE A 1 53  ? -2.15516  -15.03688 11.68298  1.000 17.89088  ?  36  ILE A CG2 1 
ATOM   217  C CD1 . ILE A 1 53  ? 0.48737   -16.50414 11.45665  1.000 15.43212  ?  36  ILE A CD1 1 
ATOM   218  N N   . ALA A 1 54  ? -5.01658  -16.77848 10.42027  1.000 19.27309  ?  37  ALA A N   1 
ATOM   219  C CA  . ALA A 1 54  ? -6.24021  -16.14184 9.94232   1.000 16.49706  ?  37  ALA A CA  1 
ATOM   220  C C   . ALA A 1 54  ? -7.46136  -16.63231 10.71090  1.000 20.48490  ?  37  ALA A C   1 
ATOM   221  O O   . ALA A 1 54  ? -8.37848  -15.85257 10.99384  1.000 21.08682  ?  37  ALA A O   1 
ATOM   222  C CB  . ALA A 1 54  ? -6.41086  -16.39391 8.44472   1.000 15.55102  ?  37  ALA A CB  1 
ATOM   223  N N   . ASP A 1 55  ? -7.49425  -17.92266 11.05566  1.000 21.89168  ?  38  ASP A N   1 
ATOM   224  C CA  . ASP A 1 55  ? -8.61824  -18.45126 11.82323  1.000 23.08378  ?  38  ASP A CA  1 
ATOM   225  C C   . ASP A 1 55  ? -8.64917  -17.86999 13.23129  1.000 27.51137  ?  38  ASP A C   1 
ATOM   226  O O   . ASP A 1 55  ? -9.72406  -17.55216 13.75367  1.000 40.58492  ?  38  ASP A O   1 
ATOM   227  C CB  . ASP A 1 55  ? -8.55241  -19.97832 11.87758  1.000 19.83623  ?  38  ASP A CB  1 
ATOM   228  C CG  . ASP A 1 55  ? -8.90539  -20.62799 10.55240  1.000 27.29247  ?  38  ASP A CG  1 
ATOM   229  O OD1 . ASP A 1 55  ? -9.68426  -20.02777 9.78174   1.000 21.10016  ?  38  ASP A OD1 1 
ATOM   230  O OD2 . ASP A 1 55  ? -8.40641  -21.74227 10.28449  1.000 27.32423  -1 38  ASP A OD2 1 
ATOM   231  N N   . ASN A 1 56  ? -7.48154  -17.72627 13.86268  1.000 33.08743  ?  39  ASN A N   1 
ATOM   232  C CA  . ASN A 1 56  ? -7.43579  -17.15958 15.20660  1.000 34.36017  ?  39  ASN A CA  1 
ATOM   233  C C   . ASN A 1 56  ? -7.83167  -15.68813 15.20070  1.000 32.22215  ?  39  ASN A C   1 
ATOM   234  O O   . ASN A 1 56  ? -8.49076  -15.21394 16.13304  1.000 35.08912  ?  39  ASN A O   1 
ATOM   235  C CB  . ASN A 1 56  ? -6.04019  -17.33811 15.80516  1.000 39.75143  ?  39  ASN A CB  1 
ATOM   236  C CG  . ASN A 1 56  ? -5.68145  -18.79499 16.02698  1.000 48.19014  ?  39  ASN A CG  1 
ATOM   237  O OD1 . ASN A 1 56  ? -6.38662  -19.69636 15.57361  1.000 48.02095  ?  39  ASN A OD1 1 
ATOM   238  N ND2 . ASN A 1 56  ? -4.57513  -19.03258 16.72324  1.000 42.01451  ?  39  ASN A ND2 1 
ATOM   239  N N   . ILE A 1 57  ? -7.44326  -14.95099 14.15827  1.000 29.87372  ?  40  ILE A N   1 
ATOM   240  C CA  . ILE A 1 57  ? -7.76345  -13.52850 14.09906  1.000 31.14096  ?  40  ILE A CA  1 
ATOM   241  C C   . ILE A 1 57  ? -9.25974  -13.32214 13.89846  1.000 33.03915  ?  40  ILE A C   1 
ATOM   242  O O   . ILE A 1 57  ? -9.87074  -12.45830 14.53929  1.000 37.44856  ?  40  ILE A O   1 
ATOM   243  C CB  . ILE A 1 57  ? -6.93669  -12.84064 12.99698  1.000 28.75807  ?  40  ILE A CB  1 
ATOM   244  C CG1 . ILE A 1 57  ? -5.44984  -12.86726 13.35599  1.000 32.80306  ?  40  ILE A CG1 1 
ATOM   245  C CG2 . ILE A 1 57  ? -7.40592  -11.41039 12.78319  1.000 18.97925  ?  40  ILE A CG2 1 
ATOM   246  C CD1 . ILE A 1 57  ? -5.14991  -12.35492 14.74855  1.000 44.30983  ?  40  ILE A CD1 1 
ATOM   247  N N   . LEU A 1 58  ? -9.87689  -14.11193 13.01541  1.000 26.48475  ?  41  LEU A N   1 
ATOM   248  C CA  . LEU A 1 58  ? -11.31400 -13.98231 12.79634  1.000 34.98125  ?  41  LEU A CA  1 
ATOM   249  C C   . LEU A 1 58  ? -12.11081 -14.39849 14.02489  1.000 39.07583  ?  41  LEU A C   1 
ATOM   250  O O   . LEU A 1 58  ? -13.21434 -13.88764 14.24803  1.000 47.26427  ?  41  LEU A O   1 
ATOM   251  C CB  . LEU A 1 58  ? -11.74393 -14.80813 11.58511  1.000 44.77734  ?  41  LEU A CB  1 
ATOM   252  C CG  . LEU A 1 58  ? -11.21514 -14.34787 10.22667  1.000 52.03834  ?  41  LEU A CG  1 
ATOM   253  C CD1 . LEU A 1 58  ? -11.88317 -15.13154 9.11097   1.000 54.76164  ?  41  LEU A CD1 1 
ATOM   254  C CD2 . LEU A 1 58  ? -11.42784 -12.85315 10.04217  1.000 48.78578  ?  41  LEU A CD2 1 
ATOM   255  N N   . ASP A 1 59  ? -11.57660 -15.32168 14.82657  1.000 42.51089  ?  42  ASP A N   1 
ATOM   256  C CA  . ASP A 1 59  ? -12.25086 -15.69613 16.06410  1.000 46.34896  ?  42  ASP A CA  1 
ATOM   257  C C   . ASP A 1 59  ? -12.20268 -14.55803 17.07567  1.000 47.69654  ?  42  ASP A C   1 
ATOM   258  O O   . ASP A 1 59  ? -13.16482 -14.34042 17.82119  1.000 51.91750  ?  42  ASP A O   1 
ATOM   259  C CB  . ASP A 1 59  ? -11.62112 -16.96346 16.64165  1.000 40.89903  ?  42  ASP A CB  1 
ATOM   260  C CG  . ASP A 1 59  ? -12.56613 -17.71996 17.55365  1.000 66.95487  ?  42  ASP A CG  1 
ATOM   261  O OD1 . ASP A 1 59  ? -13.55702 -18.28448 17.04381  1.000 70.68110  ?  42  ASP A OD1 1 
ATOM   262  O OD2 . ASP A 1 59  ? -12.31802 -17.75397 18.77711  1.000 78.33602  -1 42  ASP A OD2 1 
ATOM   263  N N   . MET A 1 60  ? -11.09043 -13.81982 17.11416  1.000 47.21161  ?  43  MET A N   1 
ATOM   264  C CA  . MET A 1 60  ? -11.01319 -12.64520 17.97592  1.000 43.13209  ?  43  MET A CA  1 
ATOM   265  C C   . MET A 1 60  ? -11.94618 -11.54626 17.48668  1.000 48.31237  ?  43  MET A C   1 
ATOM   266  O O   . MET A 1 60  ? -12.59291 -10.86679 18.29227  1.000 54.19623  ?  43  MET A O   1 
ATOM   267  C CB  . MET A 1 60  ? -9.57467  -12.13554 18.04233  1.000 38.86876  ?  43  MET A CB  1 
ATOM   268  C CG  . MET A 1 60  ? -8.65295  -12.96831 18.91342  1.000 41.75717  ?  43  MET A CG  1 
ATOM   269  S SD  . MET A 1 60  ? -6.96176  -12.35624 18.83716  1.000 69.61162  ?  43  MET A SD  1 
ATOM   270  C CE  . MET A 1 60  ? -7.23871  -10.60866 19.11220  1.000 49.87064  ?  43  MET A CE  1 
ATOM   271  N N   . ALA A 1 61  ? -12.02615 -11.35619 16.16794  1.000 56.12035  ?  44  ALA A N   1 
ATOM   272  C CA  . ALA A 1 61  ? -12.96249 -10.38474 15.61686  1.000 62.03007  ?  44  ALA A CA  1 
ATOM   273  C C   . ALA A 1 61  ? -14.40716 -10.78915 15.88019  1.000 75.73111  ?  44  ALA A C   1 
ATOM   274  O O   . ALA A 1 61  ? -15.27358 -9.91985  16.03559  1.000 89.69341  ?  44  ALA A O   1 
ATOM   275  C CB  . ALA A 1 61  ? -12.71841 -10.21384 14.11749  1.000 46.07225  ?  44  ALA A CB  1 
ATOM   276  N N   . ARG A 1 62  ? -14.68684 -12.09478 15.93283  1.000 65.33094  ?  45  ARG A N   1 
ATOM   277  C CA  . ARG A 1 62  ? -16.03093 -12.55999 16.25082  1.000 62.60642  ?  45  ARG A CA  1 
ATOM   278  C C   . ARG A 1 62  ? -16.36132 -12.43035 17.73186  1.000 72.70582  ?  45  ARG A C   1 
ATOM   279  O O   . ARG A 1 62  ? -17.51004 -12.67662 18.11588  1.000 67.60467  ?  45  ARG A O   1 
ATOM   280  C CB  . ARG A 1 62  ? -16.21028 -14.01128 15.80094  1.000 70.69727  ?  45  ARG A CB  1 
ATOM   281  C CG  . ARG A 1 62  ? -16.75963 -14.17520 14.38592  1.000 73.29818  ?  45  ARG A CG  1 
ATOM   282  C CD  . ARG A 1 62  ? -16.71929 -15.63348 13.95204  1.000 95.29542  ?  45  ARG A CD  1 
ATOM   283  N NE  . ARG A 1 62  ? -15.39095 -16.03052 13.49976  1.000 107.25034 ?  45  ARG A NE  1 
ATOM   284  C CZ  . ARG A 1 62  ? -14.94694 -17.28004 13.48166  1.000 94.47014  ?  45  ARG A CZ  1 
ATOM   285  N NH1 . ARG A 1 62  ? -15.68871 -18.28395 13.92106  1.000 98.47038  ?  45  ARG A NH1 1 
ATOM   286  N NH2 . ARG A 1 62  ? -13.72480 -17.52768 13.01855  1.000 70.71520  ?  45  ARG A NH2 1 
ATOM   287  N N   . SER A 1 63  ? -15.38977 -12.06713 18.57278  1.000 68.72956  ?  46  SER A N   1 
ATOM   288  C CA  . SER A 1 63  ? -15.72256 -11.70597 19.94563  1.000 71.07693  ?  46  SER A CA  1 
ATOM   289  C C   . SER A 1 63  ? -16.51539 -10.40645 19.97446  1.000 90.95837  ?  46  SER A C   1 
ATOM   290  O O   . SER A 1 63  ? -17.42639 -10.24333 20.79477  1.000 101.75312 ?  46  SER A O   1 
ATOM   291  C CB  . SER A 1 63  ? -14.45343 -11.58862 20.78853  1.000 57.29699  ?  46  SER A CB  1 
ATOM   292  O OG  . SER A 1 63  ? -13.77047 -12.82991 20.85230  1.000 64.18159  ?  46  SER A OG  1 
ATOM   293  N N   . LEU A 1 64  ? -16.18537 -9.47441  19.08090  1.000 81.18310  ?  47  LEU A N   1 
ATOM   294  C CA  . LEU A 1 64  ? -17.02159 -8.30327  18.83018  1.000 77.99785  ?  47  LEU A CA  1 
ATOM   295  C C   . LEU A 1 64  ? -17.88466 -8.57331  17.59815  1.000 83.86329  ?  47  LEU A C   1 
ATOM   296  O O   . LEU A 1 64  ? -17.74121 -7.96211  16.53848  1.000 70.91280  ?  47  LEU A O   1 
ATOM   297  C CB  . LEU A 1 64  ? -16.15765 -7.05934  18.66013  1.000 56.43827  ?  47  LEU A CB  1 
ATOM   298  N N   . GLN A 1 65  ? -18.80383 -9.52421  17.76951  1.000 79.40280  ?  48  GLN A N   1 
ATOM   299  C CA  . GLN A 1 65  ? -19.62075 -10.03306 16.67313  1.000 79.32620  ?  48  GLN A CA  1 
ATOM   300  C C   . GLN A 1 65  ? -20.75997 -9.09045  16.30448  1.000 90.49417  ?  48  GLN A C   1 
ATOM   301  O O   . GLN A 1 65  ? -20.72093 -7.89874  16.63002  1.000 90.09835  ?  48  GLN A O   1 
ATOM   302  C CB  . GLN A 1 65  ? -20.18725 -11.40527 17.03402  1.000 70.82393  ?  48  GLN A CB  1 
ATOM   303  N N   . ASP A 1 66  ? -21.77449 -9.62900  15.62027  1.000 88.88545  ?  49  ASP A N   1 
ATOM   304  C CA  . ASP A 1 66  ? -22.93542 -8.87156  15.16271  1.000 100.37988 ?  49  ASP A CA  1 
ATOM   305  C C   . ASP A 1 66  ? -22.49787 -7.69193  14.30369  1.000 95.67317  ?  49  ASP A C   1 
ATOM   306  O O   . ASP A 1 66  ? -21.99392 -7.88449  13.19186  1.000 83.02267  ?  49  ASP A O   1 
ATOM   307  C CB  . ASP A 1 66  ? -23.78031 -8.40081  16.35151  1.000 98.61392  ?  49  ASP A CB  1 
ATOM   308  N N   . GLU A 1 67  ? -22.66926 -6.47339  14.81179  1.000 103.29291 ?  50  GLU A N   1 
ATOM   309  C CA  . GLU A 1 67  ? -22.23652 -5.29391  14.07495  1.000 103.07457 ?  50  GLU A CA  1 
ATOM   310  C C   . GLU A 1 67  ? -20.71914 -5.28991  13.95138  1.000 99.12566  ?  50  GLU A C   1 
ATOM   311  O O   . GLU A 1 67  ? -20.00401 -5.25737  14.95764  1.000 113.55876 ?  50  GLU A O   1 
ATOM   312  C CB  . GLU A 1 67  ? -22.72485 -4.02629  14.77337  1.000 96.53801  ?  50  GLU A CB  1 
ATOM   313  N N   . GLY A 1 68  ? -20.22846 -5.34185  12.71716  1.000 89.49377  ?  51  GLY A N   1 
ATOM   314  C CA  . GLY A 1 68  ? -18.79922 -5.38100  12.48848  1.000 92.18789  ?  51  GLY A CA  1 
ATOM   315  C C   . GLY A 1 68  ? -18.40948 -6.16138  11.25265  1.000 84.53324  ?  51  GLY A C   1 
ATOM   316  O O   . GLY A 1 68  ? -18.23799 -7.38287  11.30416  1.000 80.67568  ?  51  GLY A O   1 
ATOM   317  N N   . TRP A 1 69  ? -18.26872 -5.45888  10.13134  1.000 75.71808  ?  52  TRP A N   1 
ATOM   318  C CA  . TRP A 1 69  ? -17.85299 -6.07723  8.88021   1.000 78.23823  ?  52  TRP A CA  1 
ATOM   319  C C   . TRP A 1 69  ? -17.15042 -5.04642  8.00818   1.000 70.46740  ?  52  TRP A C   1 
ATOM   320  O O   . TRP A 1 69  ? -15.94513 -5.14996  7.75940   1.000 74.70341  ?  52  TRP A O   1 
ATOM   321  C CB  . TRP A 1 69  ? -19.05431 -6.67875  8.14857   1.000 82.64214  ?  52  TRP A CB  1 
ATOM   322  N N   . ASP A 1 70  ? -17.89599 -4.04158  7.54678   1.000 63.24491  ?  53  ASP A N   1 
ATOM   323  C CA  . ASP A 1 70  ? -17.28259 -2.97019  6.77144   1.000 76.76319  ?  53  ASP A CA  1 
ATOM   324  C C   . ASP A 1 70  ? -16.38123 -2.10928  7.64913   1.000 81.11056  ?  53  ASP A C   1 
ATOM   325  O O   . ASP A 1 70  ? -15.32370 -1.64838  7.20263   1.000 81.73942  ?  53  ASP A O   1 
ATOM   326  C CB  . ASP A 1 70  ? -18.36842 -2.12445  6.10729   1.000 61.43544  ?  53  ASP A CB  1 
ATOM   327  N N   . LYS A 1 71  ? -16.77648 -1.89638  8.90775   1.000 83.07187  ?  54  LYS A N   1 
ATOM   328  C CA  . LYS A 1 71  ? -15.95956 -1.12365  9.83578   1.000 72.11198  ?  54  LYS A CA  1 
ATOM   329  C C   . LYS A 1 71  ? -14.71341 -1.88241  10.27764  1.000 57.89521  ?  54  LYS A C   1 
ATOM   330  O O   . LYS A 1 71  ? -13.73179 -1.25279  10.68745  1.000 53.98256  ?  54  LYS A O   1 
ATOM   331  C CB  . LYS A 1 71  ? -16.78897 -0.72786  11.06097  1.000 61.85259  ?  54  LYS A CB  1 
ATOM   332  C CG  . LYS A 1 71  ? -17.05865 -1.87403  12.02535  1.000 66.97267  ?  54  LYS A CG  1 
ATOM   333  C CD  . LYS A 1 71  ? -17.95742 -1.43876  13.17670  1.000 76.41825  ?  54  LYS A CD  1 
ATOM   334  C CE  . LYS A 1 71  ? -17.95297 -2.46064  14.30722  1.000 74.31801  ?  54  LYS A CE  1 
ATOM   335  N NZ  . LYS A 1 71  ? -19.00713 -2.17006  15.31906  1.000 96.26658  ?  54  LYS A NZ  1 
ATOM   336  N N   . LEU A 1 72  ? -14.72651 -3.21177  10.20186  1.000 52.70435  ?  55  LEU A N   1 
ATOM   337  C CA  . LEU A 1 72  ? -13.57991 -3.99582  10.63679  1.000 45.73562  ?  55  LEU A CA  1 
ATOM   338  C C   . LEU A 1 72  ? -12.44194 -3.86687  9.63346   1.000 41.11831  ?  55  LEU A C   1 
ATOM   339  O O   . LEU A 1 72  ? -12.62863 -4.08874  8.43317   1.000 51.75760  ?  55  LEU A O   1 
ATOM   340  C CB  . LEU A 1 72  ? -13.97557 -5.46016  10.80621  1.000 42.42035  ?  55  LEU A CB  1 
ATOM   341  C CG  . LEU A 1 72  ? -12.86186 -6.41104  11.25631  1.000 34.71664  ?  55  LEU A CG  1 
ATOM   342  C CD1 . LEU A 1 72  ? -12.36255 -6.04111  12.64251  1.000 37.20465  ?  55  LEU A CD1 1 
ATOM   343  C CD2 . LEU A 1 72  ? -13.32601 -7.85888  11.21921  1.000 35.15988  ?  55  LEU A CD2 1 
ATOM   344  N N   . THR A 1 73  ? -11.26431 -3.49305  10.12674  1.000 28.17512  ?  56  THR A N   1 
ATOM   345  C CA  . THR A 1 73  ? -10.05866 -3.39191  9.31361   1.000 35.95374  ?  56  THR A CA  1 
ATOM   346  C C   . THR A 1 73  ? -8.98064  -4.26772  9.93437   1.000 27.71354  ?  56  THR A C   1 
ATOM   347  O O   . THR A 1 73  ? -8.60763  -4.06826  11.09527  1.000 27.55774  ?  56  THR A O   1 
ATOM   348  C CB  . THR A 1 73  ? -9.57669  -1.94255  9.20629   1.000 38.55371  ?  56  THR A CB  1 
ATOM   349  O OG1 . THR A 1 73  ? -10.56128 -1.15904  8.52021   1.000 49.89143  ?  56  THR A OG1 1 
ATOM   350  C CG2 . THR A 1 73  ? -8.25710  -1.87473  8.44928   1.000 25.73121  ?  56  THR A CG2 1 
ATOM   351  N N   . VAL A 1 74  ? -8.48258  -5.23014  9.16467   1.000 15.33584  ?  57  VAL A N   1 
ATOM   352  C CA  . VAL A 1 74  ? -7.43431  -6.13695  9.61602   1.000 23.08797  ?  57  VAL A CA  1 
ATOM   353  C C   . VAL A 1 74  ? -6.12472  -5.71234  8.96705   1.000 19.88923  ?  57  VAL A C   1 
ATOM   354  O O   . VAL A 1 74  ? -5.99907  -5.71820  7.73628   1.000 18.23635  ?  57  VAL A O   1 
ATOM   355  C CB  . VAL A 1 74  ? -7.77185  -7.59782  9.28169   1.000 13.61660  ?  57  VAL A CB  1 
ATOM   356  C CG1 . VAL A 1 74  ? -6.68690  -8.52611  9.80938   1.000 10.40343  ?  57  VAL A CG1 1 
ATOM   357  C CG2 . VAL A 1 74  ? -9.12475  -7.97186  9.86123   1.000 22.08277  ?  57  VAL A CG2 1 
ATOM   358  N N   . GLN A 1 75  ? -5.14992  -5.34236  9.79289   1.000 20.70797  ?  58  GLN A N   1 
ATOM   359  C CA  . GLN A 1 75  ? -3.83267  -4.93114  9.32674   1.000 19.96923  ?  58  GLN A CA  1 
ATOM   360  C C   . GLN A 1 75  ? -2.80227  -5.93681  9.81656   1.000 15.82955  ?  58  GLN A C   1 
ATOM   361  O O   . GLN A 1 75  ? -2.71258  -6.20382  11.01971  1.000 18.82623  ?  58  GLN A O   1 
ATOM   362  C CB  . GLN A 1 75  ? -3.48859  -3.52273  9.81430   1.000 26.31751  ?  58  GLN A CB  1 
ATOM   363  C CG  . GLN A 1 75  ? -4.49410  -2.45951  9.39779   1.000 37.47748  ?  58  GLN A CG  1 
ATOM   364  C CD  . GLN A 1 75  ? -4.12746  -1.07822  9.90532   1.000 47.88124  ?  58  GLN A CD  1 
ATOM   365  O OE1 . GLN A 1 75  ? -4.95034  -0.16257  9.90044   1.000 46.91965  ?  58  GLN A OE1 1 
ATOM   366  N NE2 . GLN A 1 75  ? -2.88414  -0.92099  10.34532  1.000 56.85104  ?  58  GLN A NE2 1 
ATOM   367  N N   . VAL A 1 76  ? -2.03463  -6.49374  8.88499   1.000 15.98453  ?  59  VAL A N   1 
ATOM   368  C CA  . VAL A 1 76  ? -0.98403  -7.45689  9.18697   1.000 11.84970  ?  59  VAL A CA  1 
ATOM   369  C C   . VAL A 1 76  ? 0.35773   -6.82677  8.84344   1.000 18.50032  ?  59  VAL A C   1 
ATOM   370  O O   . VAL A 1 76  ? 0.48988   -6.13818  7.82453   1.000 18.68642  ?  59  VAL A O   1 
ATOM   371  C CB  . VAL A 1 76  ? -1.18731  -8.77545  8.41528   1.000 8.62224   ?  59  VAL A CB  1 
ATOM   372  C CG1 . VAL A 1 76  ? -0.26913  -9.85463  8.95902   1.000 13.12396  ?  59  VAL A CG1 1 
ATOM   373  C CG2 . VAL A 1 76  ? -2.64248  -9.21468  8.48659   1.000 19.79194  ?  59  VAL A CG2 1 
ATOM   374  N N   . THR A 1 77  ? 1.35112   -7.05740  9.69772   1.000 16.76270  ?  60  THR A N   1 
ATOM   375  C CA  . THR A 1 77  ? 2.69046   -6.52090  9.50327   1.000 13.93604  ?  60  THR A CA  1 
ATOM   376  C C   . THR A 1 77  ? 3.70079   -7.64725  9.64687   1.000 14.34226  ?  60  THR A C   1 
ATOM   377  O O   . THR A 1 77  ? 3.65275   -8.40662  10.61953  1.000 15.30486  ?  60  THR A O   1 
ATOM   378  C CB  . THR A 1 77  ? 2.99484   -5.40387  10.50804  1.000 17.21495  ?  60  THR A CB  1 
ATOM   379  O OG1 . THR A 1 77  ? 1.98438   -4.39165  10.41880  1.000 27.15320  ?  60  THR A OG1 1 
ATOM   380  C CG2 . THR A 1 77  ? 4.34921   -4.78009  10.21488  1.000 25.54330  ?  60  THR A CG2 1 
ATOM   381  N N   . VAL A 1 78  ? 4.60555   -7.75564  8.67885   1.000 14.49313  ?  61  VAL A N   1 
ATOM   382  C CA  . VAL A 1 78  ? 5.66843   -8.75403  8.68836   1.000 11.53034  ?  61  VAL A CA  1 
ATOM   383  C C   . VAL A 1 78  ? 6.97044   -8.02809  9.00007   1.000 14.40016  ?  61  VAL A C   1 
ATOM   384  O O   . VAL A 1 78  ? 7.47402   -7.25565  8.17497   1.000 19.73841  ?  61  VAL A O   1 
ATOM   385  C CB  . VAL A 1 78  ? 5.75438   -9.51004  7.35533   1.000 15.61376  ?  61  VAL A CB  1 
ATOM   386  C CG1 . VAL A 1 78  ? 6.84083   -10.57269 7.41462   1.000 13.94163  ?  61  VAL A CG1 1 
ATOM   387  C CG2 . VAL A 1 78  ? 4.41024   -10.13379 7.01179   1.000 19.91882  ?  61  VAL A CG2 1 
ATOM   388  N N   . ASN A 1 79  ? 7.51617   -8.26854  10.19105  1.000 14.42420  ?  62  ASN A N   1 
ATOM   389  C CA  . ASN A 1 79  ? 8.73888   -7.62384  10.63631  1.000 13.34316  ?  62  ASN A CA  1 
ATOM   390  C C   . ASN A 1 79  ? 9.83855   -8.66145  10.81272  1.000 21.33142  ?  62  ASN A C   1 
ATOM   391  O O   . ASN A 1 79  ? 9.64157   -9.64521  11.53965  1.000 32.34749  ?  62  ASN A O   1 
ATOM   392  C CB  . ASN A 1 79  ? 8.51965   -6.87711  11.96281  1.000 20.43533  ?  62  ASN A CB  1 
ATOM   393  C CG  . ASN A 1 79  ? 7.27778   -6.01301  11.94767  1.000 33.56942  ?  62  ASN A CG  1 
ATOM   394  O OD1 . ASN A 1 79  ? 7.32380   -4.84460  11.56270  1.000 42.46135  ?  62  ASN A OD1 1 
ATOM   395  N ND2 . ASN A 1 79  ? 6.15659   -6.58359  12.37490  1.000 25.88807  ?  62  ASN A ND2 1 
ATOM   396  N N   . PRO A 1 80  ? 11.00964  -8.48057  10.18493  1.000 25.77515  ?  63  PRO A N   1 
ATOM   397  C CA  . PRO A 1 80  ? 11.29637  -7.35296  9.29518   1.000 22.13103  ?  63  PRO A CA  1 
ATOM   398  C C   . PRO A 1 80  ? 10.89107  -7.62980  7.85212   1.000 19.81663  ?  63  PRO A C   1 
ATOM   399  O O   . PRO A 1 80  ? 10.35990  -8.69982  7.55599   1.000 21.29488  ?  63  PRO A O   1 
ATOM   400  C CB  . PRO A 1 80  ? 12.80989  -7.20831  9.41267   1.000 20.25522  ?  63  PRO A CB  1 
ATOM   401  C CG  . PRO A 1 80  ? 13.27694  -8.61158  9.60223   1.000 21.41833  ?  63  PRO A CG  1 
ATOM   402  C CD  . PRO A 1 80  ? 12.20962  -9.30281  10.42340  1.000 25.81219  ?  63  PRO A CD  1 
ATOM   403  N N   . GLY A 1 81  ? 11.14566  -6.67346  6.96446   1.000 24.98216  ?  64  GLY A N   1 
ATOM   404  C CA  . GLY A 1 81  ? 10.82513  -6.83194  5.56372   1.000 23.94391  ?  64  GLY A CA  1 
ATOM   405  C C   . GLY A 1 81  ? 11.85677  -7.56300  4.73830   1.000 25.38138  ?  64  GLY A C   1 
ATOM   406  O O   . GLY A 1 81  ? 11.70034  -7.65945  3.51868   1.000 32.93635  ?  64  GLY A O   1 
ATOM   407  N N   . PHE A 1 82  ? 12.90862  -8.08572  5.36160   1.000 28.81515  ?  65  PHE A N   1 
ATOM   408  C CA  . PHE A 1 82  ? 13.97585  -8.77961  4.66035   1.000 27.57831  ?  65  PHE A CA  1 
ATOM   409  C C   . PHE A 1 82  ? 14.22318  -10.14050 5.29467   1.000 22.93993  ?  65  PHE A C   1 
ATOM   410  O O   . PHE A 1 82  ? 14.06245  -10.29881 6.50930   1.000 27.28077  ?  65  PHE A O   1 
ATOM   411  C CB  . PHE A 1 82  ? 15.27511  -7.95814  4.67015   1.000 14.47695  ?  65  PHE A CB  1 
ATOM   412  C CG  . PHE A 1 82  ? 15.74225  -7.57148  6.04543   1.000 17.71549  ?  65  PHE A CG  1 
ATOM   413  C CD1 . PHE A 1 82  ? 15.30058  -6.39943  6.63790   1.000 20.20889  ?  65  PHE A CD1 1 
ATOM   414  C CD2 . PHE A 1 82  ? 16.63081  -8.37427  6.74220   1.000 18.68728  ?  65  PHE A CD2 1 
ATOM   415  C CE1 . PHE A 1 82  ? 15.73111  -6.04001  7.90088   1.000 19.20481  ?  65  PHE A CE1 1 
ATOM   416  C CE2 . PHE A 1 82  ? 17.06345  -8.01996  8.00604   1.000 17.03614  ?  65  PHE A CE2 1 
ATOM   417  C CZ  . PHE A 1 82  ? 16.61349  -6.85150  8.58580   1.000 17.28472  ?  65  PHE A CZ  1 
ATOM   418  N N   . PRO A 1 83  ? 14.61125  -11.15312 4.49513   1.000 25.91546  ?  66  PRO A N   1 
ATOM   419  C CA  . PRO A 1 83  ? 14.79598  -11.13531 3.03627   1.000 23.45930  ?  66  PRO A CA  1 
ATOM   420  C C   . PRO A 1 83  ? 13.49732  -10.87807 2.27734   1.000 23.47452  ?  66  PRO A C   1 
ATOM   421  O O   . PRO A 1 83  ? 12.45359  -11.41616 2.64686   1.000 24.75747  ?  66  PRO A O   1 
ATOM   422  C CB  . PRO A 1 83  ? 15.33125  -12.53958 2.73004   1.000 17.98113  ?  66  PRO A CB  1 
ATOM   423  C CG  . PRO A 1 83  ? 15.90506  -13.02070 4.01846   1.000 20.87931  ?  66  PRO A CG  1 
ATOM   424  C CD  . PRO A 1 83  ? 15.01696  -12.44421 5.07536   1.000 25.27463  ?  66  PRO A CD  1 
ATOM   425  N N   . LYS A 1 84  ? 13.57690  -10.05099 1.23153   1.000 24.96799  ?  67  LYS A N   1 
ATOM   426  C CA  . LYS A 1 84  ? 12.37127  -9.60844  0.53866   1.000 25.39184  ?  67  LYS A CA  1 
ATOM   427  C C   . LYS A 1 84  ? 11.61652  -10.78223 -0.07117  1.000 24.03594  ?  67  LYS A C   1 
ATOM   428  O O   . LYS A 1 84  ? 10.38117  -10.81054 -0.05276  1.000 29.41998  ?  67  LYS A O   1 
ATOM   429  C CB  . LYS A 1 84  ? 12.73214  -8.58430  -0.53763  1.000 35.26436  ?  67  LYS A CB  1 
ATOM   430  C CG  . LYS A 1 84  ? 11.64388  -7.55578  -0.79630  1.000 29.64343  ?  67  LYS A CG  1 
ATOM   431  C CD  . LYS A 1 84  ? 11.36693  -6.74921  0.46188   1.000 48.81779  ?  67  LYS A CD  1 
ATOM   432  C CE  . LYS A 1 84  ? 10.22675  -5.76611  0.26953   1.000 47.17339  ?  67  LYS A CE  1 
ATOM   433  N NZ  . LYS A 1 84  ? 9.94426   -5.02366  1.52959   1.000 42.40415  ?  67  LYS A NZ  1 
ATOM   434  N N   . GLU A 1 85  ? 12.34060  -11.76330 -0.61257  1.000 29.93032  ?  68  GLU A N   1 
ATOM   435  C CA  . GLU A 1 85  ? 11.68056  -12.91950 -1.20989  1.000 27.81763  ?  68  GLU A CA  1 
ATOM   436  C C   . GLU A 1 85  ? 10.96936  -13.75471 -0.15234  1.000 29.39390  ?  68  GLU A C   1 
ATOM   437  O O   . GLU A 1 85  ? 9.86632   -14.26045 -0.39067  1.000 39.38837  ?  68  GLU A O   1 
ATOM   438  C CB  . GLU A 1 85  ? 12.69459  -13.76937 -1.97807  1.000 35.38797  ?  68  GLU A CB  1 
ATOM   439  C CG  . GLU A 1 85  ? 13.32778  -13.06726 -3.17577  1.000 61.17630  ?  68  GLU A CG  1 
ATOM   440  C CD  . GLU A 1 85  ? 14.40637  -12.07491 -2.77760  1.000 78.48900  ?  68  GLU A CD  1 
ATOM   441  O OE1 . GLU A 1 85  ? 15.13242  -12.34574 -1.79751  1.000 69.40975  ?  68  GLU A OE1 1 
ATOM   442  O OE2 . GLU A 1 85  ? 14.52195  -11.02066 -3.43805  1.000 70.63014  -1 68  GLU A OE2 1 
ATOM   443  N N   . THR A 1 86  ? 11.58118  -13.90540 1.02432   1.000 23.74067  ?  69  THR A N   1 
ATOM   444  C CA  . THR A 1 86  ? 10.94021  -14.65916 2.09675   1.000 17.36930  ?  69  THR A CA  1 
ATOM   445  C C   . THR A 1 86  ? 9.77926   -13.87888 2.70118   1.000 27.49463  ?  69  THR A C   1 
ATOM   446  O O   . THR A 1 86  ? 8.70244   -14.43972 2.93802   1.000 24.39173  ?  69  THR A O   1 
ATOM   447  C CB  . THR A 1 86  ? 11.96508  -15.01646 3.17420   1.000 24.90860  ?  69  THR A CB  1 
ATOM   448  O OG1 . THR A 1 86  ? 12.98958  -15.84293 2.60695   1.000 30.18726  ?  69  THR A OG1 1 
ATOM   449  C CG2 . THR A 1 86  ? 11.29899  -15.76165 4.32173   1.000 21.49585  ?  69  THR A CG2 1 
ATOM   450  N N   . ALA A 1 87  ? 9.97643   -12.58232 2.95087   1.000 19.76049  ?  70  ALA A N   1 
ATOM   451  C CA  . ALA A 1 87  ? 8.91605   -11.77438 3.54374   1.000 13.18909  ?  70  ALA A CA  1 
ATOM   452  C C   . ALA A 1 87  ? 7.73310   -11.62701 2.59422   1.000 17.52910  ?  70  ALA A C   1 
ATOM   453  O O   . ALA A 1 87  ? 6.57796   -11.58915 3.03493   1.000 19.17277  ?  70  ALA A O   1 
ATOM   454  C CB  . ALA A 1 87  ? 9.46292   -10.40453 3.94333   1.000 16.70429  ?  70  ALA A CB  1 
ATOM   455  N N   . MET A 1 88  ? 7.99829   -11.54501 1.28737   1.000 17.70652  ?  71  MET A N   1 
ATOM   456  C CA  . MET A 1 88  ? 6.90829   -11.44457 0.32237   1.000 21.07485  ?  71  MET A CA  1 
ATOM   457  C C   . MET A 1 88  ? 6.11615   -12.74241 0.23692   1.000 13.97718  ?  71  MET A C   1 
ATOM   458  O O   . MET A 1 88  ? 4.90049   -12.71033 0.01438   1.000 19.73400  ?  71  MET A O   1 
ATOM   459  C CB  . MET A 1 88  ? 7.45220   -11.06482 -1.05473  1.000 22.68249  ?  71  MET A CB  1 
ATOM   460  C CG  . MET A 1 88  ? 6.55865   -10.11746 -1.83785  1.000 39.18191  ?  71  MET A CG  1 
ATOM   461  S SD  . MET A 1 88  ? 6.41482   -8.50373  -1.04502  1.000 47.32160  ?  71  MET A SD  1 
ATOM   462  C CE  . MET A 1 88  ? 5.43725   -7.61264  -2.25327  1.000 72.38296  ?  71  MET A CE  1 
ATOM   463  N N   . ARG A 1 89  ? 6.78140   -13.88828 0.40429   1.000 14.00470  ?  72  ARG A N   1 
ATOM   464  C CA  . ARG A 1 89  ? 6.06211   -15.15756 0.43428   1.000 19.58864  ?  72  ARG A CA  1 
ATOM   465  C C   . ARG A 1 89  ? 5.18082   -15.26182 1.67108   1.000 19.46698  ?  72  ARG A C   1 
ATOM   466  O O   . ARG A 1 89  ? 4.06320   -15.78734 1.60143   1.000 19.49359  ?  72  ARG A O   1 
ATOM   467  C CB  . ARG A 1 89  ? 7.04375   -16.32671 0.38279   1.000 23.35540  ?  72  ARG A CB  1 
ATOM   468  C CG  . ARG A 1 89  ? 7.35009   -16.81997 -1.01586  1.000 27.36416  ?  72  ARG A CG  1 
ATOM   469  C CD  . ARG A 1 89  ? 7.69568   -18.29744 -0.99558  1.000 47.17638  ?  72  ARG A CD  1 
ATOM   470  N NE  . ARG A 1 89  ? 8.96105   -18.56215 -0.32278  1.000 50.62303  ?  72  ARG A NE  1 
ATOM   471  C CZ  . ARG A 1 89  ? 9.42510   -19.77534 -0.05635  1.000 51.52487  ?  72  ARG A CZ  1 
ATOM   472  N NH1 . ARG A 1 89  ? 8.74025   -20.86224 -0.37360  1.000 49.04335  ?  72  ARG A NH1 1 
ATOM   473  N NH2 . ARG A 1 89  ? 10.60465  -19.90135 0.54502   1.000 36.60684  ?  72  ARG A NH2 1 
ATOM   474  N N   . VAL A 1 90  ? 5.67114   -14.77744 2.81428   1.000 16.39822  ?  73  VAL A N   1 
ATOM   475  C CA  . VAL A 1 90  ? 4.85450   -14.76587 4.02370   1.000 14.11565  ?  73  VAL A CA  1 
ATOM   476  C C   . VAL A 1 90  ? 3.64537   -13.86040 3.83333   1.000 14.15182  ?  73  VAL A C   1 
ATOM   477  O O   . VAL A 1 90  ? 2.52076   -14.21253 4.21006   1.000 14.42740  ?  73  VAL A O   1 
ATOM   478  C CB  . VAL A 1 90  ? 5.70145   -14.33942 5.23704   1.000 16.34621  ?  73  VAL A CB  1 
ATOM   479  C CG1 . VAL A 1 90  ? 4.83018   -14.20940 6.47415   1.000 13.58032  ?  73  VAL A CG1 1 
ATOM   480  C CG2 . VAL A 1 90  ? 6.82156   -15.34028 5.47621   1.000 12.34690  ?  73  VAL A CG2 1 
ATOM   481  N N   . ALA A 1 91  ? 3.85329   -12.68695 3.23012   1.000 17.92761  ?  74  ALA A N   1 
ATOM   482  C CA  . ALA A 1 91  ? 2.73712   -11.78642 2.96089   1.000 18.71914  ?  74  ALA A CA  1 
ATOM   483  C C   . ALA A 1 91  ? 1.75759   -12.40233 1.96944   1.000 22.70987  ?  74  ALA A C   1 
ATOM   484  O O   . ALA A 1 91  ? 0.54120   -12.21262 2.08764   1.000 23.14134  ?  74  ALA A O   1 
ATOM   485  C CB  . ALA A 1 91  ? 3.25757   -10.44634 2.44144   1.000 10.04289  ?  74  ALA A CB  1 
ATOM   486  N N   . ALA A 1 92  ? 2.26799   -13.14666 0.98508   1.000 18.17475  ?  75  ALA A N   1 
ATOM   487  C CA  . ALA A 1 92  ? 1.38749   -13.77213 0.00403   1.000 11.70587  ?  75  ALA A CA  1 
ATOM   488  C C   . ALA A 1 92  ? 0.54969   -14.87532 0.63698   1.000 18.05970  ?  75  ALA A C   1 
ATOM   489  O O   . ALA A 1 92  ? -0.64462  -14.99937 0.34299   1.000 19.51955  ?  75  ALA A O   1 
ATOM   490  C CB  . ALA A 1 92  ? 2.20529   -14.32059 -1.16421  1.000 21.29104  ?  75  ALA A CB  1 
ATOM   491  N N   . ALA A 1 93  ? 1.15636   -15.68527 1.50867   1.000 19.44818  ?  76  ALA A N   1 
ATOM   492  C CA  . ALA A 1 93  ? 0.40724   -16.74539 2.17596   1.000 17.03770  ?  76  ALA A CA  1 
ATOM   493  C C   . ALA A 1 93  ? -0.68699  -16.16949 3.06544   1.000 19.65977  ?  76  ALA A C   1 
ATOM   494  O O   . ALA A 1 93  ? -1.80770  -16.69156 3.10173   1.000 21.49957  ?  76  ALA A O   1 
ATOM   495  C CB  . ALA A 1 93  ? 1.35489   -17.62765 2.98859   1.000 6.19999   ?  76  ALA A CB  1 
ATOM   496  N N   . LEU A 1 94  ? -0.38004  -15.09144 3.79123   1.000 15.29168  ?  77  LEU A N   1 
ATOM   497  C CA  . LEU A 1 94  ? -1.40025  -14.42522 4.59390   1.000 13.60757  ?  77  LEU A CA  1 
ATOM   498  C C   . LEU A 1 94  ? -2.49153  -13.83350 3.71190   1.000 17.31193  ?  77  LEU A C   1 
ATOM   499  O O   . LEU A 1 94  ? -3.67393  -13.85918 4.07252   1.000 18.74438  ?  77  LEU A O   1 
ATOM   500  C CB  . LEU A 1 94  ? -0.75968  -13.33995 5.45765   1.000 14.58231  ?  77  LEU A CB  1 
ATOM   501  C CG  . LEU A 1 94  ? 0.22945   -13.83227 6.51362   1.000 18.13124  ?  77  LEU A CG  1 
ATOM   502  C CD1 . LEU A 1 94  ? 1.02656   -12.67109 7.08173   1.000 10.92018  ?  77  LEU A CD1 1 
ATOM   503  C CD2 . LEU A 1 94  ? -0.50284  -14.57562 7.61892   1.000 19.55741  ?  77  LEU A CD2 1 
ATOM   504  N N   . LYS A 1 95  ? -2.11287  -13.29369 2.55048   1.000 18.93075  ?  78  LYS A N   1 
ATOM   505  C CA  . LYS A 1 95  ? -3.10760  -12.79085 1.60826   1.000 19.56414  ?  78  LYS A CA  1 
ATOM   506  C C   . LYS A 1 95  ? -4.03305  -13.90687 1.14036   1.000 18.05943  ?  78  LYS A C   1 
ATOM   507  O O   . LYS A 1 95  ? -5.24215  -13.69817 0.98637   1.000 16.71086  ?  78  LYS A O   1 
ATOM   508  C CB  . LYS A 1 95  ? -2.41331  -12.13477 0.41411   1.000 23.90828  ?  78  LYS A CB  1 
ATOM   509  C CG  . LYS A 1 95  ? -3.36056  -11.59237 -0.64905  1.000 24.62082  ?  78  LYS A CG  1 
ATOM   510  C CD  . LYS A 1 95  ? -2.60641  -11.23927 -1.92462  1.000 38.17699  ?  78  LYS A CD  1 
ATOM   511  C CE  . LYS A 1 95  ? -3.51268  -10.57415 -2.95047  1.000 46.78534  ?  78  LYS A CE  1 
ATOM   512  N NZ  . LYS A 1 95  ? -4.69117  -11.41307 -3.29695  1.000 53.07287  ?  78  LYS A NZ  1 
ATOM   513  N N   . GLU A 1 96  ? -3.48254  -15.10180 0.91325   1.000 21.31061  ?  79  GLU A N   1 
ATOM   514  C CA  . GLU A 1 96  ? -4.30392  -16.22976 0.48569   1.000 20.07006  ?  79  GLU A CA  1 
ATOM   515  C C   . GLU A 1 96  ? -5.31662  -16.60807 1.55983   1.000 26.13707  ?  79  GLU A C   1 
ATOM   516  O O   . GLU A 1 96  ? -6.49704  -16.82976 1.26688   1.000 26.80253  ?  79  GLU A O   1 
ATOM   517  C CB  . GLU A 1 96  ? -3.41366  -17.42585 0.14202   1.000 29.13635  ?  79  GLU A CB  1 
ATOM   518  C CG  . GLU A 1 96  ? -2.45059  -17.19367 -1.01388  1.000 43.60330  ?  79  GLU A CG  1 
ATOM   519  C CD  . GLU A 1 96  ? -1.36995  -18.25920 -1.09443  1.000 59.73000  ?  79  GLU A CD  1 
ATOM   520  O OE1 . GLU A 1 96  ? -1.51877  -19.31125 -0.43665  1.000 49.98032  ?  79  GLU A OE1 1 
ATOM   521  O OE2 . GLU A 1 96  ? -0.36814  -18.04268 -1.80913  1.000 47.21547  ?  79  GLU A OE2 1 
ATOM   522  N N   . ALA A 1 97  ? -4.87226  -16.67513 2.81690   1.000 17.72772  ?  80  ALA A N   1 
ATOM   523  C CA  . ALA A 1 97  ? -5.74611  -17.13423 3.89242   1.000 16.90836  ?  80  ALA A CA  1 
ATOM   524  C C   . ALA A 1 97  ? -6.87573  -16.14427 4.15526   1.000 14.20217  ?  80  ALA A C   1 
ATOM   525  O O   . ALA A 1 97  ? -8.04068  -16.53777 4.28544   1.000 20.27702  ?  80  ALA A O   1 
ATOM   526  C CB  . ALA A 1 97  ? -4.93043  -17.37278 5.16327   1.000 8.28893   ?  80  ALA A CB  1 
ATOM   527  N N   . PHE A 1 98  ? -6.55326  -14.85181 4.23669   1.000 15.71025  ?  81  PHE A N   1 
ATOM   528  C CA  . PHE A 1 98  ? -7.57896  -13.86332 4.55614   1.000 19.85808  ?  81  PHE A CA  1 
ATOM   529  C C   . PHE A 1 98  ? -8.57081  -13.69500 3.41093   1.000 23.00070  ?  81  PHE A C   1 
ATOM   530  O O   . PHE A 1 98  ? -9.77178  -13.51695 3.64649   1.000 22.79974  ?  81  PHE A O   1 
ATOM   531  C CB  . PHE A 1 98  ? -6.93061  -12.52570 4.91349   1.000 16.00013  ?  81  PHE A CB  1 
ATOM   532  C CG  . PHE A 1 98  ? -6.37683  -12.47693 6.31059   1.000 21.93999  ?  81  PHE A CG  1 
ATOM   533  C CD1 . PHE A 1 98  ? -7.19875  -12.18189 7.38601   1.000 36.02452  ?  81  PHE A CD1 1 
ATOM   534  C CD2 . PHE A 1 98  ? -5.03693  -12.72879 6.54931   1.000 15.87175  ?  81  PHE A CD2 1 
ATOM   535  C CE1 . PHE A 1 98  ? -6.69331  -12.13916 8.67186   1.000 40.11142  ?  81  PHE A CE1 1 
ATOM   536  C CE2 . PHE A 1 98  ? -4.52579  -12.68735 7.83134   1.000 17.19543  ?  81  PHE A CE2 1 
ATOM   537  C CZ  . PHE A 1 98  ? -5.35418  -12.39196 8.89403   1.000 25.24296  ?  81  PHE A CZ  1 
ATOM   538  N N   . GLU A 1 99  ? -8.09478  -13.75095 2.16505   1.000 29.32541  ?  82  GLU A N   1 
ATOM   539  C CA  . GLU A 1 99  ? -8.99975  -13.58928 1.03264   1.000 29.99766  ?  82  GLU A CA  1 
ATOM   540  C C   . GLU A 1 99  ? -9.85274  -14.82869 0.79515   1.000 27.36016  ?  82  GLU A C   1 
ATOM   541  O O   . GLU A 1 99  ? -10.94592 -14.71994 0.22826   1.000 35.89032  ?  82  GLU A O   1 
ATOM   542  C CB  . GLU A 1 99  ? -8.21502  -13.22853 -0.22905  1.000 31.25923  ?  82  GLU A CB  1 
ATOM   543  C CG  . GLU A 1 99  ? -7.68185  -11.80297 -0.21882  1.000 26.22120  ?  82  GLU A CG  1 
ATOM   544  C CD  . GLU A 1 99  ? -7.38547  -11.27770 -1.60935  1.000 62.91068  ?  82  GLU A CD  1 
ATOM   545  O OE1 . GLU A 1 99  ? -7.09859  -12.09700 -2.50668  1.000 79.44998  ?  82  GLU A OE1 1 
ATOM   546  O OE2 . GLU A 1 99  ? -7.44910  -10.04503 -1.80705  1.000 52.02862  -1 82  GLU A OE2 1 
ATOM   547  N N   . ASP A 1 100 ? -9.38287  -16.00538 1.21535   1.000 25.76010  ?  83  ASP A N   1 
ATOM   548  C CA  . ASP A 1 100 ? -10.23616 -17.18623 1.18850   1.000 27.50803  ?  83  ASP A CA  1 
ATOM   549  C C   . ASP A 1 100 ? -11.31497 -17.14062 2.26021   1.000 26.63187  ?  83  ASP A C   1 
ATOM   550  O O   . ASP A 1 100 ? -12.23893 -17.95917 2.22389   1.000 44.20401  ?  83  ASP A O   1 
ATOM   551  C CB  . ASP A 1 100 ? -9.40202  -18.45691 1.35798   1.000 24.80282  ?  83  ASP A CB  1 
ATOM   552  C CG  . ASP A 1 100 ? -8.56172  -18.77346 0.13500   1.000 39.16377  ?  83  ASP A CG  1 
ATOM   553  O OD1 . ASP A 1 100 ? -8.91110  -18.30670 -0.97028  1.000 46.18596  ?  83  ASP A OD1 1 
ATOM   554  O OD2 . ASP A 1 100 ? -7.55345  -19.49708 0.27924   1.000 41.61026  -1 83  ASP A OD2 1 
ATOM   555  N N   . ARG A 1 101 ? -11.22388 -16.20654 3.20589   1.000 24.97291  ?  84  ARG A N   1 
ATOM   556  C CA  . ARG A 1 101 ? -12.18730 -16.09110 4.29110   1.000 21.65995  ?  84  ARG A CA  1 
ATOM   557  C C   . ARG A 1 101 ? -13.07343 -14.85965 4.15101   1.000 22.48624  ?  84  ARG A C   1 
ATOM   558  O O   . ARG A 1 101 ? -13.65252 -14.40158 5.14038   1.000 25.60661  ?  84  ARG A O   1 
ATOM   559  C CB  . ARG A 1 101 ? -11.46041 -16.08442 5.63502   1.000 18.19243  ?  84  ARG A CB  1 
ATOM   560  C CG  . ARG A 1 101 ? -10.93620 -17.45192 6.03368   1.000 13.14782  ?  84  ARG A CG  1 
ATOM   561  C CD  . ARG A 1 101 ? -9.76680  -17.35544 6.99271   1.000 9.24421   ?  84  ARG A CD  1 
ATOM   562  N NE  . ARG A 1 101 ? -9.34753  -18.67061 7.46195   1.000 14.53104  ?  84  ARG A NE  1 
ATOM   563  C CZ  . ARG A 1 101 ? -8.61284  -19.52107 6.75771   1.000 11.37027  ?  84  ARG A CZ  1 
ATOM   564  N NH1 . ARG A 1 101 ? -8.20390  -19.23288 5.53304   1.000 9.42887   ?  84  ARG A NH1 1 
ATOM   565  N NH2 . ARG A 1 101 ? -8.28307  -20.69241 7.29475   1.000 22.91458  ?  84  ARG A NH2 1 
ATOM   566  N N   . GLY A 1 102 ? -13.19253 -14.31512 2.93861   1.000 30.13860  ?  85  GLY A N   1 
ATOM   567  C CA  . GLY A 1 102 ? -14.08442 -13.21848 2.64843   1.000 39.11841  ?  85  GLY A CA  1 
ATOM   568  C C   . GLY A 1 102 ? -13.41274 -11.86197 2.55862   1.000 33.61679  ?  85  GLY A C   1 
ATOM   569  O O   . GLY A 1 102 ? -13.88829 -10.99651 1.81530   1.000 48.83032  ?  85  GLY A O   1 
ATOM   570  N N   . LEU A 1 103 ? -12.32623 -11.65436 3.29689   1.000 37.91091  ?  86  LEU A N   1 
ATOM   571  C CA  . LEU A 1 103 ? -11.67110 -10.35654 3.30510   1.000 33.51294  ?  86  LEU A CA  1 
ATOM   572  C C   . LEU A 1 103 ? -11.01392 -10.07744 1.95570   1.000 30.31355  ?  86  LEU A C   1 
ATOM   573  O O   . LEU A 1 103 ? -10.78079 -10.97814 1.14549   1.000 39.25214  ?  86  LEU A O   1 
ATOM   574  C CB  . LEU A 1 103 ? -10.63009 -10.28171 4.42349   1.000 26.38624  ?  86  LEU A CB  1 
ATOM   575  C CG  . LEU A 1 103 ? -11.11743 -10.43629 5.86794   1.000 31.33618  ?  86  LEU A CG  1 
ATOM   576  C CD1 . LEU A 1 103 ? -11.15667 -11.89996 6.29122   1.000 39.38785  ?  86  LEU A CD1 1 
ATOM   577  C CD2 . LEU A 1 103 ? -10.24880 -9.62642  6.81662   1.000 30.68975  ?  86  LEU A CD2 1 
ATOM   578  N N   . ARG A 1 104 ? -10.72224 -8.80123  1.71687   1.000 28.59127  ?  87  ARG A N   1 
ATOM   579  C CA  . ARG A 1 104 ? -10.10470 -8.35696  0.47482   1.000 32.41857  ?  87  ARG A CA  1 
ATOM   580  C C   . ARG A 1 104 ? -8.91091  -7.47262  0.79997   1.000 25.55000  ?  87  ARG A C   1 
ATOM   581  O O   . ARG A 1 104 ? -9.00260  -6.59375  1.66347   1.000 24.58664  ?  87  ARG A O   1 
ATOM   582  C CB  . ARG A 1 104 ? -11.10461 -7.59331  -0.40109  1.000 29.60071  ?  87  ARG A CB  1 
ATOM   583  C CG  . ARG A 1 104 ? -12.43892 -8.29946  -0.59967  1.000 52.13258  ?  87  ARG A CG  1 
ATOM   584  C CD  . ARG A 1 104 ? -12.27549 -9.61115  -1.34621  1.000 56.42662  ?  87  ARG A CD  1 
ATOM   585  N NE  . ARG A 1 104 ? -11.70275 -9.41638  -2.67239  1.000 74.18532  ?  87  ARG A NE  1 
ATOM   586  C CZ  . ARG A 1 104 ? -11.51163 -10.38729 -3.55482  1.000 71.24085  ?  87  ARG A CZ  1 
ATOM   587  N NH1 . ARG A 1 104 ? -11.84003 -11.64034 -3.28557  1.000 69.32918  ?  87  ARG A NH1 1 
ATOM   588  N NH2 . ARG A 1 104 ? -10.97913 -10.09344 -4.73766  1.000 53.19101  ?  87  ARG A NH2 1 
ATOM   589  N N   . LEU A 1 105 ? -7.79667  -7.70512  0.10946   1.000 19.91861  ?  88  LEU A N   1 
ATOM   590  C CA  . LEU A 1 105 ? -6.59465  -6.90009  0.30430   1.000 19.60362  ?  88  LEU A CA  1 
ATOM   591  C C   . LEU A 1 105 ? -6.81173  -5.51665  -0.29594  1.000 17.25849  ?  88  LEU A C   1 
ATOM   592  O O   . LEU A 1 105 ? -6.92725  -5.37296  -1.51704  1.000 26.68815  ?  88  LEU A O   1 
ATOM   593  C CB  . LEU A 1 105 ? -5.38902  -7.58630  -0.33066  1.000 20.39017  ?  88  LEU A CB  1 
ATOM   594  C CG  . LEU A 1 105 ? -4.04531  -6.87609  -0.15381  1.000 17.24714  ?  88  LEU A CG  1 
ATOM   595  C CD1 . LEU A 1 105 ? -3.63474  -6.86930  1.30997   1.000 11.73599  ?  88  LEU A CD1 1 
ATOM   596  C CD2 . LEU A 1 105 ? -2.96886  -7.52048  -1.01338  1.000 11.86793  ?  88  LEU A CD2 1 
ATOM   597  N N   . THR A 1 106 ? -6.86766  -4.49425  0.55705   1.000 19.62562  ?  89  THR A N   1 
ATOM   598  C CA  . THR A 1 106 ? -7.08875  -3.12756  0.10498   1.000 23.23913  ?  89  THR A CA  1 
ATOM   599  C C   . THR A 1 106 ? -5.82002  -2.28559  0.08583   1.000 24.71370  ?  89  THR A C   1 
ATOM   600  O O   . THR A 1 106 ? -5.83348  -1.19257  -0.49025  1.000 24.92789  ?  89  THR A O   1 
ATOM   601  C CB  . THR A 1 106 ? -8.13616  -2.43413  0.98733   1.000 24.69652  ?  89  THR A CB  1 
ATOM   602  O OG1 . THR A 1 106 ? -7.65207  -2.34806  2.33340   1.000 30.47592  ?  89  THR A OG1 1 
ATOM   603  C CG2 . THR A 1 106 ? -9.44394  -3.21108  0.97292   1.000 32.64162  ?  89  THR A CG2 1 
ATOM   604  N N   . SER A 1 107 ? -4.73220  -2.75967  0.69012   1.000 21.41780  ?  90  SER A N   1 
ATOM   605  C CA  . SER A 1 107 ? -3.50589  -1.97864  0.75725   1.000 16.32156  ?  90  SER A CA  1 
ATOM   606  C C   . SER A 1 107 ? -2.32606  -2.89991  1.02628   1.000 12.95613  ?  90  SER A C   1 
ATOM   607  O O   . SER A 1 107 ? -2.45050  -3.87826  1.76614   1.000 20.23936  ?  90  SER A O   1 
ATOM   608  C CB  . SER A 1 107 ? -3.59138  -0.90371  1.84663   1.000 20.12339  ?  90  SER A CB  1 
ATOM   609  O OG  . SER A 1 107 ? -2.32901  -0.29920  2.06813   1.000 34.25265  ?  90  SER A OG  1 
ATOM   610  N N   . ILE A 1 108 ? -1.18606  -2.57523  0.42366   1.000 14.92190  ?  91  ILE A N   1 
ATOM   611  C CA  . ILE A 1 108 ? 0.06658   -3.27489  0.69203   1.000 17.53752  ?  91  ILE A CA  1 
ATOM   612  C C   . ILE A 1 108 ? 1.20710   -2.27670  0.55544   1.000 22.84802  ?  91  ILE A C   1 
ATOM   613  O O   . ILE A 1 108 ? 1.30692   -1.56688  -0.44986  1.000 17.57060  ?  91  ILE A O   1 
ATOM   614  C CB  . ILE A 1 108 ? 0.27414   -4.48684  -0.24130  1.000 21.41225  ?  91  ILE A CB  1 
ATOM   615  C CG1 . ILE A 1 108 ? 1.69050   -5.04772  -0.07922  1.000 16.58133  ?  91  ILE A CG1 1 
ATOM   616  C CG2 . ILE A 1 108 ? -0.01333  -4.11785  -1.69207  1.000 14.79809  ?  91  ILE A CG2 1 
ATOM   617  C CD1 . ILE A 1 108 ? 1.95469   -6.30198  -0.88352  1.000 17.67347  ?  91  ILE A CD1 1 
ATOM   618  N N   . GLU A 1 109 ? 2.05874   -2.21156  1.57650   1.000 21.15244  ?  92  GLU A N   1 
ATOM   619  C CA  . GLU A 1 109 ? 3.20583   -1.31491  1.58814   1.000 19.40206  ?  92  GLU A CA  1 
ATOM   620  C C   . GLU A 1 109 ? 4.43045   -2.08810  2.04879   1.000 14.38649  ?  92  GLU A C   1 
ATOM   621  O O   . GLU A 1 109 ? 4.36969   -2.81756  3.04344   1.000 14.51691  ?  92  GLU A O   1 
ATOM   622  C CB  . GLU A 1 109 ? 2.96073   -0.10892  2.50073   1.000 20.56560  ?  92  GLU A CB  1 
ATOM   623  C CG  . GLU A 1 109 ? 4.02200   0.97318   2.39019   1.000 43.30251  ?  92  GLU A CG  1 
ATOM   624  C CD  . GLU A 1 109 ? 3.68380   2.20981   3.20113   1.000 64.89115  ?  92  GLU A CD  1 
ATOM   625  O OE1 . GLU A 1 109 ? 2.91142   2.09273   4.17600   1.000 80.48666  ?  92  GLU A OE1 1 
ATOM   626  O OE2 . GLU A 1 109 ? 4.18705   3.30121   2.85984   1.000 64.17476  -1 92  GLU A OE2 1 
ATOM   627  N N   . THR A 1 110 ? 5.53753   -1.92703  1.32620   1.000 21.49454  ?  93  THR A N   1 
ATOM   628  C CA  . THR A 1 110 ? 6.77290   -2.64666  1.60969   1.000 30.85796  ?  93  THR A CA  1 
ATOM   629  C C   . THR A 1 110 ? 7.89231   -1.69934  2.02892   1.000 43.92417  ?  93  THR A C   1 
ATOM   630  O O   . THR A 1 110 ? 9.06769   -1.95793  1.76147   1.000 50.68181  ?  93  THR A O   1 
ATOM   631  C CB  . THR A 1 110 ? 7.20249   -3.47691  0.40173   1.000 25.25581  ?  93  THR A CB  1 
ATOM   632  O OG1 . THR A 1 110 ? 7.33282   -2.62364  -0.74195  1.000 40.96942  ?  93  THR A OG1 1 
ATOM   633  C CG2 . THR A 1 110 ? 6.17405   -4.56015  0.10717   1.000 26.44558  ?  93  THR A CG2 1 
ATOM   634  N N   . SER A 1 111 ? 7.53968   -0.60076  2.68801   1.000 57.83039  ?  94  SER A N   1 
ATOM   635  C CA  . SER A 1 111 ? 8.50354   0.36579   3.18771   1.000 52.43363  ?  94  SER A CA  1 
ATOM   636  C C   . SER A 1 111 ? 8.48402   0.38932   4.71156   1.000 57.03941  ?  94  SER A C   1 
ATOM   637  O O   . SER A 1 111 ? 7.51814   -0.03506  5.35306   1.000 47.47511  ?  94  SER A O   1 
ATOM   638  C CB  . SER A 1 111 ? 8.21613   1.76628   2.63092   1.000 48.81463  ?  94  SER A CB  1 
ATOM   639  O OG  . SER A 1 111 ? 8.41635   1.81156   1.22762   1.000 62.56970  ?  94  SER A OG  1 
ATOM   640  N N   . GLY A 1 112 ? 9.57607   0.88496   5.28421   1.000 54.89175  ?  95  GLY A N   1 
ATOM   641  C CA  . GLY A 1 112 ? 9.68303   1.00045   6.72590   1.000 57.32926  ?  95  GLY A CA  1 
ATOM   642  C C   . GLY A 1 112 ? 10.14160  -0.26074  7.42190   1.000 51.09321  ?  95  GLY A C   1 
ATOM   643  O O   . GLY A 1 112 ? 9.61545   -0.59993  8.49036   1.000 51.71766  ?  95  GLY A O   1 
ATOM   644  N N   . ASN A 1 113 ? 11.10011  -0.97906  6.83408   0.810 37.16868  ?  96  ASN A N   1 
ATOM   645  C CA  . ASN A 1 113 ? 11.69404  -2.17768  7.42379   0.810 28.72616  ?  96  ASN A CA  1 
ATOM   646  C C   . ASN A 1 113 ? 10.66966  -3.28494  7.65070   0.810 31.15277  ?  96  ASN A C   1 
ATOM   647  O O   . ASN A 1 113 ? 10.89436  -4.18217  8.46881   0.810 33.16703  ?  96  ASN A O   1 
ATOM   648  C CB  . ASN A 1 113 ? 12.40587  -1.84678  8.74162   0.810 41.64265  ?  96  ASN A CB  1 
ATOM   649  C CG  . ASN A 1 113 ? 13.63496  -2.70193  8.97758   0.810 46.41541  ?  96  ASN A CG  1 
ATOM   650  O OD1 . ASN A 1 113 ? 13.53335  -3.88897  9.29162   0.810 47.49046  ?  96  ASN A OD1 1 
ATOM   651  N ND2 . ASN A 1 113 ? 14.80674  -2.09428  8.84989   0.810 48.46073  ?  96  ASN A ND2 1 
ATOM   652  N N   . SER A 1 114 ? 9.53887   -3.24055  6.95106   1.000 33.74595  ?  97  SER A N   1 
ATOM   653  C CA  . SER A 1 114 ? 8.49421   -4.23697  7.14272   1.000 28.04546  ?  97  SER A CA  1 
ATOM   654  C C   . SER A 1 114 ? 7.54371   -4.19718  5.95578   1.000 21.22676  ?  97  SER A C   1 
ATOM   655  O O   . SER A 1 114 ? 7.58233   -3.28341  5.12888   1.000 26.98052  ?  97  SER A O   1 
ATOM   656  C CB  . SER A 1 114 ? 7.73280   -4.00650  8.45264   1.000 27.58461  ?  97  SER A CB  1 
ATOM   657  O OG  . SER A 1 114 ? 7.00380   -2.79217  8.41317   1.000 38.84968  ?  97  SER A OG  1 
ATOM   658  N N   . ILE A 1 115 ? 6.68654   -5.21182  5.88653   1.000 19.86227  ?  98  ILE A N   1 
ATOM   659  C CA  . ILE A 1 115 ? 5.62072   -5.29809  4.89611   1.000 11.26559  ?  98  ILE A CA  1 
ATOM   660  C C   . ILE A 1 115 ? 4.29533   -5.14831  5.62664   1.000 10.66620  ?  98  ILE A C   1 
ATOM   661  O O   . ILE A 1 115 ? 4.02603   -5.87701  6.58909   1.000 15.27196  ?  98  ILE A O   1 
ATOM   662  C CB  . ILE A 1 115 ? 5.67533   -6.62400  4.11816   1.000 14.84133  ?  98  ILE A CB  1 
ATOM   663  C CG1 . ILE A 1 115 ? 7.01563   -6.76522  3.39614   1.000 24.61014  ?  98  ILE A CG1 1 
ATOM   664  C CG2 . ILE A 1 115 ? 4.52864   -6.70799  3.12631   1.000 19.93238  ?  98  ILE A CG2 1 
ATOM   665  C CD1 . ILE A 1 115 ? 7.10771   -7.99628  2.52540   1.000 23.41589  ?  98  ILE A CD1 1 
ATOM   666  N N   . HIS A 1 116 ? 3.47105   -4.20642  5.17472   1.000 18.20240  ?  99  HIS A N   1 
ATOM   667  C CA  . HIS A 1 116 ? 2.22008   -3.87072  5.84349   1.000 15.13727  ?  99  HIS A CA  1 
ATOM   668  C C   . HIS A 1 116 ? 1.05534   -4.17069  4.91147   1.000 16.15419  ?  99  HIS A C   1 
ATOM   669  O O   . HIS A 1 116 ? 1.00241   -3.65155  3.79146   1.000 16.10892  ?  99  HIS A O   1 
ATOM   670  C CB  . HIS A 1 116 ? 2.20652   -2.40178  6.27066   1.000 21.67743  ?  99  HIS A CB  1 
ATOM   671  C CG  . HIS A 1 116 ? 1.12555   -2.06974  7.25056   1.000 40.98389  ?  99  HIS A CG  1 
ATOM   672  N ND1 . HIS A 1 116 ? 1.19146   -2.42751  8.58003   1.000 45.66191  ?  99  HIS A ND1 1 
ATOM   673  C CD2 . HIS A 1 116 ? -0.05112  -1.41838  7.09401   1.000 48.47260  ?  99  HIS A CD2 1 
ATOM   674  C CE1 . HIS A 1 116 ? 0.10328   -2.00827  9.20083   1.000 44.31375  ?  99  HIS A CE1 1 
ATOM   675  N NE2 . HIS A 1 116 ? -0.66702  -1.39309  8.32165   1.000 47.01477  ?  99  HIS A NE2 1 
ATOM   676  N N   . LEU A 1 117 ? 0.12916   -5.00473  5.37630   1.000 16.27464  ?  100 LEU A N   1 
ATOM   677  C CA  . LEU A 1 117 ? -1.06381  -5.37834  4.63233   1.000 11.02803  ?  100 LEU A CA  1 
ATOM   678  C C   . LEU A 1 117 ? -2.30289  -4.84739  5.34175   1.000 11.12654  ?  100 LEU A C   1 
ATOM   679  O O   . LEU A 1 117 ? -2.32687  -4.72153  6.56838   1.000 14.22228  ?  100 LEU A O   1 
ATOM   680  C CB  . LEU A 1 117 ? -1.16768  -6.90079  4.48391   1.000 9.57944   ?  100 LEU A CB  1 
ATOM   681  C CG  . LEU A 1 117 ? -0.49433  -7.59658  3.29716   1.000 14.90694  ?  100 LEU A CG  1 
ATOM   682  C CD1 . LEU A 1 117 ? 0.91510   -7.08837  3.06969   1.000 13.75884  ?  100 LEU A CD1 1 
ATOM   683  C CD2 . LEU A 1 117 ? -0.48140  -9.10387  3.51638   1.000 17.04864  ?  100 LEU A CD2 1 
ATOM   684  N N   . LYS A 1 118 ? -3.33479  -4.53443  4.55931   1.000 14.14850  ?  101 LYS A N   1 
ATOM   685  C CA  . LYS A 1 118 ? -4.60884  -4.06069  5.09031   1.000 14.14958  ?  101 LYS A CA  1 
ATOM   686  C C   . LYS A 1 118 ? -5.73712  -4.82421  4.41477   1.000 15.08197  ?  101 LYS A C   1 
ATOM   687  O O   . LYS A 1 118 ? -5.84187  -4.81996  3.18377   1.000 17.51354  ?  101 LYS A O   1 
ATOM   688  C CB  . LYS A 1 118 ? -4.78100  -2.55392  4.87519   1.000 21.02101  ?  101 LYS A CB  1 
ATOM   689  C CG  . LYS A 1 118 ? -3.76392  -1.68848  5.60258   1.000 41.29658  ?  101 LYS A CG  1 
ATOM   690  C CD  . LYS A 1 118 ? -4.03068  -0.20966  5.35541   1.000 47.88752  ?  101 LYS A CD  1 
ATOM   691  C CE  . LYS A 1 118 ? -2.94579  0.66560   5.96339   1.000 48.43963  ?  101 LYS A CE  1 
ATOM   692  N NZ  . LYS A 1 118 ? -2.89388  0.54039   7.44558   1.000 66.38454  ?  101 LYS A NZ  1 
ATOM   693  N N   . PHE A 1 119 ? -6.57905  -5.47116  5.21687   1.000 11.20467  ?  102 PHE A N   1 
ATOM   694  C CA  . PHE A 1 119 ? -7.71330  -6.23460  4.72102   1.000 17.65582  ?  102 PHE A CA  1 
ATOM   695  C C   . PHE A 1 119 ? -9.01308  -5.64451  5.25140   1.000 27.95714  ?  102 PHE A C   1 
ATOM   696  O O   . PHE A 1 119 ? -9.05774  -5.08368  6.35061   1.000 25.67787  ?  102 PHE A O   1 
ATOM   697  C CB  . PHE A 1 119 ? -7.62127  -7.70964  5.13149   1.000 13.36606  ?  102 PHE A CB  1 
ATOM   698  C CG  . PHE A 1 119 ? -6.38485  -8.40387  4.64130   1.000 12.19031  ?  102 PHE A CG  1 
ATOM   699  C CD1 . PHE A 1 119 ? -5.22386  -8.39404  5.39655   1.000 13.67324  ?  102 PHE A CD1 1 
ATOM   700  C CD2 . PHE A 1 119 ? -6.38712  -9.07915  3.43285   1.000 6.76537   ?  102 PHE A CD2 1 
ATOM   701  C CE1 . PHE A 1 119 ? -4.08544  -9.03773  4.95116   1.000 11.31062  ?  102 PHE A CE1 1 
ATOM   702  C CE2 . PHE A 1 119 ? -5.25218  -9.72440  2.98230   1.000 7.72578   ?  102 PHE A CE2 1 
ATOM   703  C CZ  . PHE A 1 119 ? -4.09946  -9.70315  3.74229   1.000 8.00895   ?  102 PHE A CZ  1 
ATOM   704  N N   . ARG A 1 120 ? -10.07379 -5.78085  4.45739   1.000 38.14963  ?  103 ARG A N   1 
ATOM   705  C CA  . ARG A 1 120 ? -11.40469 -5.33571  4.84346   1.000 27.71776  ?  103 ARG A CA  1 
ATOM   706  C C   . ARG A 1 120 ? -12.43382 -6.33205  4.32972   1.000 27.03918  ?  103 ARG A C   1 
ATOM   707  O O   . ARG A 1 120 ? -12.19771 -7.05616  3.35968   1.000 27.56171  ?  103 ARG A O   1 
ATOM   708  C CB  . ARG A 1 120 ? -11.72116 -3.93311  4.30315   1.000 32.07127  ?  103 ARG A CB  1 
ATOM   709  C CG  . ARG A 1 120 ? -10.88166 -2.81743  4.90287   1.000 36.09120  ?  103 ARG A CG  1 
ATOM   710  C CD  . ARG A 1 120 ? -11.25557 -1.46944  4.30912   1.000 53.87216  ?  103 ARG A CD  1 
ATOM   711  N NE  . ARG A 1 120 ? -10.41769 -0.39357  4.82500   1.000 83.16245  ?  103 ARG A NE  1 
ATOM   712  C CZ  . ARG A 1 120 ? -10.50658 0.87358   4.44437   1.000 108.89231 ?  103 ARG A CZ  1 
ATOM   713  N NH1 . ARG A 1 120 ? -11.39124 1.26380   3.54123   1.000 110.34213 ?  103 ARG A NH1 1 
ATOM   714  N NH2 . ARG A 1 120 ? -9.68666  1.77181   4.98272   1.000 124.31997 ?  103 ARG A NH2 1 
ATOM   715  N N   . TYR A 1 121 ? -13.58421 -6.36117  4.99491   1.000 37.42325  ?  104 TYR A N   1 
ATOM   716  C CA  . TYR A 1 121 ? -14.69701 -7.19617  4.55616   1.000 42.65020  ?  104 TYR A CA  1 
ATOM   717  C C   . TYR A 1 121 ? -15.55838 -6.45708  3.53684   1.000 53.18877  ?  104 TYR A C   1 
ATOM   718  O O   . TYR A 1 121 ? -15.65676 -5.22967  3.56593   1.000 57.50666  ?  104 TYR A O   1 
ATOM   719  C CB  . TYR A 1 121 ? -15.55342 -7.63464  5.74569   1.000 41.15805  ?  104 TYR A CB  1 
ATOM   720  C CG  . TYR A 1 121 ? -15.13745 -8.95348  6.35646   1.000 46.51234  ?  104 TYR A CG  1 
ATOM   721  C CD1 . TYR A 1 121 ? -15.33667 -10.14708 5.67442   1.000 33.22993  ?  104 TYR A CD1 1 
ATOM   722  C CD2 . TYR A 1 121 ? -14.56078 -9.00768  7.61949   1.000 29.35817  ?  104 TYR A CD2 1 
ATOM   723  C CE1 . TYR A 1 121 ? -14.96459 -11.35719 6.22626   1.000 37.64931  ?  104 TYR A CE1 1 
ATOM   724  C CE2 . TYR A 1 121 ? -14.18558 -10.21460 8.18147   1.000 39.86696  ?  104 TYR A CE2 1 
ATOM   725  C CZ  . TYR A 1 121 ? -14.39062 -11.38621 7.47990   1.000 53.62086  ?  104 TYR A CZ  1 
ATOM   726  O OH  . TYR A 1 121 ? -14.01984 -12.59212 8.03038   1.000 51.13191  ?  104 TYR A OH  1 
ATOM   727  N N   . MET B 1 21  ? -11.62253 10.80891  -15.95089 1.000 70.79906  ?  4   MET B N   1 
ATOM   728  C CA  . MET B 1 21  ? -10.68683 10.20566  -15.00849 1.000 49.69261  ?  4   MET B CA  1 
ATOM   729  C C   . MET B 1 21  ? -9.75382  11.26403  -14.42782 1.000 56.72985  ?  4   MET B C   1 
ATOM   730  O O   . MET B 1 21  ? -9.00414  11.90989  -15.16021 1.000 73.35006  ?  4   MET B O   1 
ATOM   731  C CB  . MET B 1 21  ? -9.87653  9.10276   -15.69491 1.000 36.92706  ?  4   MET B CB  1 
ATOM   732  C CG  . MET B 1 21  ? -9.60143  7.89461   -14.81819 1.000 51.59913  ?  4   MET B CG  1 
ATOM   733  S SD  . MET B 1 21  ? -11.11686 7.04895   -14.32978 1.000 94.29321  ?  4   MET B SD  1 
ATOM   734  C CE  . MET B 1 21  ? -11.86591 6.74130   -15.92814 1.000 71.82163  ?  4   MET B CE  1 
ATOM   735  N N   . ASN B 1 22  ? -9.80675  11.43994  -13.11060 1.000 44.40636  ?  5   ASN B N   1 
ATOM   736  C CA  . ASN B 1 22  ? -8.98867  12.43009  -12.42419 1.000 47.18032  ?  5   ASN B CA  1 
ATOM   737  C C   . ASN B 1 22  ? -7.70035  11.78559  -11.93008 1.000 46.96678  ?  5   ASN B C   1 
ATOM   738  O O   . ASN B 1 22  ? -7.72638  10.69821  -11.34414 1.000 37.12416  ?  5   ASN B O   1 
ATOM   739  C CB  . ASN B 1 22  ? -9.75391  13.04490  -11.25161 1.000 45.53469  ?  5   ASN B CB  1 
ATOM   740  C CG  . ASN B 1 22  ? -11.09803 13.60592  -11.66372 1.000 69.35238  ?  5   ASN B CG  1 
ATOM   741  O OD1 . ASN B 1 22  ? -11.27939 14.03445  -12.80169 1.000 79.31570  ?  5   ASN B OD1 1 
ATOM   742  N ND2 . ASN B 1 22  ? -12.05254 13.60174  -10.73792 1.000 70.02977  ?  5   ASN B ND2 1 
ATOM   743  N N   . ILE B 1 23  ? -6.57726  12.45819  -12.16943 1.000 37.91318  ?  6   ILE B N   1 
ATOM   744  C CA  . ILE B 1 23  ? -5.26581  11.97990  -11.75161 1.000 22.23881  ?  6   ILE B CA  1 
ATOM   745  C C   . ILE B 1 23  ? -4.58813  13.07449  -10.94207 1.000 24.23604  ?  6   ILE B C   1 
ATOM   746  O O   . ILE B 1 23  ? -4.48788  14.21846  -11.39896 1.000 23.96141  ?  6   ILE B O   1 
ATOM   747  C CB  . ILE B 1 23  ? -4.38594  11.57874  -12.95123 1.000 17.86570  ?  6   ILE B CB  1 
ATOM   748  C CG1 . ILE B 1 23  ? -5.02319  10.42350  -13.72224 1.000 31.46028  ?  6   ILE B CG1 1 
ATOM   749  C CG2 . ILE B 1 23  ? -2.99050  11.19761  -12.48283 1.000 16.12180  ?  6   ILE B CG2 1 
ATOM   750  C CD1 . ILE B 1 23  ? -4.18439  9.93247   -14.87927 1.000 22.57496  ?  6   ILE B CD1 1 
ATOM   751  N N   . GLN B 1 24  ? -4.12571  12.72403  -9.74523  1.000 22.33395  ?  7   GLN B N   1 
ATOM   752  C CA  . GLN B 1 24  ? -3.34047  13.61488  -8.90519  1.000 15.23113  ?  7   GLN B CA  1 
ATOM   753  C C   . GLN B 1 24  ? -1.98479  12.98086  -8.63373  1.000 18.80803  ?  7   GLN B C   1 
ATOM   754  O O   . GLN B 1 24  ? -1.89769  11.78831  -8.32286  1.000 21.81498  ?  7   GLN B O   1 
ATOM   755  C CB  . GLN B 1 24  ? -4.04968  13.90687  -7.57981  1.000 19.90783  ?  7   GLN B CB  1 
ATOM   756  C CG  . GLN B 1 24  ? -5.39349  14.59492  -7.72575  1.000 37.64738  ?  7   GLN B CG  1 
ATOM   757  C CD  . GLN B 1 24  ? -6.03490  14.89184  -6.38670  1.000 45.57771  ?  7   GLN B CD  1 
ATOM   758  O OE1 . GLN B 1 24  ? -5.43172  14.67160  -5.33636  1.000 40.28134  ?  7   GLN B OE1 1 
ATOM   759  N NE2 . GLN B 1 24  ? -7.26434  15.39281  -6.41548  1.000 66.49297  ?  7   GLN B NE2 1 
ATOM   760  N N   . VAL B 1 25  ? -0.92811  13.77798  -8.75851  1.000 13.16414  ?  8   VAL B N   1 
ATOM   761  C CA  . VAL B 1 25  ? 0.42998   13.33493  -8.47377  1.000 13.34082  ?  8   VAL B CA  1 
ATOM   762  C C   . VAL B 1 25  ? 1.00537   14.23247  -7.38997  1.000 15.48747  ?  8   VAL B C   1 
ATOM   763  O O   . VAL B 1 25  ? 0.95797   15.46282  -7.50455  1.000 20.37431  ?  8   VAL B O   1 
ATOM   764  C CB  . VAL B 1 25  ? 1.31891   13.35378  -9.72995  1.000 20.63517  ?  8   VAL B CB  1 
ATOM   765  C CG1 . VAL B 1 25  ? 2.68756   12.78040  -9.40729  1.000 21.60713  ?  8   VAL B CG1 1 
ATOM   766  C CG2 . VAL B 1 25  ? 0.66362   12.56896  -10.85456 1.000 24.12878  ?  8   VAL B CG2 1 
ATOM   767  N N   . SER B 1 26  ? 1.53886   13.61635  -6.33998  1.000 14.18601  ?  9   SER B N   1 
ATOM   768  C CA  . SER B 1 26  ? 2.14438   14.32843  -5.22674  1.000 11.20664  ?  9   SER B CA  1 
ATOM   769  C C   . SER B 1 26  ? 3.62832   14.00324  -5.16206  1.000 23.68954  ?  9   SER B C   1 
ATOM   770  O O   . SER B 1 26  ? 4.03490   12.85956  -5.39010  1.000 21.16526  ?  9   SER B O   1 
ATOM   771  C CB  . SER B 1 26  ? 1.47275   13.96051  -3.90134  1.000 15.12514  ?  9   SER B CB  1 
ATOM   772  O OG  . SER B 1 26  ? 0.08456   14.23799  -3.93896  1.000 35.42124  ?  9   SER B OG  1 
ATOM   773  N N   . LEU B 1 27  ? 4.43124   15.01576  -4.85028  1.000 18.85555  ?  10  LEU B N   1 
ATOM   774  C CA  . LEU B 1 27  ? 5.87390   14.87326  -4.70727  1.000 20.14489  ?  10  LEU B CA  1 
ATOM   775  C C   . LEU B 1 27  ? 6.26070   15.31488  -3.30451  1.000 20.33497  ?  10  LEU B C   1 
ATOM   776  O O   . LEU B 1 27  ? 5.95589   16.44152  -2.90093  1.000 27.43100  ?  10  LEU B O   1 
ATOM   777  C CB  . LEU B 1 27  ? 6.61232   15.69833  -5.76223  1.000 19.29902  ?  10  LEU B CB  1 
ATOM   778  C CG  . LEU B 1 27  ? 8.13543   15.58366  -5.78134  1.000 29.44761  ?  10  LEU B CG  1 
ATOM   779  C CD1 . LEU B 1 27  ? 8.55243   14.12899  -5.88067  1.000 25.40247  ?  10  LEU B CD1 1 
ATOM   780  C CD2 . LEU B 1 27  ? 8.70630   16.38397  -6.93776  1.000 35.36488  ?  10  LEU B CD2 1 
ATOM   781  N N   . GLN B 1 28  ? 6.92435   14.43118  -2.56510  1.000 14.84412  ?  11  GLN B N   1 
ATOM   782  C CA  . GLN B 1 28  ? 7.29137   14.68291  -1.17873  1.000 17.56908  ?  11  GLN B CA  1 
ATOM   783  C C   . GLN B 1 28  ? 8.80051   14.57589  -1.01787  1.000 27.87301  ?  11  GLN B C   1 
ATOM   784  O O   . GLN B 1 28  ? 9.40776   13.59668  -1.46353  1.000 31.66655  ?  11  GLN B O   1 
ATOM   785  C CB  . GLN B 1 28  ? 6.58373   13.69943  -0.24244  1.000 20.39081  ?  11  GLN B CB  1 
ATOM   786  C CG  . GLN B 1 28  ? 7.03816   13.76991  1.20445   1.000 22.70903  ?  11  GLN B CG  1 
ATOM   787  C CD  . GLN B 1 28  ? 6.24951   12.83852  2.10292   1.000 36.61430  ?  11  GLN B CD  1 
ATOM   788  O OE1 . GLN B 1 28  ? 5.02949   12.95709  2.22007   1.000 37.23221  ?  11  GLN B OE1 1 
ATOM   789  N NE2 . GLN B 1 28  ? 6.94216   11.89971  2.73734   1.000 42.06171  ?  11  GLN B NE2 1 
ATOM   790  N N   . TRP B 1 29  ? 9.40074   15.58516  -0.38703  1.000 32.29984  ?  12  TRP B N   1 
ATOM   791  C CA  . TRP B 1 29  ? 10.82093  15.57881  -0.07006  1.000 26.65417  ?  12  TRP B CA  1 
ATOM   792  C C   . TRP B 1 29  ? 11.01298  15.85298  1.41349   1.000 33.51278  ?  12  TRP B C   1 
ATOM   793  O O   . TRP B 1 29  ? 10.23022  16.57566  2.03606   1.000 38.48171  ?  12  TRP B O   1 
ATOM   794  C CB  . TRP B 1 29  ? 11.60908  16.60711  -0.90313  1.000 31.84142  ?  12  TRP B CB  1 
ATOM   795  C CG  . TRP B 1 29  ? 11.08862  18.01496  -0.85626  1.000 42.85934  ?  12  TRP B CG  1 
ATOM   796  C CD1 . TRP B 1 29  ? 11.58733  19.05141  -0.11951  1.000 40.78026  ?  12  TRP B CD1 1 
ATOM   797  C CD2 . TRP B 1 29  ? 9.98386   18.54613  -1.59777  1.000 42.33213  ?  12  TRP B CD2 1 
ATOM   798  N NE1 . TRP B 1 29  ? 10.85601  20.19166  -0.35095  1.000 44.48928  ?  12  TRP B NE1 1 
ATOM   799  C CE2 . TRP B 1 29  ? 9.86546   19.90762  -1.25420  1.000 45.35829  ?  12  TRP B CE2 1 
ATOM   800  C CE3 . TRP B 1 29  ? 9.07908   18.00073  -2.51339  1.000 24.58054  ?  12  TRP B CE3 1 
ATOM   801  C CZ2 . TRP B 1 29  ? 8.87817   20.72992  -1.79306  1.000 36.04612  ?  12  TRP B CZ2 1 
ATOM   802  C CZ3 . TRP B 1 29  ? 8.10283   18.81884  -3.04924  1.000 31.12268  ?  12  TRP B CZ3 1 
ATOM   803  C CH2 . TRP B 1 29  ? 8.00930   20.16821  -2.68726  1.000 34.08888  ?  12  TRP B CH2 1 
ATOM   804  N N   . GLU B 1 30  ? 12.06634  15.26312  1.97376   1.000 47.70359  ?  13  GLU B N   1 
ATOM   805  C CA  . GLU B 1 30  ? 12.33920  15.33587  3.40011   1.000 62.23797  ?  13  GLU B CA  1 
ATOM   806  C C   . GLU B 1 30  ? 13.79160  15.73218  3.63013   1.000 59.99694  ?  13  GLU B C   1 
ATOM   807  O O   . GLU B 1 30  ? 14.63690  15.63080  2.73680   1.000 57.93141  ?  13  GLU B O   1 
ATOM   808  C CB  . GLU B 1 30  ? 12.03579  13.99778  4.09102   1.000 48.58329  ?  13  GLU B CB  1 
ATOM   809  C CG  . GLU B 1 30  ? 10.61904  13.49327  3.85010   1.000 61.14944  ?  13  GLU B CG  1 
ATOM   810  C CD  . GLU B 1 30  ? 10.43530  12.03930  4.23760   1.000 71.45346  ?  13  GLU B CD  1 
ATOM   811  O OE1 . GLU B 1 30  ? 11.18218  11.55480  5.11295   1.000 66.96514  ?  13  GLU B OE1 1 
ATOM   812  O OE2 . GLU B 1 30  ? 9.54624   11.37779  3.65949   1.000 58.65093  -1 13  GLU B OE2 1 
ATOM   813  N N   . ASP B 1 31  ? 14.07030  16.18919  4.84729   1.000 67.85930  ?  14  ASP B N   1 
ATOM   814  C CA  . ASP B 1 31  ? 15.41747  16.60183  5.22543   1.000 75.85136  ?  14  ASP B CA  1 
ATOM   815  C C   . ASP B 1 31  ? 16.14488  15.48959  5.97471   1.000 65.76612  ?  14  ASP B C   1 
ATOM   816  O O   . ASP B 1 31  ? 15.58236  14.85959  6.87060   1.000 59.19402  ?  14  ASP B O   1 
ATOM   817  C CB  . ASP B 1 31  ? 15.36867  17.86900  6.08254   1.000 64.47314  ?  14  ASP B CB  1 
ATOM   818  C CG  . ASP B 1 31  ? 16.72314  18.23944  6.65357   1.000 82.86449  ?  14  ASP B CG  1 
ATOM   819  O OD1 . ASP B 1 31  ? 17.63259  18.57183  5.86467   1.000 85.07652  ?  14  ASP B OD1 1 
ATOM   820  O OD2 . ASP B 1 31  ? 16.87766  18.19930  7.89253   1.000 98.69355  -1 14  ASP B OD2 1 
ATOM   821  N N   . LYS B 1 36  ? 11.23727  20.01523  7.50261   1.000 59.39680  ?  19  LYS B N   1 
ATOM   822  C CA  . LYS B 1 36  ? 11.62624  18.62351  7.69737   1.000 52.08918  ?  19  LYS B CA  1 
ATOM   823  C C   . LYS B 1 36  ? 10.89279  17.70222  6.72744   1.000 59.11426  ?  19  LYS B C   1 
ATOM   824  O O   . LYS B 1 36  ? 11.48337  16.77460  6.17592   1.000 76.38509  ?  19  LYS B O   1 
ATOM   825  C CB  . LYS B 1 36  ? 11.35761  18.18769  9.13897   1.000 48.35288  ?  19  LYS B CB  1 
ATOM   826  C CG  . LYS B 1 36  ? 12.14755  18.96349  10.17840  1.000 58.40960  ?  19  LYS B CG  1 
ATOM   827  C CD  . LYS B 1 36  ? 11.81407  18.49493  11.58498  1.000 65.74900  ?  19  LYS B CD  1 
ATOM   828  C CE  . LYS B 1 36  ? 12.59703  19.27744  12.62650  1.000 71.60606  ?  19  LYS B CE  1 
ATOM   829  N NZ  . LYS B 1 36  ? 12.25661  18.85280  14.01266  1.000 65.40388  ?  19  LYS B NZ  1 
ATOM   830  N N   . VAL B 1 37  ? 9.60100   17.95699  6.52948   1.000 57.96224  ?  20  VAL B N   1 
ATOM   831  C CA  . VAL B 1 37  ? 8.77179   17.18613  5.60908   1.000 46.92530  ?  20  VAL B CA  1 
ATOM   832  C C   . VAL B 1 37  ? 7.99225   18.16592  4.74459   1.000 37.97950  ?  20  VAL B C   1 
ATOM   833  O O   . VAL B 1 37  ? 7.25770   19.01241  5.26775   1.000 39.04011  ?  20  VAL B O   1 
ATOM   834  C CB  . VAL B 1 37  ? 7.81235   16.23476  6.34404   1.000 39.20251  ?  20  VAL B CB  1 
ATOM   835  C CG1 . VAL B 1 37  ? 6.90778   15.52513  5.34868   1.000 39.24469  ?  20  VAL B CG1 1 
ATOM   836  C CG2 . VAL B 1 37  ? 8.59007   15.22486  7.17485   1.000 43.97095  ?  20  VAL B CG2 1 
ATOM   837  N N   . PHE B 1 38  ? 8.15089   18.05268  3.42875   1.000 29.57149  ?  21  PHE B N   1 
ATOM   838  C CA  . PHE B 1 38  ? 7.46000   18.90749  2.47661   1.000 27.35806  ?  21  PHE B CA  1 
ATOM   839  C C   . PHE B 1 38  ? 6.79597   18.04699  1.41192   1.000 22.54209  ?  21  PHE B C   1 
ATOM   840  O O   . PHE B 1 38  ? 7.29052   16.97093  1.06491   1.000 27.71228  ?  21  PHE B O   1 
ATOM   841  C CB  . PHE B 1 38  ? 8.41731   19.90445  1.80705   1.000 34.17992  ?  21  PHE B CB  1 
ATOM   842  C CG  . PHE B 1 38  ? 9.11262   20.82738  2.76844   1.000 48.02995  ?  21  PHE B CG  1 
ATOM   843  C CD1 . PHE B 1 38  ? 10.26269  20.42573  3.42877   1.000 51.07555  ?  21  PHE B CD1 1 
ATOM   844  C CD2 . PHE B 1 38  ? 8.62508   22.10337  2.99913   1.000 51.46053  ?  21  PHE B CD2 1 
ATOM   845  C CE1 . PHE B 1 38  ? 10.90612  21.27435  4.31002   1.000 52.03398  ?  21  PHE B CE1 1 
ATOM   846  C CE2 . PHE B 1 38  ? 9.26472   22.95729  3.87797   1.000 49.53805  ?  21  PHE B CE2 1 
ATOM   847  C CZ  . PHE B 1 38  ? 10.40669  22.54199  4.53415   1.000 52.18707  ?  21  PHE B CZ  1 
ATOM   848  N N   . SER B 1 39  ? 5.67153   18.53458  0.89066   1.000 20.95179  ?  22  SER B N   1 
ATOM   849  C CA  . SER B 1 39  ? 4.96207   17.83987  -0.17297  1.000 19.74457  ?  22  SER B CA  1 
ATOM   850  C C   . SER B 1 39  ? 4.23784   18.85941  -1.03979  1.000 21.87296  ?  22  SER B C   1 
ATOM   851  O O   . SER B 1 39  ? 3.90613   19.95834  -0.58621  1.000 22.50544  ?  22  SER B O   1 
ATOM   852  C CB  . SER B 1 39  ? 3.97138   16.81006  0.38281   1.000 16.95752  ?  22  SER B CB  1 
ATOM   853  O OG  . SER B 1 39  ? 3.03600   17.41741  1.25512   1.000 31.54022  ?  22  SER B OG  1 
ATOM   854  N N   . HIS B 1 40  ? 3.99415   18.48034  -2.29341  1.000 30.97232  ?  23  HIS B N   1 
ATOM   855  C CA  . HIS B 1 40  ? 3.31650   19.35280  -3.24711  1.000 17.09957  ?  23  HIS B CA  1 
ATOM   856  C C   . HIS B 1 40  ? 2.46817   18.49213  -4.16817  1.000 19.27590  ?  23  HIS B C   1 
ATOM   857  O O   . HIS B 1 40  ? 3.00582   17.65935  -4.90389  1.000 21.95721  ?  23  HIS B O   1 
ATOM   858  C CB  . HIS B 1 40  ? 4.32305   20.17748  -4.05124  1.000 17.15841  ?  23  HIS B CB  1 
ATOM   859  C CG  . HIS B 1 40  ? 3.72836   21.38554  -4.70451  1.000 31.77349  ?  23  HIS B CG  1 
ATOM   860  N ND1 . HIS B 1 40  ? 2.94224   21.31230  -5.83451  1.000 43.18367  ?  23  HIS B ND1 1 
ATOM   861  C CD2 . HIS B 1 40  ? 3.80724   22.69904  -4.38591  1.000 36.00064  ?  23  HIS B CD2 1 
ATOM   862  C CE1 . HIS B 1 40  ? 2.56264   22.52863  -6.18379  1.000 31.99934  ?  23  HIS B CE1 1 
ATOM   863  N NE2 . HIS B 1 40  ? 3.07442   23.38828  -5.32136  1.000 45.31838  ?  23  HIS B NE2 1 
ATOM   864  N N   . THR B 1 41  ? 1.15377   18.68915  -4.12518  1.000 15.09474  ?  24  THR B N   1 
ATOM   865  C CA  . THR B 1 41  ? 0.21805   17.91234  -4.92663  1.000 14.23882  ?  24  THR B CA  1 
ATOM   866  C C   . THR B 1 41  ? -0.27695  18.75001  -6.09814  1.000 16.58674  ?  24  THR B C   1 
ATOM   867  O O   . THR B 1 41  ? -0.73060  19.88346  -5.91012  1.000 20.82960  ?  24  THR B O   1 
ATOM   868  C CB  . THR B 1 41  ? -0.96624  17.43874  -4.08118  1.000 14.56174  ?  24  THR B CB  1 
ATOM   869  O OG1 . THR B 1 41  ? -0.49677  16.58312  -3.03216  1.000 18.32986  ?  24  THR B OG1 1 
ATOM   870  C CG2 . THR B 1 41  ? -1.96634  16.67683  -4.93892  1.000 17.21804  ?  24  THR B CG2 1 
ATOM   871  N N   . VAL B 1 42  ? -0.18711  18.18973  -7.30262  1.000 19.88575  ?  25  VAL B N   1 
ATOM   872  C CA  . VAL B 1 42  ? -0.66678  18.84524  -8.50968  1.000 24.15826  ?  25  VAL B CA  1 
ATOM   873  C C   . VAL B 1 42  ? -1.71842  17.95638  -9.15908  1.000 26.37823  ?  25  VAL B C   1 
ATOM   874  O O   . VAL B 1 42  ? -1.81469  16.75780  -8.88317  1.000 25.44485  ?  25  VAL B O   1 
ATOM   875  C CB  . VAL B 1 42  ? 0.47311   19.15234  -9.50322  1.000 31.52759  ?  25  VAL B CB  1 
ATOM   876  C CG1 . VAL B 1 42  ? 1.51974   20.04378  -8.85430  1.000 28.50677  ?  25  VAL B CG1 1 
ATOM   877  C CG2 . VAL B 1 42  ? 1.10071   17.86201  -10.01099 1.000 23.56946  ?  25  VAL B CG2 1 
ATOM   878  N N   . ASN B 1 43  ? -2.51638  18.56403  -10.03150 1.000 32.87591  ?  26  ASN B N   1 
ATOM   879  C CA  . ASN B 1 43  ? -3.54228  17.85774  -10.78329 1.000 23.04055  ?  26  ASN B CA  1 
ATOM   880  C C   . ASN B 1 43  ? -3.11974  17.74080  -12.24021 1.000 25.57604  ?  26  ASN B C   1 
ATOM   881  O O   . ASN B 1 43  ? -2.55594  18.67972  -12.81138 1.000 28.59620  ?  26  ASN B O   1 
ATOM   882  C CB  . ASN B 1 43  ? -4.89218  18.57141  -10.68598 1.000 28.22944  ?  26  ASN B CB  1 
ATOM   883  C CG  . ASN B 1 43  ? -5.35931  18.73625  -9.25656  1.000 34.83798  ?  26  ASN B CG  1 
ATOM   884  O OD1 . ASN B 1 43  ? -5.96910  17.83405  -8.68118  1.000 40.41600  ?  26  ASN B OD1 1 
ATOM   885  N ND2 . ASN B 1 43  ? -5.07476  19.89373  -8.67308  1.000 42.29223  ?  26  ASN B ND2 1 
ATOM   886  N N   . ILE B 1 44  ? -3.39331  16.58451  -12.83454 1.000 26.43010  ?  27  ILE B N   1 
ATOM   887  C CA  . ILE B 1 44  ? -3.01301  16.31445  -14.21791 1.000 26.91983  ?  27  ILE B CA  1 
ATOM   888  C C   . ILE B 1 44  ? -4.18803  16.64396  -15.13030 1.000 26.85149  ?  27  ILE B C   1 
ATOM   889  O O   . ILE B 1 44  ? -5.30689  16.16610  -14.89341 1.000 43.01227  ?  27  ILE B O   1 
ATOM   890  C CB  . ILE B 1 44  ? -2.56590  14.85544  -14.39866 1.000 33.58999  ?  27  ILE B CB  1 
ATOM   891  C CG1 . ILE B 1 44  ? -1.37794  14.54523  -13.48710 1.000 25.64397  ?  27  ILE B CG1 1 
ATOM   892  C CG2 . ILE B 1 44  ? -2.21305  14.58243  -15.85236 1.000 34.42020  ?  27  ILE B CG2 1 
ATOM   893  C CD1 . ILE B 1 44  ? -0.18365  15.43745  -13.72229 1.000 29.67419  ?  27  ILE B CD1 1 
ATOM   894  N N   . PRO B 1 45  ? -3.98840  17.45229  -16.16747 1.000 39.71683  ?  28  PRO B N   1 
ATOM   895  C CA  . PRO B 1 45  ? -5.06658  17.72078  -17.12650 1.000 50.05711  ?  28  PRO B CA  1 
ATOM   896  C C   . PRO B 1 45  ? -5.45508  16.45714  -17.87078 1.000 59.75382  ?  28  PRO B C   1 
ATOM   897  O O   . PRO B 1 45  ? -4.64629  15.52400  -17.98975 1.000 62.12844  ?  28  PRO B O   1 
ATOM   898  C CB  . PRO B 1 45  ? -4.44646  18.76043  -18.07305 1.000 55.77788  ?  28  PRO B CB  1 
ATOM   899  C CG  . PRO B 1 45  ? -2.97058  18.56160  -17.93634 1.000 56.70701  ?  28  PRO B CG  1 
ATOM   900  C CD  . PRO B 1 45  ? -2.75198  18.17663  -16.50480 1.000 42.08440  ?  28  PRO B CD  1 
ATOM   901  N N   . PRO B 1 46  ? -6.68446  16.38644  -18.38867 1.000 66.66752  ?  29  PRO B N   1 
ATOM   902  C CA  . PRO B 1 46  ? -7.14350  15.13312  -19.01213 1.000 71.08822  ?  29  PRO B CA  1 
ATOM   903  C C   . PRO B 1 46  ? -6.35101  14.72882  -20.24348 1.000 81.50721  ?  29  PRO B C   1 
ATOM   904  O O   . PRO B 1 46  ? -6.25055  13.52989  -20.53354 1.000 87.86953  ?  29  PRO B O   1 
ATOM   905  C CB  . PRO B 1 46  ? -8.60917  15.43380  -19.36055 1.000 74.54341  ?  29  PRO B CB  1 
ATOM   906  C CG  . PRO B 1 46  ? -8.99474  16.56993  -18.46528 1.000 62.12554  ?  29  PRO B CG  1 
ATOM   907  C CD  . PRO B 1 46  ? -7.75510  17.39457  -18.31891 1.000 58.98598  ?  29  PRO B CD  1 
ATOM   908  N N   . GLY B 1 47  ? -5.78304  15.68405  -20.97514 1.000 63.53282  ?  30  GLY B N   1 
ATOM   909  C CA  . GLY B 1 47  ? -5.07107  15.36653  -22.19771 1.000 66.96252  ?  30  GLY B CA  1 
ATOM   910  C C   . GLY B 1 47  ? -3.57069  15.24850  -22.02674 1.000 77.87752  ?  30  GLY B C   1 
ATOM   911  O O   . GLY B 1 47  ? -2.80906  15.98930  -22.65587 1.000 86.79354  ?  30  GLY B O   1 
ATOM   912  N N   . GLY B 1 48  ? -3.13188  14.31679  -21.18376 1.000 76.02407  ?  31  GLY B N   1 
ATOM   913  C CA  . GLY B 1 48  ? -1.71457  14.12629  -20.94612 1.000 72.95951  ?  31  GLY B CA  1 
ATOM   914  C C   . GLY B 1 48  ? -1.29168  12.67191  -20.94319 1.000 65.50868  ?  31  GLY B C   1 
ATOM   915  O O   . GLY B 1 48  ? -1.92869  11.83357  -20.29776 1.000 70.37977  ?  31  GLY B O   1 
ATOM   916  N N   . THR B 1 49  ? -0.21591  12.36122  -21.66205 1.000 64.35456  ?  32  THR B N   1 
ATOM   917  C CA  . THR B 1 49  ? 0.28501   10.99716  -21.71084 1.000 80.98212  ?  32  THR B CA  1 
ATOM   918  C C   . THR B 1 49  ? 0.96449   10.62867  -20.39582 1.000 75.76143  ?  32  THR B C   1 
ATOM   919  O O   . THR B 1 49  ? 1.40753   11.48829  -19.62997 1.000 75.80093  ?  32  THR B O   1 
ATOM   920  C CB  . THR B 1 49  ? 1.28018   10.82156  -22.85907 1.000 69.11817  ?  32  THR B CB  1 
ATOM   921  O OG1 . THR B 1 49  ? 2.59140   11.19384  -22.41571 1.000 68.77349  ?  32  THR B OG1 1 
ATOM   922  C CG2 . THR B 1 49  ? 0.89608   11.69703  -24.03513 1.000 57.86621  ?  32  THR B CG2 1 
ATOM   923  N N   . ALA B 1 50  ? 1.05066   9.32067   -20.14293 1.000 70.36901  ?  33  ALA B N   1 
ATOM   924  C CA  . ALA B 1 50  ? 1.78732   8.84153   -18.97981 1.000 54.34499  ?  33  ALA B CA  1 
ATOM   925  C C   . ALA B 1 50  ? 3.27429   9.15086   -19.08121 1.000 47.34230  ?  33  ALA B C   1 
ATOM   926  O O   . ALA B 1 50  ? 3.95684   9.21163   -18.05258 1.000 58.65345  ?  33  ALA B O   1 
ATOM   927  C CB  . ALA B 1 50  ? 1.57543   7.33764   -18.80251 1.000 41.99806  ?  33  ALA B CB  1 
ATOM   928  N N   . GLU B 1 51  ? 3.78826   9.34545   -20.29730 1.000 44.92801  ?  34  GLU B N   1 
ATOM   929  C CA  . GLU B 1 51  ? 5.18758   9.72138   -20.46807 1.000 54.81547  ?  34  GLU B CA  1 
ATOM   930  C C   . GLU B 1 51  ? 5.43968   11.14260  -19.98021 1.000 51.87591  ?  34  GLU B C   1 
ATOM   931  O O   . GLU B 1 51  ? 6.40356   11.39640  -19.24837 1.000 48.07415  ?  34  GLU B O   1 
ATOM   932  C CB  . GLU B 1 51  ? 5.58877   9.57639   -21.93600 1.000 64.87959  ?  34  GLU B CB  1 
ATOM   933  C CG  . GLU B 1 51  ? 5.82351   8.14427   -22.37622 1.000 68.53132  ?  34  GLU B CG  1 
ATOM   934  C CD  . GLU B 1 51  ? 7.26063   7.70899   -22.17665 1.000 80.26334  ?  34  GLU B CD  1 
ATOM   935  O OE1 . GLU B 1 51  ? 8.17002   8.47615   -22.55579 1.000 99.92936  ?  34  GLU B OE1 1 
ATOM   936  O OE2 . GLU B 1 51  ? 7.48539   6.60784   -21.63287 1.000 78.80937  -1 34  GLU B OE2 1 
ATOM   937  N N   . GLN B 1 52  ? 4.58222   12.08614  -20.37908 1.000 48.18187  ?  35  GLN B N   1 
ATOM   938  C CA  . GLN B 1 52  ? 4.77232   13.47497  -19.97328 1.000 49.96285  ?  35  GLN B CA  1 
ATOM   939  C C   . GLN B 1 52  ? 4.53007   13.66847  -18.48189 1.000 40.82620  ?  35  GLN B C   1 
ATOM   940  O O   . GLN B 1 52  ? 5.08700   14.59473  -17.88244 1.000 46.66924  ?  35  GLN B O   1 
ATOM   941  C CB  . GLN B 1 52  ? 3.85899   14.39334  -20.78617 1.000 47.38539  ?  35  GLN B CB  1 
ATOM   942  C CG  . GLN B 1 52  ? 4.37133   14.69055  -22.18731 1.000 46.09221  ?  35  GLN B CG  1 
ATOM   943  C CD  . GLN B 1 52  ? 5.68831   15.44664  -22.17811 1.000 60.01801  ?  35  GLN B CD  1 
ATOM   944  O OE1 . GLN B 1 52  ? 6.75350   14.86532  -22.38568 1.000 59.64919  ?  35  GLN B OE1 1 
ATOM   945  N NE2 . GLN B 1 52  ? 5.62001   16.75123  -21.93864 1.000 49.81671  ?  35  GLN B NE2 1 
ATOM   946  N N   . ILE B 1 53  ? 3.70872   12.81579  -17.86758 1.000 44.61813  ?  36  ILE B N   1 
ATOM   947  C CA  . ILE B 1 53  ? 3.50906   12.89212  -16.42342 1.000 43.01070  ?  36  ILE B CA  1 
ATOM   948  C C   . ILE B 1 53  ? 4.77182   12.45435  -15.69200 1.000 42.05565  ?  36  ILE B C   1 
ATOM   949  O O   . ILE B 1 53  ? 5.24882   13.13560  -14.77678 1.000 37.37771  ?  36  ILE B O   1 
ATOM   950  C CB  . ILE B 1 53  ? 2.29440   12.04616  -16.00142 1.000 45.53261  ?  36  ILE B CB  1 
ATOM   951  C CG1 . ILE B 1 53  ? 1.02273   12.54988  -16.68350 1.000 33.32444  ?  36  ILE B CG1 1 
ATOM   952  C CG2 . ILE B 1 53  ? 2.12799   12.07050  -14.48976 1.000 38.19702  ?  36  ILE B CG2 1 
ATOM   953  C CD1 . ILE B 1 53  ? -0.17505  11.65492  -16.45907 1.000 23.99349  ?  36  ILE B CD1 1 
ATOM   954  N N   . ALA B 1 54  ? 5.33429   11.31048  -16.08946 1.000 36.23403  ?  37  ALA B N   1 
ATOM   955  C CA  . ALA B 1 54  ? 6.53244   10.80404  -15.42895 1.000 31.88691  ?  37  ALA B CA  1 
ATOM   956  C C   . ALA B 1 54  ? 7.74181   11.68462  -15.71836 1.000 35.55189  ?  37  ALA B C   1 
ATOM   957  O O   . ALA B 1 54  ? 8.56484   11.92784  -14.82818 1.000 39.77567  ?  37  ALA B O   1 
ATOM   958  C CB  . ALA B 1 54  ? 6.79736   9.36247   -15.86028 1.000 37.78801  ?  37  ALA B CB  1 
ATOM   959  N N   . ASP B 1 55  ? 7.86944   12.17027  -16.95645 1.000 46.32645  ?  38  ASP B N   1 
ATOM   960  C CA  . ASP B 1 55  ? 8.97213   13.06910  -17.28257 1.000 39.63772  ?  38  ASP B CA  1 
ATOM   961  C C   . ASP B 1 55  ? 8.87043   14.38038  -16.51530 1.000 42.06712  ?  38  ASP B C   1 
ATOM   962  O O   . ASP B 1 55  ? 9.89477   15.00224  -16.21041 1.000 41.07150  ?  38  ASP B O   1 
ATOM   963  C CB  . ASP B 1 55  ? 9.01023   13.33836  -18.78824 1.000 58.36277  ?  38  ASP B CB  1 
ATOM   964  C CG  . ASP B 1 55  ? 9.48529   12.13805  -19.58594 1.000 71.22596  ?  38  ASP B CG  1 
ATOM   965  O OD1 . ASP B 1 55  ? 10.34566  11.38754  -19.07916 1.000 67.64300  ?  38  ASP B OD1 1 
ATOM   966  O OD2 . ASP B 1 55  ? 9.00067   11.94692  -20.72173 1.000 69.13055  -1 38  ASP B OD2 1 
ATOM   967  N N   . ASN B 1 56  ? 7.65030   14.81460  -16.19143 1.000 48.36666  ?  39  ASN B N   1 
ATOM   968  C CA  . ASN B 1 56  ? 7.48592   16.05791  -15.44617 1.000 37.88675  ?  39  ASN B CA  1 
ATOM   969  C C   . ASN B 1 56  ? 7.87494   15.88275  -13.98409 1.000 36.09352  ?  39  ASN B C   1 
ATOM   970  O O   . ASN B 1 56  ? 8.48648   16.77684  -13.38760 1.000 37.57196  ?  39  ASN B O   1 
ATOM   971  C CB  . ASN B 1 56  ? 6.04577   16.55319  -15.55952 1.000 43.44222  ?  39  ASN B CB  1 
ATOM   972  C CG  . ASN B 1 56  ? 5.85329   17.91795  -14.93777 1.000 52.08001  ?  39  ASN B CG  1 
ATOM   973  O OD1 . ASN B 1 56  ? 5.42297   18.03980  -13.79087 1.000 63.53324  ?  39  ASN B OD1 1 
ATOM   974  N ND2 . ASN B 1 56  ? 6.18203   18.95661  -15.69205 1.000 55.93018  ?  39  ASN B ND2 1 
ATOM   975  N N   . ILE B 1 57  ? 7.52605   14.74018  -13.38821 1.000 34.18167  ?  40  ILE B N   1 
ATOM   976  C CA  . ILE B 1 57  ? 7.88291   14.50056  -11.99423 1.000 34.13971  ?  40  ILE B CA  1 
ATOM   977  C C   . ILE B 1 57  ? 9.38193   14.27370  -11.85493 1.000 34.29417  ?  40  ILE B C   1 
ATOM   978  O O   . ILE B 1 57  ? 9.98354   14.65963  -10.84454 1.000 38.89074  ?  40  ILE B O   1 
ATOM   979  C CB  . ILE B 1 57  ? 7.07110   13.31981  -11.43090 1.000 40.23059  ?  40  ILE B CB  1 
ATOM   980  C CG1 . ILE B 1 57  ? 5.57586   13.57612  -11.61608 1.000 37.37291  ?  40  ILE B CG1 1 
ATOM   981  C CG2 . ILE B 1 57  ? 7.38127   13.10850  -9.95852  1.000 34.20072  ?  40  ILE B CG2 1 
ATOM   982  C CD1 . ILE B 1 57  ? 5.11404   14.90258  -11.04818 1.000 43.94697  ?  40  ILE B CD1 1 
ATOM   983  N N   . LEU B 1 58  ? 10.01118  13.65347  -12.85698 1.000 36.66802  ?  41  LEU B N   1 
ATOM   984  C CA  . LEU B 1 58  ? 11.46315  13.50783  -12.83716 1.000 31.86733  ?  41  LEU B CA  1 
ATOM   985  C C   . LEU B 1 58  ? 12.15099  14.86548  -12.82017 1.000 43.28544  ?  41  LEU B C   1 
ATOM   986  O O   . LEU B 1 58  ? 13.12978  15.06536  -12.09155 1.000 43.43796  ?  41  LEU B O   1 
ATOM   987  C CB  . LEU B 1 58  ? 11.93220  12.69532  -14.04311 1.000 39.65142  ?  41  LEU B CB  1 
ATOM   988  C CG  . LEU B 1 58  ? 12.14878  11.19608  -13.85013 1.000 41.08972  ?  41  LEU B CG  1 
ATOM   989  C CD1 . LEU B 1 58  ? 12.88488  10.62887  -15.05089 1.000 46.21719  ?  41  LEU B CD1 1 
ATOM   990  C CD2 . LEU B 1 58  ? 12.91696  10.92294  -12.56818 1.000 51.87624  ?  41  LEU B CD2 1 
ATOM   991  N N   . ASP B 1 59  ? 11.65073  15.81241  -13.61719 1.000 43.57984  ?  42  ASP B N   1 
ATOM   992  C CA  . ASP B 1 59  ? 12.25778  17.13791  -13.66307 1.000 39.21401  ?  42  ASP B CA  1 
ATOM   993  C C   . ASP B 1 59  ? 12.09961  17.86474  -12.33315 1.000 48.76466  ?  42  ASP B C   1 
ATOM   994  O O   . ASP B 1 59  ? 13.02319  18.55239  -11.88254 1.000 63.02637  ?  42  ASP B O   1 
ATOM   995  C CB  . ASP B 1 59  ? 11.64651  17.95395  -14.80158 1.000 45.54341  ?  42  ASP B CB  1 
ATOM   996  C CG  . ASP B 1 59  ? 12.32539  19.29602  -14.98538 1.000 74.77884  ?  42  ASP B CG  1 
ATOM   997  O OD1 . ASP B 1 59  ? 13.47877  19.31964  -15.46473 1.000 93.88025  ?  42  ASP B OD1 1 
ATOM   998  O OD2 . ASP B 1 59  ? 11.70552  20.32750  -14.65026 1.000 81.19984  -1 42  ASP B OD2 1 
ATOM   999  N N   . MET B 1 60  ? 10.93819  17.72503  -11.68853 1.000 34.67637  ?  43  MET B N   1 
ATOM   1000 C CA  . MET B 1 60  ? 10.74861  18.34203  -10.38005 1.000 34.55235  ?  43  MET B CA  1 
ATOM   1001 C C   . MET B 1 60  ? 11.58396  17.65507  -9.30711  1.000 44.34957  ?  43  MET B C   1 
ATOM   1002 O O   . MET B 1 60  ? 12.00138  18.30326  -8.34081  1.000 40.92689  ?  43  MET B O   1 
ATOM   1003 C CB  . MET B 1 60  ? 9.26933   18.32277  -9.99256  1.000 44.19735  ?  43  MET B CB  1 
ATOM   1004 C CG  . MET B 1 60  ? 8.44829   19.45905  -10.58482 1.000 63.23636  ?  43  MET B CG  1 
ATOM   1005 S SD  . MET B 1 60  ? 6.74659   19.46691  -9.98359  1.000 75.42278  ?  43  MET B SD  1 
ATOM   1006 C CE  . MET B 1 60  ? 6.16326   21.03557  -10.62318 1.000 58.71172  ?  43  MET B CE  1 
ATOM   1007 N N   . ALA B 1 61  ? 11.84042  16.35354  -9.45685  1.000 43.22957  ?  44  ALA B N   1 
ATOM   1008 C CA  . ALA B 1 61  ? 12.63365  15.63174  -8.46851  1.000 45.97025  ?  44  ALA B CA  1 
ATOM   1009 C C   . ALA B 1 61  ? 14.12939  15.82350  -8.68086  1.000 44.43515  ?  44  ALA B C   1 
ATOM   1010 O O   . ALA B 1 61  ? 14.89992  15.75800  -7.71649  1.000 50.00748  ?  44  ALA B O   1 
ATOM   1011 C CB  . ALA B 1 61  ? 12.28740  14.14240  -8.49923  1.000 42.41776  ?  44  ALA B CB  1 
ATOM   1012 N N   . ARG B 1 62  ? 14.55786  16.05521  -9.92420  1.000 55.55105  ?  45  ARG B N   1 
ATOM   1013 C CA  . ARG B 1 62  ? 15.97440  16.28722  -10.18583 1.000 52.61297  ?  45  ARG B CA  1 
ATOM   1014 C C   . ARG B 1 62  ? 16.44589  17.61315  -9.60364  1.000 48.04045  ?  45  ARG B C   1 
ATOM   1015 O O   . ARG B 1 62  ? 17.60380  17.72651  -9.18605  1.000 62.59243  ?  45  ARG B O   1 
ATOM   1016 C CB  . ARG B 1 62  ? 16.24662  16.23818  -11.68919 1.000 49.99811  ?  45  ARG B CB  1 
ATOM   1017 C CG  . ARG B 1 62  ? 16.29900  14.83271  -12.26471 1.000 47.63255  ?  45  ARG B CG  1 
ATOM   1018 C CD  . ARG B 1 62  ? 16.27778  14.86114  -13.78203 1.000 49.35790  ?  45  ARG B CD  1 
ATOM   1019 N NE  . ARG B 1 62  ? 17.30811  15.73684  -14.32614 1.000 52.51609  ?  45  ARG B NE  1 
ATOM   1020 C CZ  . ARG B 1 62  ? 17.46606  15.99217  -15.61745 1.000 66.25805  ?  45  ARG B CZ  1 
ATOM   1021 N NH1 . ARG B 1 62  ? 16.67731  15.44950  -16.53052 1.000 73.86772  ?  45  ARG B NH1 1 
ATOM   1022 N NH2 . ARG B 1 62  ? 18.43858  16.81370  -16.00231 1.000 63.84420  ?  45  ARG B NH2 1 
ATOM   1023 N N   . SER B 1 63  ? 15.57384  18.62317  -9.56909  1.000 44.97177  ?  46  SER B N   1 
ATOM   1024 C CA  . SER B 1 63  ? 15.94832  19.89376  -8.95709  1.000 52.89634  ?  46  SER B CA  1 
ATOM   1025 C C   . SER B 1 63  ? 16.07266  19.75821  -7.44484  1.000 58.20243  ?  46  SER B C   1 
ATOM   1026 O O   . SER B 1 63  ? 16.95701  20.36685  -6.83115  1.000 65.17891  ?  46  SER B O   1 
ATOM   1027 C CB  . SER B 1 63  ? 14.92932  20.97405  -9.31972  1.000 54.86606  ?  46  SER B CB  1 
ATOM   1028 O OG  . SER B 1 63  ? 13.64022  20.64498  -8.83171  1.000 61.67927  ?  46  SER B OG  1 
ATOM   1029 N N   . LEU B 1 64  ? 15.19544  18.96258  -6.82809  1.000 58.27473  ?  47  LEU B N   1 
ATOM   1030 C CA  . LEU B 1 64  ? 15.28411  18.73036  -5.39075  1.000 56.05634  ?  47  LEU B CA  1 
ATOM   1031 C C   . LEU B 1 64  ? 16.48585  17.86632  -5.03610  1.000 55.64544  ?  47  LEU B C   1 
ATOM   1032 O O   . LEU B 1 64  ? 17.05392  18.01367  -3.94774  1.000 56.72577  ?  47  LEU B O   1 
ATOM   1033 C CB  . LEU B 1 64  ? 13.99753  18.07944  -4.88703  1.000 53.59077  ?  47  LEU B CB  1 
ATOM   1034 C CG  . LEU B 1 64  ? 12.71458  18.86771  -5.14669  1.000 42.74111  ?  47  LEU B CG  1 
ATOM   1035 C CD1 . LEU B 1 64  ? 11.50492  17.96523  -4.99866  1.000 45.73349  ?  47  LEU B CD1 1 
ATOM   1036 C CD2 . LEU B 1 64  ? 12.62042  20.05720  -4.20399  1.000 44.64069  ?  47  LEU B CD2 1 
ATOM   1037 N N   . GLN B 1 65  ? 16.88085  16.95960  -5.93320  1.000 56.96794  ?  48  GLN B N   1 
ATOM   1038 C CA  . GLN B 1 65  ? 18.07383  16.15438  -5.69501  1.000 60.26270  ?  48  GLN B CA  1 
ATOM   1039 C C   . GLN B 1 65  ? 19.33297  17.01082  -5.73348  1.000 69.65334  ?  48  GLN B C   1 
ATOM   1040 O O   . GLN B 1 65  ? 20.28358  16.75839  -4.98435  1.000 66.49329  ?  48  GLN B O   1 
ATOM   1041 C CB  . GLN B 1 65  ? 18.15926  15.02469  -6.72074  1.000 55.77303  ?  48  GLN B CB  1 
ATOM   1042 C CG  . GLN B 1 65  ? 19.32262  14.07300  -6.49865  1.000 59.03854  ?  48  GLN B CG  1 
ATOM   1043 C CD  . GLN B 1 65  ? 19.43956  13.03405  -7.59441  1.000 67.52555  ?  48  GLN B CD  1 
ATOM   1044 O OE1 . GLN B 1 65  ? 18.74219  13.10218  -8.60711  1.000 69.24394  ?  48  GLN B OE1 1 
ATOM   1045 N NE2 . GLN B 1 65  ? 20.32406  12.06323  -7.39754  1.000 48.61661  ?  48  GLN B NE2 1 
ATOM   1046 N N   . ASP B 1 66  ? 19.35952  18.02613  -6.60157  1.000 67.04115  ?  49  ASP B N   1 
ATOM   1047 C CA  . ASP B 1 66  ? 20.49526  18.94299  -6.63228  1.000 64.14132  ?  49  ASP B CA  1 
ATOM   1048 C C   . ASP B 1 66  ? 20.58885  19.74114  -5.33852  1.000 61.19219  ?  49  ASP B C   1 
ATOM   1049 O O   . ASP B 1 66  ? 21.68975  20.05470  -4.87027  1.000 70.98327  ?  49  ASP B O   1 
ATOM   1050 C CB  . ASP B 1 66  ? 20.38658  19.88128  -7.83568  1.000 68.99325  ?  49  ASP B CB  1 
ATOM   1051 C CG  . ASP B 1 66  ? 20.44220  19.14261  -9.15960  1.000 90.45834  ?  49  ASP B CG  1 
ATOM   1052 O OD1 . ASP B 1 66  ? 21.05392  18.05415  -9.20981  1.000 96.49254  ?  49  ASP B OD1 1 
ATOM   1053 O OD2 . ASP B 1 66  ? 19.87937  19.65179  -10.15256 1.000 89.42936  -1 49  ASP B OD2 1 
ATOM   1054 N N   . GLU B 1 67  ? 19.44524  20.08025  -4.74927  1.000 60.00369  ?  50  GLU B N   1 
ATOM   1055 C CA  . GLU B 1 67  ? 19.41449  20.73234  -3.45120  1.000 56.13322  ?  50  GLU B CA  1 
ATOM   1056 C C   . GLU B 1 67  ? 19.58096  19.69227  -2.34425  1.000 68.41010  ?  50  GLU B C   1 
ATOM   1057 O O   . GLU B 1 67  ? 19.69891  18.48946  -2.59427  1.000 68.32113  ?  50  GLU B O   1 
ATOM   1058 C CB  . GLU B 1 67  ? 18.11685  21.51981  -3.28276  1.000 47.36838  ?  50  GLU B CB  1 
ATOM   1059 N N   . GLY B 1 68  ? 19.58787  20.15951  -1.09895  1.000 75.58210  ?  51  GLY B N   1 
ATOM   1060 C CA  . GLY B 1 68  ? 19.77905  19.27296  0.03229   1.000 80.91896  ?  51  GLY B CA  1 
ATOM   1061 C C   . GLY B 1 68  ? 18.50722  18.59975  0.50572   1.000 82.53745  ?  51  GLY B C   1 
ATOM   1062 O O   . GLY B 1 68  ? 17.96280  18.95888  1.55427   1.000 78.62169  ?  51  GLY B O   1 
ATOM   1063 N N   . TRP B 1 69  ? 18.02350  17.62011  -0.25643  1.000 75.42720  ?  52  TRP B N   1 
ATOM   1064 C CA  . TRP B 1 69  ? 16.82484  16.86968  0.09484   1.000 66.26464  ?  52  TRP B CA  1 
ATOM   1065 C C   . TRP B 1 69  ? 17.09344  15.38490  -0.09693  1.000 65.96663  ?  52  TRP B C   1 
ATOM   1066 O O   . TRP B 1 69  ? 17.60466  14.97292  -1.14340  1.000 65.82265  ?  52  TRP B O   1 
ATOM   1067 C CB  . TRP B 1 69  ? 15.62364  17.31365  -0.74808  1.000 61.29281  ?  52  TRP B CB  1 
ATOM   1068 C CG  . TRP B 1 69  ? 15.33484  18.78057  -0.63863  1.000 56.86325  ?  52  TRP B CG  1 
ATOM   1069 C CD1 . TRP B 1 69  ? 15.39750  19.70648  -1.63884  1.000 61.40328  ?  52  TRP B CD1 1 
ATOM   1070 C CD2 . TRP B 1 69  ? 14.95384  19.49441  0.54463   1.000 64.10854  ?  52  TRP B CD2 1 
ATOM   1071 N NE1 . TRP B 1 69  ? 15.07030  20.95034  -1.15477  1.000 68.89416  ?  52  TRP B NE1 1 
ATOM   1072 C CE2 . TRP B 1 69  ? 14.79478  20.84712  0.18326   1.000 65.63926  ?  52  TRP B CE2 1 
ATOM   1073 C CE3 . TRP B 1 69  ? 14.72768  19.12020  1.87357   1.000 63.17528  ?  52  TRP B CE3 1 
ATOM   1074 C CZ2 . TRP B 1 69  ? 14.42080  21.82626  1.10185   1.000 66.18314  ?  52  TRP B CZ2 1 
ATOM   1075 C CZ3 . TRP B 1 69  ? 14.35702  20.09319  2.78325   1.000 67.80432  ?  52  TRP B CZ3 1 
ATOM   1076 C CH2 . TRP B 1 69  ? 14.20718  21.43008  2.39359   1.000 70.48172  ?  52  TRP B CH2 1 
ATOM   1077 N N   . ASP B 1 70  ? 16.74396  14.58614  0.91149   0.920 51.38792  ?  53  ASP B N   1 
ATOM   1078 C CA  . ASP B 1 70  ? 17.06491  13.16380  0.90866   0.920 55.42239  ?  53  ASP B CA  1 
ATOM   1079 C C   . ASP B 1 70  ? 15.92458  12.32143  0.35025   0.920 56.52272  ?  53  ASP B C   1 
ATOM   1080 O O   . ASP B 1 70  ? 15.80312  12.15900  -0.86855  0.920 67.78923  ?  53  ASP B O   1 
ATOM   1081 C CB  . ASP B 1 70  ? 17.41426  12.69737  2.32400   0.920 51.83151  ?  53  ASP B CB  1 
ATOM   1082 N N   . LYS B 1 71  ? 15.09259  11.77886  1.23766   1.000 49.49725  ?  54  LYS B N   1 
ATOM   1083 C CA  . LYS B 1 71  ? 14.03203  10.86439  0.83186   1.000 43.98292  ?  54  LYS B CA  1 
ATOM   1084 C C   . LYS B 1 71  ? 13.02834  11.56653  -0.07333  1.000 39.40187  ?  54  LYS B C   1 
ATOM   1085 O O   . LYS B 1 71  ? 12.37136  12.52796  0.33752   1.000 55.27570  ?  54  LYS B O   1 
ATOM   1086 C CB  . LYS B 1 71  ? 13.33423  10.29882  2.06777   1.000 44.14236  ?  54  LYS B CB  1 
ATOM   1087 C CG  . LYS B 1 71  ? 12.12262  9.43354   1.76361   1.000 52.87387  ?  54  LYS B CG  1 
ATOM   1088 C CD  . LYS B 1 71  ? 11.46547  8.94740   3.04581   1.000 61.85477  ?  54  LYS B CD  1 
ATOM   1089 C CE  . LYS B 1 71  ? 10.17156  8.20348   2.76131   1.000 55.27073  ?  54  LYS B CE  1 
ATOM   1090 N NZ  . LYS B 1 71  ? 9.49064   7.78250   4.01715   1.000 56.65648  ?  54  LYS B NZ  1 
ATOM   1091 N N   . LEU B 1 72  ? 12.91245  11.07996  -1.30552  1.000 30.20682  ?  55  LEU B N   1 
ATOM   1092 C CA  . LEU B 1 72  ? 12.00152  11.62866  -2.30181  1.000 25.08355  ?  55  LEU B CA  1 
ATOM   1093 C C   . LEU B 1 72  ? 10.94607  10.58152  -2.63140  1.000 23.39850  ?  55  LEU B C   1 
ATOM   1094 O O   . LEU B 1 72  ? 11.27964  9.47712   -3.07514  1.000 25.46587  ?  55  LEU B O   1 
ATOM   1095 C CB  . LEU B 1 72  ? 12.76174  12.05144  -3.55915  1.000 32.77154  ?  55  LEU B CB  1 
ATOM   1096 C CG  . LEU B 1 72  ? 13.51552  13.37936  -3.46507  1.000 47.80628  ?  55  LEU B CG  1 
ATOM   1097 C CD1 . LEU B 1 72  ? 14.56295  13.50166  -4.55722  1.000 53.14031  ?  55  LEU B CD1 1 
ATOM   1098 C CD2 . LEU B 1 72  ? 12.53286  14.52775  -3.55345  1.000 49.18567  ?  55  LEU B CD2 1 
ATOM   1099 N N   . THR B 1 73  ? 9.68013   10.93071  -2.41645  1.000 20.82936  ?  56  THR B N   1 
ATOM   1100 C CA  . THR B 1 73  ? 8.55954   10.02381  -2.61761  1.000 20.20804  ?  56  THR B CA  1 
ATOM   1101 C C   . THR B 1 73  ? 7.56852   10.63950  -3.59650  1.000 22.06449  ?  56  THR B C   1 
ATOM   1102 O O   . THR B 1 73  ? 7.29823   11.84382  -3.54656  1.000 24.01766  ?  56  THR B O   1 
ATOM   1103 C CB  . THR B 1 73  ? 7.86112   9.71213   -1.28464  1.000 21.69892  ?  56  THR B CB  1 
ATOM   1104 O OG1 . THR B 1 73  ? 8.81836   9.19540   -0.35178  1.000 44.83476  ?  56  THR B OG1 1 
ATOM   1105 C CG2 . THR B 1 73  ? 6.75122   8.68824   -1.47795  1.000 29.24207  ?  56  THR B CG2 1 
ATOM   1106 N N   . VAL B 1 74  ? 7.03583   9.80999   -4.49082  1.000 13.60925  ?  57  VAL B N   1 
ATOM   1107 C CA  . VAL B 1 74  ? 6.03196   10.22270  -5.46382  1.000 11.99062  ?  57  VAL B CA  1 
ATOM   1108 C C   . VAL B 1 74  ? 4.77580   9.39636   -5.23133  1.000 19.94839  ?  57  VAL B C   1 
ATOM   1109 O O   . VAL B 1 74  ? 4.83830   8.16211   -5.19672  1.000 22.11681  ?  57  VAL B O   1 
ATOM   1110 C CB  . VAL B 1 74  ? 6.53235   10.05110  -6.90982  1.000 11.51948  ?  57  VAL B CB  1 
ATOM   1111 C CG1 . VAL B 1 74  ? 5.48555   10.54758  -7.89467  1.000 17.24034  ?  57  VAL B CG1 1 
ATOM   1112 C CG2 . VAL B 1 74  ? 7.85021   10.77921  -7.10853  1.000 24.82039  ?  57  VAL B CG2 1 
ATOM   1113 N N   . GLN B 1 75  ? 3.64075   10.07310  -5.07193  1.000 22.93557  ?  58  GLN B N   1 
ATOM   1114 C CA  . GLN B 1 75  ? 2.35058   9.41602   -4.91225  1.000 22.85167  ?  58  GLN B CA  1 
ATOM   1115 C C   . GLN B 1 75  ? 1.44872   9.79175   -6.07811  1.000 18.40083  ?  58  GLN B C   1 
ATOM   1116 O O   . GLN B 1 75  ? 1.35103   10.96908  -6.43786  1.000 17.79620  ?  58  GLN B O   1 
ATOM   1117 C CB  . GLN B 1 75  ? 1.68175   9.79502   -3.58642  1.000 20.54110  ?  58  GLN B CB  1 
ATOM   1118 C CG  . GLN B 1 75  ? 0.41574   8.99256   -3.29340  1.000 33.01858  ?  58  GLN B CG  1 
ATOM   1119 C CD  . GLN B 1 75  ? -0.35935  9.52039   -2.10034  1.000 50.05817  ?  58  GLN B CD  1 
ATOM   1120 O OE1 . GLN B 1 75  ? -0.36960  10.72204  -1.83335  1.000 73.77431  ?  58  GLN B OE1 1 
ATOM   1121 N NE2 . GLN B 1 75  ? -1.01435  8.62035   -1.37540  1.000 50.19389  ?  58  GLN B NE2 1 
ATOM   1122 N N   . VAL B 1 76  ? 0.79738   8.79119   -6.66466  1.000 13.12138  ?  59  VAL B N   1 
ATOM   1123 C CA  . VAL B 1 76  ? -0.14469  8.98354   -7.75882  1.000 13.29419  ?  59  VAL B CA  1 
ATOM   1124 C C   . VAL B 1 76  ? -1.51079  8.49225   -7.30264  1.000 23.97141  ?  59  VAL B C   1 
ATOM   1125 O O   . VAL B 1 76  ? -1.61672  7.45601   -6.63704  1.000 24.20710  ?  59  VAL B O   1 
ATOM   1126 C CB  . VAL B 1 76  ? 0.30599   8.24560   -9.03605  1.000 12.90451  ?  59  VAL B CB  1 
ATOM   1127 C CG1 . VAL B 1 76  ? -0.55110  8.66023   -10.21885 1.000 21.94950  ?  59  VAL B CG1 1 
ATOM   1128 C CG2 . VAL B 1 76  ? 1.77487   8.51689   -9.31390  1.000 18.33762  ?  59  VAL B CG2 1 
ATOM   1129 N N   . THR B 1 77  ? -2.55537  9.23785   -7.66023  1.000 23.63248  ?  60  THR B N   1 
ATOM   1130 C CA  . THR B 1 77  ? -3.91460  8.95023   -7.21574  1.000 15.62714  ?  60  THR B CA  1 
ATOM   1131 C C   . THR B 1 77  ? -4.86034  9.02077   -8.40407  1.000 17.15688  ?  60  THR B C   1 
ATOM   1132 O O   . THR B 1 77  ? -4.90206  10.03545  -9.10671  1.000 25.87640  ?  60  THR B O   1 
ATOM   1133 C CB  . THR B 1 77  ? -4.35989  9.93214   -6.12686  1.000 23.56164  ?  60  THR B CB  1 
ATOM   1134 O OG1 . THR B 1 77  ? -3.48964  9.81978   -4.99410  1.000 34.87987  ?  60  THR B OG1 1 
ATOM   1135 C CG2 . THR B 1 77  ? -5.78819  9.63900   -5.69853  1.000 34.65067  ?  60  THR B CG2 1 
ATOM   1136 N N   . VAL B 1 78  ? -5.61287  7.94836   -8.62489  1.000 32.91005  ?  61  VAL B N   1 
ATOM   1137 C CA  . VAL B 1 78  ? -6.66435  7.90714   -9.63298  1.000 30.08000  ?  61  VAL B CA  1 
ATOM   1138 C C   . VAL B 1 78  ? -7.98813  8.01774   -8.88799  1.000 39.51227  ?  61  VAL B C   1 
ATOM   1139 O O   . VAL B 1 78  ? -8.43109  7.06333   -8.23926  1.000 32.90366  ?  61  VAL B O   1 
ATOM   1140 C CB  . VAL B 1 78  ? -6.59373  6.62800   -10.47657 1.000 35.00196  ?  61  VAL B CB  1 
ATOM   1141 C CG1 . VAL B 1 78  ? -7.64550  6.65941   -11.57712 1.000 50.12400  ?  61  VAL B CG1 1 
ATOM   1142 C CG2 . VAL B 1 78  ? -5.19982  6.45692   -11.06893 1.000 26.88325  ?  61  VAL B CG2 1 
ATOM   1143 N N   . ASN B 1 79  ? -8.61863  9.19345   -8.96937  1.000 49.88522  ?  62  ASN B N   1 
ATOM   1144 C CA  . ASN B 1 79  ? -9.78658  9.45618   -8.12804  1.000 46.75048  ?  62  ASN B CA  1 
ATOM   1145 C C   . ASN B 1 79  ? -11.00313 8.63619   -8.53789  1.000 59.43632  ?  62  ASN B C   1 
ATOM   1146 O O   . ASN B 1 79  ? -11.64170 8.03964   -7.65255  1.000 78.16021  ?  62  ASN B O   1 
ATOM   1147 C CB  . ASN B 1 79  ? -10.09036 10.95784  -8.11268  1.000 75.03193  ?  62  ASN B CB  1 
ATOM   1148 C CG  . ASN B 1 79  ? -8.97386  11.76907  -7.48887  1.000 79.30084  ?  62  ASN B CG  1 
ATOM   1149 O OD1 . ASN B 1 79  ? -8.02688  12.16587  -8.16753  1.000 69.93555  ?  62  ASN B OD1 1 
ATOM   1150 N ND2 . ASN B 1 79  ? -9.07922  12.02141  -6.18854  1.000 87.63614  ?  62  ASN B ND2 1 
ATOM   1151 N N   . PRO B 1 80  ? -11.40050 8.56245   -9.82300  1.000 59.38835  ?  63  PRO B N   1 
ATOM   1152 C CA  . PRO B 1 80  ? -12.56193 7.73658   -10.18313 1.000 69.39188  ?  63  PRO B CA  1 
ATOM   1153 C C   . PRO B 1 80  ? -12.17229 6.27239   -10.32325 1.000 64.64315  ?  63  PRO B C   1 
ATOM   1154 O O   . PRO B 1 80  ? -11.48363 5.88358   -11.27146 1.000 71.61912  ?  63  PRO B O   1 
ATOM   1155 C CB  . PRO B 1 80  ? -13.01870 8.33992   -11.52176 1.000 67.84111  ?  63  PRO B CB  1 
ATOM   1156 C CG  . PRO B 1 80  ? -12.22138 9.61791   -11.69329 1.000 73.93040  ?  63  PRO B CG  1 
ATOM   1157 C CD  . PRO B 1 80  ? -10.94497 9.35151   -10.97721 1.000 59.14074  ?  63  PRO B CD  1 
ATOM   1158 N N   . GLY B 1 81  ? -12.61608 5.45408   -9.37402  1.000 50.20815  ?  64  GLY B N   1 
ATOM   1159 C CA  . GLY B 1 81  ? -12.32181 4.03525   -9.41391  1.000 61.41463  ?  64  GLY B CA  1 
ATOM   1160 C C   . GLY B 1 81  ? -13.53726 3.18744   -9.72125  1.000 82.79455  ?  64  GLY B C   1 
ATOM   1161 O O   . GLY B 1 81  ? -13.57931 2.00263   -9.37564  1.000 78.97054  ?  64  GLY B O   1 
ATOM   1162 N N   . PHE B 1 82  ? -14.53860 3.78843   -10.37399 1.000 85.44042  ?  65  PHE B N   1 
ATOM   1163 C CA  . PHE B 1 82  ? -15.75141 3.03661   -10.69232 1.000 77.41099  ?  65  PHE B CA  1 
ATOM   1164 C C   . PHE B 1 82  ? -15.49023 1.94914   -11.72600 1.000 86.55372  ?  65  PHE B C   1 
ATOM   1165 O O   . PHE B 1 82  ? -15.84731 0.78598   -11.46806 1.000 103.63369 ?  65  PHE B O   1 
ATOM   1166 C CB  . PHE B 1 82  ? -16.86341 3.99653   -11.12911 1.000 70.22733  ?  65  PHE B CB  1 
ATOM   1167 N N   . PRO B 1 83  ? -14.88759 2.22976   -12.89625 1.000 78.70155  ?  66  PRO B N   1 
ATOM   1168 C CA  . PRO B 1 83  ? -14.55208 1.13137   -13.80753 1.000 80.68087  ?  66  PRO B CA  1 
ATOM   1169 C C   . PRO B 1 83  ? -13.14391 0.61841   -13.55876 1.000 73.63224  ?  66  PRO B C   1 
ATOM   1170 O O   . PRO B 1 83  ? -12.16622 1.23598   -13.99234 1.000 72.29318  ?  66  PRO B O   1 
ATOM   1171 C CB  . PRO B 1 83  ? -14.68897 1.77072   -15.19800 1.000 89.37041  ?  66  PRO B CB  1 
ATOM   1172 C CG  . PRO B 1 83  ? -14.87093 3.27596   -14.95191 1.000 91.92010  ?  66  PRO B CG  1 
ATOM   1173 C CD  . PRO B 1 83  ? -14.55361 3.52353   -13.51207 1.000 82.60179  ?  66  PRO B CD  1 
ATOM   1174 N N   . LYS B 1 84  ? -13.03024 -0.51088  -12.85523 1.000 82.10413  ?  67  LYS B N   1 
ATOM   1175 C CA  . LYS B 1 84  ? -11.71879 -1.04595  -12.50831 1.000 78.19822  ?  67  LYS B CA  1 
ATOM   1176 C C   . LYS B 1 84  ? -10.92053 -1.46554  -13.73511 1.000 74.49242  ?  67  LYS B C   1 
ATOM   1177 O O   . LYS B 1 84  ? -9.69703  -1.61386  -13.64244 1.000 70.93529  ?  67  LYS B O   1 
ATOM   1178 C CB  . LYS B 1 84  ? -11.87512 -2.22958  -11.55156 1.000 63.37136  ?  67  LYS B CB  1 
ATOM   1179 C CG  . LYS B 1 84  ? -12.73276 -1.92467  -10.33290 1.000 71.60492  ?  67  LYS B CG  1 
ATOM   1180 C CD  . LYS B 1 84  ? -11.99142 -2.21646  -9.03882  1.000 75.19419  ?  67  LYS B CD  1 
ATOM   1181 C CE  . LYS B 1 84  ? -12.82696 -1.82864  -7.82899  1.000 70.43730  ?  67  LYS B CE  1 
ATOM   1182 N NZ  . LYS B 1 84  ? -14.12232 -2.56235  -7.79019  1.000 71.60614  ?  67  LYS B NZ  1 
ATOM   1183 N N   . GLU B 1 85  ? -11.58081 -1.65959  -14.87935 1.000 79.92562  ?  68  GLU B N   1 
ATOM   1184 C CA  . GLU B 1 85  ? -10.85687 -2.01665  -16.09442 1.000 70.07178  ?  68  GLU B CA  1 
ATOM   1185 C C   . GLU B 1 85  ? -9.98995  -0.86128  -16.58055 1.000 69.38387  ?  68  GLU B C   1 
ATOM   1186 O O   . GLU B 1 85  ? -8.82921  -1.06467  -16.95468 1.000 81.28886  ?  68  GLU B O   1 
ATOM   1187 C CB  . GLU B 1 85  ? -11.83977 -2.46004  -17.18014 1.000 84.56012  ?  68  GLU B CB  1 
ATOM   1188 C CG  . GLU B 1 85  ? -13.18263 -1.74146  -17.15575 1.000 89.09978  ?  68  GLU B CG  1 
ATOM   1189 C CD  . GLU B 1 85  ? -13.17159 -0.43383  -17.92331 1.000 89.22244  ?  68  GLU B CD  1 
ATOM   1190 O OE1 . GLU B 1 85  ? -12.17780 -0.16379  -18.62885 1.000 94.53809  ?  68  GLU B OE1 1 
ATOM   1191 O OE2 . GLU B 1 85  ? -14.16039 0.32320   -17.82231 1.000 98.27628  -1 68  GLU B OE2 1 
ATOM   1192 N N   . THR B 1 86  ? -10.52769 0.35866   -16.57502 1.000 70.05723  ?  69  THR B N   1 
ATOM   1193 C CA  . THR B 1 86  ? -9.75098  1.52391   -16.97546 1.000 75.02814  ?  69  THR B CA  1 
ATOM   1194 C C   . THR B 1 86  ? -9.00491  2.16608   -15.81467 1.000 73.79574  ?  69  THR B C   1 
ATOM   1195 O O   . THR B 1 86  ? -8.00699  2.85753   -16.04634 1.000 70.25579  ?  69  THR B O   1 
ATOM   1196 C CB  . THR B 1 86  ? -10.65155 2.57219   -17.64046 1.000 81.97329  ?  69  THR B CB  1 
ATOM   1197 O OG1 . THR B 1 86  ? -9.84728  3.66037   -18.10989 1.000 88.96232  ?  69  THR B OG1 1 
ATOM   1198 C CG2 . THR B 1 86  ? -11.67659 3.10523   -16.65593 1.000 69.73001  ?  69  THR B CG2 1 
ATOM   1199 N N   . ALA B 1 87  ? -9.45804  1.95395   -14.57690 1.000 73.73746  ?  70  ALA B N   1 
ATOM   1200 C CA  . ALA B 1 87  ? -8.73495  2.49126   -13.43022 1.000 51.91400  ?  70  ALA B CA  1 
ATOM   1201 C C   . ALA B 1 87  ? -7.41017  1.76758   -13.23105 1.000 52.96580  ?  70  ALA B C   1 
ATOM   1202 O O   . ALA B 1 87  ? -6.38673  2.40133   -12.94892 1.000 53.36195  ?  70  ALA B O   1 
ATOM   1203 C CB  . ALA B 1 87  ? -9.59722  2.39767   -12.17224 1.000 52.27823  ?  70  ALA B CB  1 
ATOM   1204 N N   . MET B 1 88  ? -7.40794  0.44050   -13.38005 1.000 60.90878  ?  71  MET B N   1 
ATOM   1205 C CA  . MET B 1 88  ? -6.16499  -0.31332  -13.25368 1.000 60.46812  ?  71  MET B CA  1 
ATOM   1206 C C   . MET B 1 88  ? -5.24705  -0.06943  -14.44415 1.000 48.79254  ?  71  MET B C   1 
ATOM   1207 O O   . MET B 1 88  ? -4.02273  -0.00394  -14.28573 1.000 56.03350  ?  71  MET B O   1 
ATOM   1208 C CB  . MET B 1 88  ? -6.46366  -1.80500  -13.10470 1.000 57.81854  ?  71  MET B CB  1 
ATOM   1209 C CG  . MET B 1 88  ? -7.13150  -2.17904  -11.79172 1.000 67.40062  ?  71  MET B CG  1 
ATOM   1210 S SD  . MET B 1 88  ? -6.13969  -1.73310  -10.35370 1.000 93.73445  ?  71  MET B SD  1 
ATOM   1211 C CE  . MET B 1 88  ? -4.63853  -2.65629  -10.67471 1.000 61.46537  ?  71  MET B CE  1 
ATOM   1212 N N   . ARG B 1 89  ? -5.81734  0.06613   -15.64411 1.000 47.41055  ?  72  ARG B N   1 
ATOM   1213 C CA  . ARG B 1 89  ? -4.99435  0.31842   -16.82292 1.000 59.61536  ?  72  ARG B CA  1 
ATOM   1214 C C   . ARG B 1 89  ? -4.33137  1.68750   -16.75140 1.000 56.84865  ?  72  ARG B C   1 
ATOM   1215 O O   . ARG B 1 89  ? -3.18995  1.85341   -17.19656 1.000 52.82091  ?  72  ARG B O   1 
ATOM   1216 C CB  . ARG B 1 89  ? -5.83380  0.18537   -18.09293 1.000 54.17982  ?  72  ARG B CB  1 
ATOM   1217 C CG  . ARG B 1 89  ? -5.94884  -1.24493  -18.58963 1.000 71.13652  ?  72  ARG B CG  1 
ATOM   1218 C CD  . ARG B 1 89  ? -4.57420  -1.81047  -18.91572 1.000 72.63023  ?  72  ARG B CD  1 
ATOM   1219 N NE  . ARG B 1 89  ? -4.58833  -3.26245  -19.04649 1.000 79.59774  ?  72  ARG B NE  1 
ATOM   1220 C CZ  . ARG B 1 89  ? -4.33245  -4.10484  -18.05475 1.000 75.94953  ?  72  ARG B CZ  1 
ATOM   1221 N NH1 . ARG B 1 89  ? -4.04087  -3.67278  -16.83853 1.000 62.99031  ?  72  ARG B NH1 1 
ATOM   1222 N NH2 . ARG B 1 89  ? -4.36902  -5.41351  -18.28908 1.000 74.18422  ?  72  ARG B NH2 1 
ATOM   1223 N N   . VAL B 1 90  ? -5.02876  2.68050   -16.19719 1.000 55.68318  ?  73  VAL B N   1 
ATOM   1224 C CA  . VAL B 1 90  ? -4.39241  3.96778   -15.93916 1.000 54.55320  ?  73  VAL B CA  1 
ATOM   1225 C C   . VAL B 1 90  ? -3.30510  3.81436   -14.88339 1.000 50.31807  ?  73  VAL B C   1 
ATOM   1226 O O   . VAL B 1 90  ? -2.20775  4.37084   -15.01438 1.000 45.60820  ?  73  VAL B O   1 
ATOM   1227 C CB  . VAL B 1 90  ? -5.44609  5.01398   -15.52944 1.000 51.26153  ?  73  VAL B CB  1 
ATOM   1228 C CG1 . VAL B 1 90  ? -4.78252  6.22251   -14.88908 1.000 47.04671  ?  73  VAL B CG1 1 
ATOM   1229 C CG2 . VAL B 1 90  ? -6.26257  5.44088   -16.74004 1.000 42.81030  ?  73  VAL B CG2 1 
ATOM   1230 N N   . ALA B 1 91  ? -3.58336  3.04075   -13.83119 1.000 51.03630  ?  74  ALA B N   1 
ATOM   1231 C CA  . ALA B 1 91  ? -2.58028  2.80634   -12.79812 1.000 44.27776  ?  74  ALA B CA  1 
ATOM   1232 C C   . ALA B 1 91  ? -1.41911  1.97548   -13.33044 1.000 45.92975  ?  74  ALA B C   1 
ATOM   1233 O O   . ALA B 1 91  ? -0.25597  2.25313   -13.01571 1.000 49.91063  ?  74  ALA B O   1 
ATOM   1234 C CB  . ALA B 1 91  ? -3.22043  2.12394   -11.59000 1.000 45.42758  ?  74  ALA B CB  1 
ATOM   1235 N N   . ALA B 1 92  ? -1.71211  0.95155   -14.13720 1.000 58.00179  ?  75  ALA B N   1 
ATOM   1236 C CA  . ALA B 1 92  ? -0.64412  0.13245   -14.70085 1.000 49.96757  ?  75  ALA B CA  1 
ATOM   1237 C C   . ALA B 1 92  ? 0.17878   0.90729   -15.72106 1.000 49.07034  ?  75  ALA B C   1 
ATOM   1238 O O   . ALA B 1 92  ? 1.37374   0.63592   -15.88479 1.000 61.34083  ?  75  ALA B O   1 
ATOM   1239 C CB  . ALA B 1 92  ? -1.22288  -1.13209  -15.33547 1.000 35.10190  ?  75  ALA B CB  1 
ATOM   1240 N N   . ALA B 1 93  ? -0.43590  1.86838   -16.41381 1.000 39.71307  ?  76  ALA B N   1 
ATOM   1241 C CA  . ALA B 1 93  ? 0.31264   2.69060   -17.35863 1.000 47.01764  ?  76  ALA B CA  1 
ATOM   1242 C C   . ALA B 1 93  ? 1.26645   3.62716   -16.62894 1.000 43.82798  ?  76  ALA B C   1 
ATOM   1243 O O   . ALA B 1 93  ? 2.44589   3.73159   -16.98584 1.000 41.22751  ?  76  ALA B O   1 
ATOM   1244 C CB  . ALA B 1 93  ? -0.64791  3.48250   -18.24596 1.000 40.67911  ?  76  ALA B CB  1 
ATOM   1245 N N   . LEU B 1 94  ? 0.77043   4.31839   -15.59966 1.000 46.66264  ?  77  LEU B N   1 
ATOM   1246 C CA  . LEU B 1 94  ? 1.62685   5.20684   -14.82212 1.000 35.11733  ?  77  LEU B CA  1 
ATOM   1247 C C   . LEU B 1 94  ? 2.69353   4.43372   -14.05803 1.000 34.49375  ?  77  LEU B C   1 
ATOM   1248 O O   . LEU B 1 94  ? 3.80772   4.93668   -13.87563 1.000 45.02996  ?  77  LEU B O   1 
ATOM   1249 C CB  . LEU B 1 94  ? 0.77865   6.04226   -13.86293 1.000 37.89486  ?  77  LEU B CB  1 
ATOM   1250 C CG  . LEU B 1 94  ? -0.04407  7.15802   -14.51022 1.000 38.27624  ?  77  LEU B CG  1 
ATOM   1251 C CD1 . LEU B 1 94  ? -1.17564  7.59860   -13.59940 1.000 32.17555  ?  77  LEU B CD1 1 
ATOM   1252 C CD2 . LEU B 1 94  ? 0.85010   8.33805   -14.85793 1.000 38.93626  ?  77  LEU B CD2 1 
ATOM   1253 N N   . LYS B 1 95  ? 2.37769   3.21586   -13.61202 1.000 35.94161  ?  78  LYS B N   1 
ATOM   1254 C CA  . LYS B 1 95  ? 3.36334   2.40622   -12.90219 1.000 42.21250  ?  78  LYS B CA  1 
ATOM   1255 C C   . LYS B 1 95  ? 4.56190   2.09788   -13.79090 1.000 44.57600  ?  78  LYS B C   1 
ATOM   1256 O O   . LYS B 1 95  ? 5.71496   2.29349   -13.38967 1.000 41.55869  ?  78  LYS B O   1 
ATOM   1257 C CB  . LYS B 1 95  ? 2.71916   1.11279   -12.40219 1.000 39.73381  ?  78  LYS B CB  1 
ATOM   1258 C CG  . LYS B 1 95  ? 3.70941   0.12403   -11.80997 1.000 55.18858  ?  78  LYS B CG  1 
ATOM   1259 C CD  . LYS B 1 95  ? 3.04025   -1.19382  -11.45793 1.000 69.62441  ?  78  LYS B CD  1 
ATOM   1260 C CE  . LYS B 1 95  ? 4.05699   -2.20646  -10.95372 1.000 71.22661  ?  78  LYS B CE  1 
ATOM   1261 N NZ  . LYS B 1 95  ? 3.42698   -3.51153  -10.61143 1.000 89.58398  ?  78  LYS B NZ  1 
ATOM   1262 N N   . GLU B 1 96  ? 4.30629   1.61427   -15.00897 1.000 54.45322  ?  79  GLU B N   1 
ATOM   1263 C CA  . GLU B 1 96  ? 5.39892   1.30082   -15.92292 1.000 42.75861  ?  79  GLU B CA  1 
ATOM   1264 C C   . GLU B 1 96  ? 6.15749   2.55193   -16.34567 1.000 54.93207  ?  79  GLU B C   1 
ATOM   1265 O O   . GLU B 1 96  ? 7.37238   2.49154   -16.56377 1.000 49.63915  ?  79  GLU B O   1 
ATOM   1266 C CB  . GLU B 1 96  ? 4.86249   0.56534   -17.15144 1.000 57.21226  ?  79  GLU B CB  1 
ATOM   1267 C CG  . GLU B 1 96  ? 4.22093   -0.77983  -16.84373 1.000 74.40682  ?  79  GLU B CG  1 
ATOM   1268 C CD  . GLU B 1 96  ? 5.22610   -1.81769  -16.37990 1.000 88.29348  ?  79  GLU B CD  1 
ATOM   1269 O OE1 . GLU B 1 96  ? 6.42589   -1.67217  -16.69602 1.000 82.20761  ?  79  GLU B OE1 1 
ATOM   1270 O OE2 . GLU B 1 96  ? 4.81513   -2.78031  -15.69747 1.000 88.87923  -1 79  GLU B OE2 1 
ATOM   1271 N N   . ALA B 1 97  ? 5.46673   3.68898   -16.46242 1.000 51.68758  ?  80  ALA B N   1 
ATOM   1272 C CA  . ALA B 1 97  ? 6.13732   4.92140   -16.86400 1.000 33.35387  ?  80  ALA B CA  1 
ATOM   1273 C C   . ALA B 1 97  ? 7.13647   5.37767   -15.80838 1.000 33.80600  ?  80  ALA B C   1 
ATOM   1274 O O   . ALA B 1 97  ? 8.23931   5.82609   -16.14292 1.000 42.84128  ?  80  ALA B O   1 
ATOM   1275 C CB  . ALA B 1 97  ? 5.10663   6.01588   -17.13813 1.000 31.61008  ?  80  ALA B CB  1 
ATOM   1276 N N   . PHE B 1 98  ? 6.77200   5.26802   -14.52877 1.000 32.62018  ?  81  PHE B N   1 
ATOM   1277 C CA  . PHE B 1 98  ? 7.68377   5.66747   -13.46220 1.000 31.22848  ?  81  PHE B CA  1 
ATOM   1278 C C   . PHE B 1 98  ? 8.78097   4.63190   -13.23974 1.000 32.39137  ?  81  PHE B C   1 
ATOM   1279 O O   . PHE B 1 98  ? 9.92284   4.99412   -12.93424 1.000 34.98452  ?  81  PHE B O   1 
ATOM   1280 C CB  . PHE B 1 98  ? 6.91052   5.90928   -12.16454 1.000 28.07754  ?  81  PHE B CB  1 
ATOM   1281 C CG  . PHE B 1 98  ? 6.16052   7.21235   -12.13588 1.000 27.53348  ?  81  PHE B CG  1 
ATOM   1282 C CD1 . PHE B 1 98  ? 6.84052   8.41849   -12.11250 1.000 38.53947  ?  81  PHE B CD1 1 
ATOM   1283 C CD2 . PHE B 1 98  ? 4.77631   7.23158   -12.11470 1.000 27.92209  ?  81  PHE B CD2 1 
ATOM   1284 C CE1 . PHE B 1 98  ? 6.15358   9.61878   -12.08004 1.000 44.41327  ?  81  PHE B CE1 1 
ATOM   1285 C CE2 . PHE B 1 98  ? 4.08388   8.42739   -12.08305 1.000 23.57090  ?  81  PHE B CE2 1 
ATOM   1286 C CZ  . PHE B 1 98  ? 4.77299   9.62227   -12.06513 1.000 32.35651  ?  81  PHE B CZ  1 
ATOM   1287 N N   . GLU B 1 99  ? 8.45967   3.34260   -13.38543 1.000 38.43561  ?  82  GLU B N   1 
ATOM   1288 C CA  . GLU B 1 99  ? 9.47294   2.30954   -13.18701 1.000 52.00326  ?  82  GLU B CA  1 
ATOM   1289 C C   . GLU B 1 99  ? 10.52372  2.34415   -14.28944 1.000 44.96212  ?  82  GLU B C   1 
ATOM   1290 O O   . GLU B 1 99  ? 11.71034  2.11245   -14.03011 1.000 42.34024  ?  82  GLU B O   1 
ATOM   1291 C CB  . GLU B 1 99  ? 8.82095   0.92935   -13.10958 1.000 54.04406  ?  82  GLU B CB  1 
ATOM   1292 C CG  . GLU B 1 99  ? 8.03347   0.68484   -11.83246 1.000 60.09903  ?  82  GLU B CG  1 
ATOM   1293 C CD  . GLU B 1 99  ? 7.94293   -0.78684  -11.47807 1.000 88.21644  ?  82  GLU B CD  1 
ATOM   1294 O OE1 . GLU B 1 99  ? 8.87582   -1.54085  -11.82841 1.000 104.32307 ?  82  GLU B OE1 1 
ATOM   1295 O OE2 . GLU B 1 99  ? 6.94115   -1.19035  -10.85118 1.000 88.45221  -1 82  GLU B OE2 1 
ATOM   1296 N N   . ASP B 1 100 ? 10.11255  2.63749   -15.52346 1.000 38.15561  ?  83  ASP B N   1 
ATOM   1297 C CA  . ASP B 1 100 ? 11.06777  2.78442   -16.61540 1.000 48.50598  ?  83  ASP B CA  1 
ATOM   1298 C C   . ASP B 1 100 ? 11.96115  4.00652   -16.45686 1.000 47.91253  ?  83  ASP B C   1 
ATOM   1299 O O   . ASP B 1 100 ? 12.85597  4.20829   -17.28541 1.000 55.84398  ?  83  ASP B O   1 
ATOM   1300 C CB  . ASP B 1 100 ? 10.33084  2.85321   -17.95448 1.000 41.19420  ?  83  ASP B CB  1 
ATOM   1301 C CG  . ASP B 1 100 ? 9.61421   1.56006   -18.29224 1.000 59.12663  ?  83  ASP B CG  1 
ATOM   1302 O OD1 . ASP B 1 100 ? 10.08944  0.48611   -17.86668 1.000 66.04628  ?  83  ASP B OD1 1 
ATOM   1303 O OD2 . ASP B 1 100 ? 8.57321   1.61809   -18.98065 1.000 76.26745  -1 83  ASP B OD2 1 
ATOM   1304 N N   . ARG B 1 101 ? 11.74615  4.81879   -15.42054 1.000 39.90246  ?  84  ARG B N   1 
ATOM   1305 C CA  . ARG B 1 101 ? 12.54774  6.01028   -15.17236 1.000 32.91916  ?  84  ARG B CA  1 
ATOM   1306 C C   . ARG B 1 101 ? 13.25312  5.95896   -13.82161 1.000 29.23892  ?  84  ARG B C   1 
ATOM   1307 O O   . ARG B 1 101 ? 13.71311  6.99329   -13.32685 1.000 33.45161  ?  84  ARG B O   1 
ATOM   1308 C CB  . ARG B 1 101 ? 11.67682  7.26202   -15.27816 1.000 39.07179  ?  84  ARG B CB  1 
ATOM   1309 C CG  . ARG B 1 101 ? 11.31269  7.61890   -16.70671 1.000 47.39362  ?  84  ARG B CG  1 
ATOM   1310 C CD  . ARG B 1 101 ? 10.21887  8.66636   -16.76502 1.000 45.97996  ?  84  ARG B CD  1 
ATOM   1311 N NE  . ARG B 1 101 ? 10.02155  9.15716   -18.12315 1.000 56.30803  ?  84  ARG B NE  1 
ATOM   1312 C CZ  . ARG B 1 101 ? 9.34079   8.51427   -19.06198 1.000 61.80229  ?  84  ARG B CZ  1 
ATOM   1313 N NH1 . ARG B 1 101 ? 8.77189   7.34333   -18.82511 1.000 62.96797  ?  84  ARG B NH1 1 
ATOM   1314 N NH2 . ARG B 1 101 ? 9.23275   9.05785   -20.27054 1.000 70.18367  ?  84  ARG B NH2 1 
ATOM   1315 N N   . GLY B 1 102 ? 13.34283  4.77801   -13.21144 1.000 29.98835  ?  85  GLY B N   1 
ATOM   1316 C CA  . GLY B 1 102 ? 14.12004  4.59437   -12.00443 1.000 42.96251  ?  85  GLY B CA  1 
ATOM   1317 C C   . GLY B 1 102 ? 13.34725  4.65812   -10.70560 1.000 35.37043  ?  85  GLY B C   1 
ATOM   1318 O O   . GLY B 1 102 ? 13.96450  4.56810   -9.63695  1.000 36.90880  ?  85  GLY B O   1 
ATOM   1319 N N   . LEU B 1 103 ? 12.02723  4.81054   -10.75511 1.000 40.56916  ?  86  LEU B N   1 
ATOM   1320 C CA  . LEU B 1 103 ? 11.21861  4.86770   -9.54601  1.000 27.46826  ?  86  LEU B CA  1 
ATOM   1321 C C   . LEU B 1 103 ? 10.71941  3.47652   -9.18083  1.000 29.85763  ?  86  LEU B C   1 
ATOM   1322 O O   . LEU B 1 103 ? 10.30804  2.70132   -10.04878 1.000 30.51988  ?  86  LEU B O   1 
ATOM   1323 C CB  . LEU B 1 103 ? 10.03685  5.82261   -9.72276  1.000 25.93601  ?  86  LEU B CB  1 
ATOM   1324 C CG  . LEU B 1 103 ? 10.31269  7.31339   -9.50409  1.000 21.20023  ?  86  LEU B CG  1 
ATOM   1325 C CD1 . LEU B 1 103 ? 11.11596  7.91718   -10.65002 1.000 39.04937  ?  86  LEU B CD1 1 
ATOM   1326 C CD2 . LEU B 1 103 ? 9.00958   8.06555   -9.30489  1.000 36.66160  ?  86  LEU B CD2 1 
ATOM   1327 N N   . ARG B 1 104 ? 10.75789  3.16761   -7.88812  1.000 26.77307  ?  87  ARG B N   1 
ATOM   1328 C CA  . ARG B 1 104 ? 10.39836  1.85177   -7.37526  1.000 22.07234  ?  87  ARG B CA  1 
ATOM   1329 C C   . ARG B 1 104 ? 9.07028   1.94783   -6.63818  1.000 16.42187  ?  87  ARG B C   1 
ATOM   1330 O O   . ARG B 1 104 ? 8.93417   2.73681   -5.69662  1.000 20.81108  ?  87  ARG B O   1 
ATOM   1331 C CB  . ARG B 1 104 ? 11.48990  1.31314   -6.45095  1.000 32.57984  ?  87  ARG B CB  1 
ATOM   1332 C CG  . ARG B 1 104 ? 12.85629  1.22746   -7.10586  1.000 37.35509  ?  87  ARG B CG  1 
ATOM   1333 C CD  . ARG B 1 104 ? 13.94248  0.90749   -6.09490  1.000 44.27525  ?  87  ARG B CD  1 
ATOM   1334 N NE  . ARG B 1 104 ? 14.05032  1.92588   -5.05664  1.000 32.60150  ?  87  ARG B NE  1 
ATOM   1335 C CZ  . ARG B 1 104 ? 14.68946  3.07892   -5.20118  1.000 39.00844  ?  87  ARG B CZ  1 
ATOM   1336 N NH1 . ARG B 1 104 ? 15.25833  3.41529   -6.34742  1.000 41.49398  ?  87  ARG B NH1 1 
ATOM   1337 N NH2 . ARG B 1 104 ? 14.75959  3.91582   -4.16980  1.000 36.08710  ?  87  ARG B NH2 1 
ATOM   1338 N N   . LEU B 1 105 ? 8.09870   1.14759   -7.06806  1.000 23.30334  ?  88  LEU B N   1 
ATOM   1339 C CA  . LEU B 1 105 ? 6.80176   1.11633   -6.40708  1.000 17.94923  ?  88  LEU B CA  1 
ATOM   1340 C C   . LEU B 1 105 ? 6.93891   0.51924   -5.01205  1.000 23.58522  ?  88  LEU B C   1 
ATOM   1341 O O   . LEU B 1 105 ? 7.53809   -0.54608  -4.83706  1.000 33.53206  ?  88  LEU B O   1 
ATOM   1342 C CB  . LEU B 1 105 ? 5.80927   0.30719   -7.23810  1.000 13.53697  ?  88  LEU B CB  1 
ATOM   1343 C CG  . LEU B 1 105 ? 4.40203   0.13674   -6.66981  1.000 24.65046  ?  88  LEU B CG  1 
ATOM   1344 C CD1 . LEU B 1 105 ? 3.72545   1.48622   -6.48719  1.000 20.88320  ?  88  LEU B CD1 1 
ATOM   1345 C CD2 . LEU B 1 105 ? 3.58135   -0.75916  -7.57901  1.000 29.49412  ?  88  LEU B CD2 1 
ATOM   1346 N N   . THR B 1 106 ? 6.38658   1.21090   -4.01386  1.000 27.69360  ?  89  THR B N   1 
ATOM   1347 C CA  . THR B 1 106 ? 6.48393   0.77227   -2.63031  1.000 27.94525  ?  89  THR B CA  1 
ATOM   1348 C C   . THR B 1 106 ? 5.14272   0.61412   -1.93021  1.000 19.77019  ?  89  THR B C   1 
ATOM   1349 O O   . THR B 1 106 ? 5.11244   0.07292   -0.81878  1.000 19.64603  ?  89  THR B O   1 
ATOM   1350 C CB  . THR B 1 106 ? 7.34661   1.74817   -1.81249  1.000 19.29602  ?  89  THR B CB  1 
ATOM   1351 O OG1 . THR B 1 106 ? 6.70060   3.02571   -1.74802  1.000 22.85769  ?  89  THR B OG1 1 
ATOM   1352 C CG2 . THR B 1 106 ? 8.72253   1.90865   -2.44181  1.000 19.60995  ?  89  THR B CG2 1 
ATOM   1353 N N   . SER B 1 107 ? 4.04189   1.06375   -2.53050  1.000 15.39488  ?  90  SER B N   1 
ATOM   1354 C CA  . SER B 1 107 ? 2.75074   0.99626   -1.85857  1.000 16.73324  ?  90  SER B CA  1 
ATOM   1355 C C   . SER B 1 107 ? 1.63443   1.03945   -2.88944  1.000 19.19390  ?  90  SER B C   1 
ATOM   1356 O O   . SER B 1 107 ? 1.67778   1.84750   -3.82193  1.000 22.00819  ?  90  SER B O   1 
ATOM   1357 C CB  . SER B 1 107 ? 2.59410   2.14536   -0.85467  1.000 18.35217  ?  90  SER B CB  1 
ATOM   1358 O OG  . SER B 1 107 ? 1.34434   2.07796   -0.18841  1.000 39.12475  ?  90  SER B OG  1 
ATOM   1359 N N   . ILE B 1 108 ? 0.64485   0.16539   -2.71719  1.000 22.95301  ?  91  ILE B N   1 
ATOM   1360 C CA  . ILE B 1 108 ? -0.57728  0.15984   -3.51114  1.000 19.29491  ?  91  ILE B CA  1 
ATOM   1361 C C   . ILE B 1 108 ? -1.74995  0.12873   -2.54531  1.000 14.08170  ?  91  ILE B C   1 
ATOM   1362 O O   . ILE B 1 108 ? -1.78231  -0.70495  -1.63334  1.000 24.16065  ?  91  ILE B O   1 
ATOM   1363 C CB  . ILE B 1 108 ? -0.64715  -1.04574  -4.46684  1.000 25.90830  ?  91  ILE B CB  1 
ATOM   1364 C CG1 . ILE B 1 108 ? 0.63162   -1.16346  -5.29552  1.000 29.61340  ?  91  ILE B CG1 1 
ATOM   1365 C CG2 . ILE B 1 108 ? -1.86110  -0.93073  -5.37431  1.000 26.72050  ?  91  ILE B CG2 1 
ATOM   1366 C CD1 . ILE B 1 108 ? 0.68064   -2.41735  -6.14529  1.000 39.03803  ?  91  ILE B CD1 1 
ATOM   1367 N N   . GLU B 1 109 ? -2.70658  1.03236   -2.73842  1.000 20.74202  ?  92  GLU B N   1 
ATOM   1368 C CA  . GLU B 1 109 ? -3.86023  1.11107   -1.85409  1.000 22.89597  ?  92  GLU B CA  1 
ATOM   1369 C C   . GLU B 1 109 ? -5.09973  1.46435   -2.65925  1.000 20.42701  ?  92  GLU B C   1 
ATOM   1370 O O   . GLU B 1 109 ? -5.06342  2.36926   -3.49849  1.000 24.25582  ?  92  GLU B O   1 
ATOM   1371 C CB  . GLU B 1 109 ? -3.63500  2.14020   -0.74101  1.000 15.17261  ?  92  GLU B CB  1 
ATOM   1372 C CG  . GLU B 1 109 ? -4.73897  2.17171   0.29935   1.000 39.72733  ?  92  GLU B CG  1 
ATOM   1373 C CD  . GLU B 1 109 ? -4.24315  2.61638   1.66212   1.000 67.08895  ?  92  GLU B CD  1 
ATOM   1374 O OE1 . GLU B 1 109 ? -3.14168  3.20139   1.73461   1.000 78.62185  ?  92  GLU B OE1 1 
ATOM   1375 O OE2 . GLU B 1 109 ? -4.95103  2.37216   2.66248   1.000 74.53329  -1 92  GLU B OE2 1 
ATOM   1376 N N   . THR B 1 110 ? -6.18988  0.74555   -2.40077  1.000 31.47400  ?  93  THR B N   1 
ATOM   1377 C CA  . THR B 1 110 ? -7.47618  0.96091   -3.06018  1.000 34.09636  ?  93  THR B CA  1 
ATOM   1378 C C   . THR B 1 110 ? -8.52025  1.19128   -1.97113  1.000 38.22470  ?  93  THR B C   1 
ATOM   1379 O O   . THR B 1 110 ? -9.18494  0.25482   -1.52231  1.000 48.73886  ?  93  THR B O   1 
ATOM   1380 C CB  . THR B 1 110 ? -7.85288  -0.22144  -3.95110  1.000 30.01117  ?  93  THR B CB  1 
ATOM   1381 O OG1 . THR B 1 110 ? -7.93222  -1.41175  -3.15752  1.000 54.78186  ?  93  THR B OG1 1 
ATOM   1382 C CG2 . THR B 1 110 ? -6.82114  -0.41583  -5.05074  1.000 33.22139  ?  93  THR B CG2 1 
ATOM   1383 N N   . SER B 1 111 ? -8.66154  2.44374   -1.54622  1.000 46.14746  ?  94  SER B N   1 
ATOM   1384 C CA  . SER B 1 111 ? -9.63247  2.79984   -0.52379  1.000 51.45870  ?  94  SER B CA  1 
ATOM   1385 C C   . SER B 1 111 ? -10.20555 4.17189   -0.84186  1.000 60.23534  ?  94  SER B C   1 
ATOM   1386 O O   . SER B 1 111 ? -9.54401  5.00904   -1.46593  1.000 60.85009  ?  94  SER B O   1 
ATOM   1387 C CB  . SER B 1 111 ? -9.00948  2.80506   0.87483   1.000 71.49641  ?  94  SER B CB  1 
ATOM   1388 O OG  . SER B 1 111 ? -7.91567  3.70326   0.93601   1.000 69.69834  ?  94  SER B OG  1 
ATOM   1389 N N   . GLY B 1 112 ? -11.43864 4.39722   -0.39894  1.000 69.50486  ?  95  GLY B N   1 
ATOM   1390 C CA  . GLY B 1 112 ? -12.08110 5.67699   -0.65739  1.000 76.17849  ?  95  GLY B CA  1 
ATOM   1391 C C   . GLY B 1 112 ? -12.39397 5.89367   -2.11981  1.000 69.71584  ?  95  GLY B C   1 
ATOM   1392 O O   . GLY B 1 112 ? -12.31170 7.02690   -2.61177  1.000 66.59954  ?  95  GLY B O   1 
ATOM   1393 N N   . ASN B 1 113 ? -12.73470 4.81852   -2.83210  1.000 60.25910  ?  96  ASN B N   1 
ATOM   1394 C CA  . ASN B 1 113 ? -13.06026 4.84518   -4.25563  1.000 57.50632  ?  96  ASN B CA  1 
ATOM   1395 C C   . ASN B 1 113 ? -11.88718 5.32586   -5.10788  1.000 56.61673  ?  96  ASN B C   1 
ATOM   1396 O O   . ASN B 1 113 ? -12.07326 5.71309   -6.26614  1.000 45.41061  ?  96  ASN B O   1 
ATOM   1397 C CB  . ASN B 1 113 ? -14.30009 5.70903   -4.52341  1.000 61.15580  ?  96  ASN B CB  1 
ATOM   1398 C CG  . ASN B 1 113 ? -14.95572 5.39489   -5.85031  1.000 57.21870  ?  96  ASN B CG  1 
ATOM   1399 O OD1 . ASN B 1 113 ? -14.94551 4.24850   -6.30316  1.000 54.71702  ?  96  ASN B OD1 1 
ATOM   1400 N ND2 . ASN B 1 113 ? -15.52136 6.41200   -6.48695  1.000 53.26316  ?  96  ASN B ND2 1 
ATOM   1401 N N   . SER B 1 114 ? -10.66939 5.28956   -4.56818  1.000 55.98009  ?  97  SER B N   1 
ATOM   1402 C CA  . SER B 1 114 ? -9.48423  5.74871   -5.27718  1.000 52.15219  ?  97  SER B CA  1 
ATOM   1403 C C   . SER B 1 114 ? -8.41268  4.66758   -5.25568  1.000 41.64636  ?  97  SER B C   1 
ATOM   1404 O O   . SER B 1 114 ? -8.45653  3.73098   -4.45372  1.000 38.17396  ?  97  SER B O   1 
ATOM   1405 C CB  . SER B 1 114 ? -8.92603  7.04229   -4.66637  1.000 49.99567  ?  97  SER B CB  1 
ATOM   1406 O OG  . SER B 1 114 ? -9.88314  8.08614   -4.70953  1.000 64.96110  ?  97  SER B OG  1 
ATOM   1407 N N   . ILE B 1 115 ? -7.44190  4.81712   -6.15309  1.000 36.41034  ?  98  ILE B N   1 
ATOM   1408 C CA  . ILE B 1 115 ? -6.29156  3.92591   -6.24841  1.000 24.74223  ?  98  ILE B CA  1 
ATOM   1409 C C   . ILE B 1 115 ? -5.03724  4.76746   -6.07094  1.000 22.91948  ?  98  ILE B C   1 
ATOM   1410 O O   . ILE B 1 115 ? -4.77246  5.67285   -6.87201  1.000 36.93872  ?  98  ILE B O   1 
ATOM   1411 C CB  . ILE B 1 115 ? -6.25843  3.17112   -7.58581  1.000 25.94189  ?  98  ILE B CB  1 
ATOM   1412 C CG1 . ILE B 1 115 ? -7.45649  2.22662   -7.69480  1.000 42.00977  ?  98  ILE B CG1 1 
ATOM   1413 C CG2 . ILE B 1 115 ? -4.94941  2.40745   -7.73469  1.000 23.03190  ?  98  ILE B CG2 1 
ATOM   1414 C CD1 . ILE B 1 115 ? -7.49821  1.44334   -8.98722  1.000 58.28696  ?  98  ILE B CD1 1 
ATOM   1415 N N   . HIS B 1 116 ? -4.26569  4.46704   -5.03135  1.000 18.25934  ?  99  HIS B N   1 
ATOM   1416 C CA  . HIS B 1 116 ? -3.08077  5.23590   -4.67845  1.000 17.63487  ?  99  HIS B CA  1 
ATOM   1417 C C   . HIS B 1 116 ? -1.83315  4.39764   -4.91870  1.000 15.26858  ?  99  HIS B C   1 
ATOM   1418 O O   . HIS B 1 116 ? -1.78413  3.22589   -4.53141  1.000 22.57006  ?  99  HIS B O   1 
ATOM   1419 C CB  . HIS B 1 116 ? -3.14632  5.68813   -3.21794  1.000 23.42026  ?  99  HIS B CB  1 
ATOM   1420 C CG  . HIS B 1 116 ? -4.44877  6.32525   -2.84271  1.000 33.28422  ?  99  HIS B CG  1 
ATOM   1421 N ND1 . HIS B 1 116 ? -4.71027  7.66262   -3.04949  1.000 42.83979  ?  99  HIS B ND1 1 
ATOM   1422 C CD2 . HIS B 1 116 ? -5.56496  5.80725   -2.27685  1.000 40.42454  ?  99  HIS B CD2 1 
ATOM   1423 C CE1 . HIS B 1 116 ? -5.93038  7.94136   -2.62618  1.000 44.67410  ?  99  HIS B CE1 1 
ATOM   1424 N NE2 . HIS B 1 116 ? -6.47072  6.83282   -2.15313  1.000 46.58600  ?  99  HIS B NE2 1 
ATOM   1425 N N   . LEU B 1 117 ? -0.83196  4.99822   -5.55914  1.000 17.20961  ?  100 LEU B N   1 
ATOM   1426 C CA  . LEU B 1 117 ? 0.45261   4.35346   -5.79677  1.000 16.56447  ?  100 LEU B CA  1 
ATOM   1427 C C   . LEU B 1 117 ? 1.55527   5.25594   -5.26833  1.000 15.59468  ?  100 LEU B C   1 
ATOM   1428 O O   . LEU B 1 117 ? 1.61686   6.43489   -5.62766  1.000 21.08610  ?  100 LEU B O   1 
ATOM   1429 C CB  . LEU B 1 117 ? 0.67453   4.07270   -7.28713  1.000 13.65211  ?  100 LEU B CB  1 
ATOM   1430 C CG  . LEU B 1 117 ? -0.45177  3.38642   -8.06013  1.000 15.13615  ?  100 LEU B CG  1 
ATOM   1431 C CD1 . LEU B 1 117 ? -0.06168  3.21362   -9.52018  1.000 17.73459  ?  100 LEU B CD1 1 
ATOM   1432 C CD2 . LEU B 1 117 ? -0.80487  2.04737   -7.43577  1.000 31.16546  ?  100 LEU B CD2 1 
ATOM   1433 N N   . LYS B 1 118 ? 2.42140   4.70658   -4.42247  1.000 13.88526  ?  101 LYS B N   1 
ATOM   1434 C CA  . LYS B 1 118 ? 3.54164   5.44404   -3.85433  1.000 12.17214  ?  101 LYS B CA  1 
ATOM   1435 C C   . LYS B 1 118 ? 4.84995   4.86717   -4.37710  1.000 20.36718  ?  101 LYS B C   1 
ATOM   1436 O O   . LYS B 1 118 ? 5.06017   3.65037   -4.33261  1.000 15.96642  ?  101 LYS B O   1 
ATOM   1437 C CB  . LYS B 1 118 ? 3.50125   5.40813   -2.32439  1.000 15.54938  ?  101 LYS B CB  1 
ATOM   1438 C CG  . LYS B 1 118 ? 2.52045   6.41017   -1.73097  1.000 34.38659  ?  101 LYS B CG  1 
ATOM   1439 C CD  . LYS B 1 118 ? 1.57010   5.77267   -0.72780  1.000 57.07158  ?  101 LYS B CD  1 
ATOM   1440 C CE  . LYS B 1 118 ? 2.19434   5.67217   0.65406   1.000 57.91200  ?  101 LYS B CE  1 
ATOM   1441 N NZ  . LYS B 1 118 ? 1.19716   5.24322   1.67450   1.000 62.85290  ?  101 LYS B NZ  1 
ATOM   1442 N N   . PHE B 1 119 ? 5.71929   5.74358   -4.87515  1.000 22.36692  ?  102 PHE B N   1 
ATOM   1443 C CA  . PHE B 1 119 ? 6.98016   5.35770   -5.48662  1.000 9.78213   ?  102 PHE B CA  1 
ATOM   1444 C C   . PHE B 1 119 ? 8.14549   5.96001   -4.71348  1.000 12.04602  ?  102 PHE B C   1 
ATOM   1445 O O   . PHE B 1 119 ? 7.99212   6.93017   -3.96619  1.000 17.98007  ?  102 PHE B O   1 
ATOM   1446 C CB  . PHE B 1 119 ? 7.05076   5.80601   -6.95319  1.000 16.30467  ?  102 PHE B CB  1 
ATOM   1447 C CG  . PHE B 1 119 ? 5.98404   5.20910   -7.82411  1.000 13.39445  ?  102 PHE B CG  1 
ATOM   1448 C CD1 . PHE B 1 119 ? 4.73806   5.80555   -7.92414  1.000 9.46740   ?  102 PHE B CD1 1 
ATOM   1449 C CD2 . PHE B 1 119 ? 6.22986   4.05532   -8.54982  1.000 12.54476  ?  102 PHE B CD2 1 
ATOM   1450 C CE1 . PHE B 1 119 ? 3.75494   5.25923   -8.72649  1.000 10.92326  ?  102 PHE B CE1 1 
ATOM   1451 C CE2 . PHE B 1 119 ? 5.25102   3.50436   -9.35385  1.000 17.61332  ?  102 PHE B CE2 1 
ATOM   1452 C CZ  . PHE B 1 119 ? 4.01170   4.10729   -9.44231  1.000 14.06208  ?  102 PHE B CZ  1 
ATOM   1453 N N   . ARG B 1 120 ? 9.32179   5.37181   -4.91178  1.000 13.71087  ?  103 ARG B N   1 
ATOM   1454 C CA  . ARG B 1 120 ? 10.55518  5.82226   -4.28247  1.000 17.83792  ?  103 ARG B CA  1 
ATOM   1455 C C   . ARG B 1 120 ? 11.52518  6.26806   -5.36723  1.000 18.64203  ?  103 ARG B C   1 
ATOM   1456 O O   . ARG B 1 120 ? 11.81597  5.50633   -6.29540  1.000 25.66451  ?  103 ARG B O   1 
ATOM   1457 C CB  . ARG B 1 120 ? 11.17238  4.70777   -3.43373  1.000 26.67666  ?  103 ARG B CB  1 
ATOM   1458 C CG  . ARG B 1 120 ? 12.24940  5.16460   -2.46564  1.000 38.88812  ?  103 ARG B CG  1 
ATOM   1459 C CD  . ARG B 1 120 ? 11.66302  5.94937   -1.30400  1.000 42.88506  ?  103 ARG B CD  1 
ATOM   1460 N NE  . ARG B 1 120 ? 12.50532  5.85783   -0.11722  1.000 53.67923  ?  103 ARG B NE  1 
ATOM   1461 C CZ  . ARG B 1 120 ? 13.56347  6.62287   0.11350   1.000 64.18740  ?  103 ARG B CZ  1 
ATOM   1462 N NH1 . ARG B 1 120 ? 13.93848  7.56046   -0.74144  1.000 61.31967  ?  103 ARG B NH1 1 
ATOM   1463 N NH2 . ARG B 1 120 ? 14.26589  6.43963   1.22811   1.000 66.48110  ?  103 ARG B NH2 1 
ATOM   1464 N N   . TYR B 1 121 ? 12.01849  7.49661   -5.25053  1.000 22.44944  ?  104 TYR B N   1 
ATOM   1465 C CA  . TYR B 1 121 ? 12.91031  8.07120   -6.25500  1.000 29.11616  ?  104 TYR B CA  1 
ATOM   1466 C C   . TYR B 1 121 ? 14.35272  7.61971   -6.04555  1.000 34.18934  ?  104 TYR B C   1 
ATOM   1467 O O   . TYR B 1 121 ? 14.97010  7.04576   -6.94338  1.000 32.36869  ?  104 TYR B O   1 
ATOM   1468 C CB  . TYR B 1 121 ? 12.81939  9.59930   -6.22423  1.000 30.11038  ?  104 TYR B CB  1 
ATOM   1469 C CG  . TYR B 1 121 ? 13.78805  10.32037  -7.13842  1.000 34.25382  ?  104 TYR B CG  1 
ATOM   1470 C CD1 . TYR B 1 121 ? 13.49545  10.51576  -8.48172  1.000 35.71447  ?  104 TYR B CD1 1 
ATOM   1471 C CD2 . TYR B 1 121 ? 14.98624  10.82556  -6.65069  1.000 46.39938  ?  104 TYR B CD2 1 
ATOM   1472 C CE1 . TYR B 1 121 ? 14.37625  11.18415  -9.31490  1.000 40.08994  ?  104 TYR B CE1 1 
ATOM   1473 C CE2 . TYR B 1 121 ? 15.87063  11.49698  -7.47408  1.000 33.75918  ?  104 TYR B CE2 1 
ATOM   1474 C CZ  . TYR B 1 121 ? 15.56130  11.67324  -8.80474  1.000 40.33927  ?  104 TYR B CZ  1 
ATOM   1475 O OH  . TYR B 1 121 ? 16.44140  12.33742  -9.62858  1.000 58.15020  ?  104 TYR B OH  1 
HETATM 1476 O O   . HOH C 2 .   ? -0.61449  -1.22433  3.69727   1.000 26.83690  ?  201 HOH A O   1 
HETATM 1477 O O   . HOH C 2 .   ? 5.07783   -13.73915 14.44220  1.000 19.64437  ?  202 HOH A O   1 
HETATM 1478 O O   . HOH C 2 .   ? 4.92205   -1.33112  7.78417   1.000 35.43233  ?  203 HOH A O   1 
HETATM 1479 O O   . HOH C 2 .   ? 10.84716  -1.97033  3.75956   1.000 39.32353  ?  204 HOH A O   1 
HETATM 1480 O O   . HOH C 2 .   ? -2.28650  -19.40902 2.83853   1.000 31.56204  ?  205 HOH A O   1 
HETATM 1481 O O   . HOH C 2 .   ? 4.83447   -2.86148  17.89778  1.000 40.30794  ?  206 HOH A O   1 
HETATM 1482 O O   . HOH C 2 .   ? 5.45242   -10.89454 21.40919  1.000 30.18210  ?  207 HOH A O   1 
HETATM 1483 O O   . HOH C 2 .   ? 3.79145   -18.80112 8.47603   1.000 27.64156  ?  208 HOH A O   1 
HETATM 1484 O O   . HOH C 2 .   ? 5.09579   -21.58283 9.31791   1.000 29.14489  ?  209 HOH A O   1 
HETATM 1485 O O   . HOH C 2 .   ? 12.87868  -3.71766  4.78048   1.000 36.61191  ?  210 HOH A O   1 
HETATM 1486 O O   . HOH C 2 .   ? 6.75010   -18.72803 9.77131   1.000 41.84190  ?  211 HOH A O   1 
HETATM 1487 O O   . HOH C 2 .   ? 0.13962   -9.38962  -3.66935  1.000 39.11593  ?  212 HOH A O   1 
HETATM 1488 O O   . HOH C 2 .   ? 8.96929   -20.19384 10.79222  1.000 40.04627  ?  213 HOH A O   1 
HETATM 1489 O O   . HOH D 2 .   ? 12.91560  1.24072   -2.90226  1.000 48.07408  ?  201 HOH B O   1 
HETATM 1490 O O   . HOH D 2 .   ? -1.78061  11.86229  -4.70790  1.000 26.77875  ?  202 HOH B O   1 
HETATM 1491 O O   . HOH D 2 .   ? 3.11981   17.18462  4.24556   1.000 33.26175  ?  203 HOH B O   1 
HETATM 1492 O O   . HOH D 2 .   ? -1.38925  21.32653  -13.66593 1.000 44.54065  ?  204 HOH B O   1 
HETATM 1493 O O   . HOH D 2 .   ? -3.32040  10.67653  -0.28617  1.000 52.90402  ?  205 HOH B O   1 
HETATM 1494 O O   . HOH D 2 .   ? -5.06470  22.33937  -11.15553 1.000 28.80956  ?  206 HOH B O   1 
# 
